data_5GZV
#
_entry.id   5GZV
#
_cell.length_a   112.989
_cell.length_b   127.229
_cell.length_c   161.406
_cell.angle_alpha   90.00
_cell.angle_beta   90.00
_cell.angle_gamma   90.00
#
_symmetry.space_group_name_H-M   'P 21 21 21'
#
loop_
_entity.id
_entity.type
_entity.pdbx_description
1 polymer Chitinase
2 branched 2-acetamido-2-deoxy-beta-D-glucopyranose-(1-4)-2-acetamido-2-deoxy-beta-D-glucopyranose
3 non-polymer 'PHOSPHATE ION'
4 water water
#
_entity_poly.entity_id   1
_entity_poly.type   'polypeptide(L)'
_entity_poly.pdbx_seq_one_letter_code
;MNHKVHHHHHHIEGRHMELGTLEVQGKIVSYIPAWVDWAKDERGVDATKFTHLYYAFGRINNGKVVTIKEDAKWTEDPTI
TEADRIKRRNNPDESNLAYLTGLKAKNPNLKVLVSIGGWEAEGFSDAALTPESREVFANSALDFMNKYNLDGIDLDWEYP
VYGAWGVIKSRPEDKANFTALLKLLREKLDAQSTTTNKYYELAIAAGASKTYTDSVELTKITPYLDYINLMTYDLHGGWD
PATSHHTAVYSATNNQLSVDSTVKLYLNNGVPAEKLMVGGAFYSRVWQNVENKGTGLSEKAGSQAGSPGTIVYSELVNNY
INKNGYTRYWDDTAKAPYLFNGSTFISYEDTASAAYKAEYIKQNNLAGFMYWEYSQDSDSHELANTIYSRLYAKSGTPLS
VGTSVYAGTVTMATYTQLPAGTFILPLTQGTLKPVISASDVTVSGIPAGITYTVANAADHRNAVAVYVNGGTVASNVYDP
IDVRVVVKASAVLEANMTDSAPASVTIMPKFGPILLGYVPGWVDWTNSAYKVDATKLTHINYAFARIKDNKVVKISEDIN
WVNEFPSEEIREQRRNNPDDANFAYLKTLKQQNPSLKVLVSIGGWAAEGFSDAALTPETREELANSAIAFMHQYGFDGID
LDWEYPVYGAFGVIKSRPEDKQNFTALLKLFREKLDVEGALHGKYYELAIASAAAPIYINSVELDKIHQYLDYMSVMTYD
YHGSWESKTAHQASVYTSALSPGDFSADSVLTAYRKQGVPASKLVIGGAFYARGWVNVPNINHGLFQQAGDQAKNPGTPT
YNDLVKDYFDKGYTRYWDNSAKAPYLYNPDANGGTFITYDDEESLKYKAEYAKNQGLRGVMFWDYSQDISGKLLGAIFNE
LKAPK
;
_entity_poly.pdbx_strand_id   A,B
#
# COMPACT_ATOMS: atom_id res chain seq x y z
N VAL A 24 5.68 14.85 -10.60
CA VAL A 24 5.44 16.33 -10.51
C VAL A 24 6.78 17.09 -10.84
N GLN A 25 6.78 17.99 -11.83
CA GLN A 25 8.03 18.61 -12.46
C GLN A 25 8.57 20.04 -12.02
N GLY A 26 7.89 21.13 -12.44
CA GLY A 26 8.15 22.50 -11.92
C GLY A 26 7.54 22.65 -10.53
N LYS A 27 7.94 23.66 -9.77
CA LYS A 27 7.51 23.79 -8.37
C LYS A 27 6.29 24.73 -8.14
N ILE A 28 5.54 24.45 -7.05
CA ILE A 28 4.42 25.32 -6.61
C ILE A 28 4.56 25.64 -5.16
N VAL A 29 4.76 26.93 -4.87
CA VAL A 29 4.93 27.38 -3.48
C VAL A 29 3.67 28.13 -3.14
N SER A 30 3.11 27.76 -1.98
CA SER A 30 1.86 28.24 -1.47
C SER A 30 2.18 28.76 -0.09
N TYR A 31 2.26 30.08 0.07
CA TYR A 31 2.33 30.64 1.41
C TYR A 31 1.00 30.37 2.09
N ILE A 32 1.11 30.09 3.39
CA ILE A 32 -0.04 29.81 4.26
C ILE A 32 0.11 30.66 5.51
N PRO A 33 -0.95 31.37 5.89
CA PRO A 33 -0.87 32.26 7.01
C PRO A 33 -0.85 31.54 8.34
N ALA A 34 -0.03 32.08 9.25
CA ALA A 34 0.06 31.68 10.63
C ALA A 34 -1.20 31.93 11.45
N TRP A 35 -2.04 32.87 11.02
CA TRP A 35 -3.12 33.41 11.86
C TRP A 35 -4.50 32.84 11.55
N VAL A 36 -4.52 31.62 11.06
CA VAL A 36 -5.72 30.84 10.97
C VAL A 36 -5.42 29.61 11.82
N ASP A 37 -6.48 29.00 12.35
CA ASP A 37 -6.37 27.68 12.98
C ASP A 37 -6.69 26.64 11.93
N TRP A 38 -5.63 25.95 11.56
CA TRP A 38 -5.69 25.04 10.46
C TRP A 38 -6.18 23.68 10.94
N ALA A 39 -5.79 23.29 12.15
CA ALA A 39 -6.34 22.09 12.77
C ALA A 39 -7.87 22.18 12.80
N LYS A 40 -8.38 23.33 13.27
CA LYS A 40 -9.82 23.59 13.54
C LYS A 40 -10.53 24.37 12.40
N ASP A 41 -9.95 24.36 11.20
CA ASP A 41 -10.57 24.93 10.02
C ASP A 41 -11.46 23.82 9.51
N GLU A 42 -12.56 24.17 8.83
CA GLU A 42 -13.47 23.18 8.26
C GLU A 42 -12.97 22.58 6.94
N ARG A 43 -12.27 23.35 6.09
CA ARG A 43 -11.81 22.86 4.73
C ARG A 43 -10.41 22.20 4.67
N GLY A 44 -9.62 22.33 5.74
CA GLY A 44 -8.28 21.75 5.79
C GLY A 44 -7.43 22.19 4.61
N VAL A 45 -6.53 21.31 4.18
CA VAL A 45 -5.56 21.66 3.17
C VAL A 45 -5.43 20.47 2.23
N ASP A 46 -5.67 20.69 0.95
CA ASP A 46 -5.38 19.69 -0.06
C ASP A 46 -3.93 19.92 -0.46
N ALA A 47 -3.01 19.25 0.23
CA ALA A 47 -1.58 19.48 0.03
C ALA A 47 -0.99 18.68 -1.13
N THR A 48 -1.85 18.07 -1.97
CA THR A 48 -1.43 17.38 -3.18
C THR A 48 -1.44 18.27 -4.40
N LYS A 49 -1.71 19.56 -4.23
CA LYS A 49 -1.83 20.46 -5.37
C LYS A 49 -0.75 21.52 -5.36
N PHE A 50 0.19 21.40 -4.42
CA PHE A 50 1.38 22.19 -4.42
C PHE A 50 2.54 21.34 -3.97
N THR A 51 3.76 21.80 -4.23
CA THR A 51 5.01 21.10 -3.90
C THR A 51 5.55 21.62 -2.58
N HIS A 52 5.46 22.92 -2.37
CA HIS A 52 6.00 23.50 -1.15
C HIS A 52 4.91 24.31 -0.48
N LEU A 53 5.18 24.61 0.78
CA LEU A 53 4.27 25.28 1.62
C LEU A 53 5.06 26.13 2.60
N TYR A 54 5.09 27.43 2.36
CA TYR A 54 5.80 28.36 3.23
C TYR A 54 4.80 28.87 4.32
N TYR A 55 5.21 28.82 5.58
CA TYR A 55 4.41 29.21 6.69
C TYR A 55 4.73 30.65 7.04
N ALA A 56 3.69 31.49 6.97
CA ALA A 56 3.81 32.96 7.06
C ALA A 56 3.23 33.51 8.42
N PHE A 57 4.04 33.77 9.44
CA PHE A 57 5.46 33.90 9.41
C PHE A 57 6.02 33.64 10.81
N GLY A 58 7.34 33.57 10.93
CA GLY A 58 8.00 33.77 12.17
C GLY A 58 8.50 35.20 12.09
N ARG A 59 8.87 35.75 13.24
CA ARG A 59 9.33 37.14 13.31
C ARG A 59 10.58 37.25 14.18
N ILE A 60 11.15 38.43 14.20
CA ILE A 60 12.38 38.70 14.92
C ILE A 60 12.06 39.42 16.22
N ASN A 61 12.66 38.96 17.32
CA ASN A 61 12.45 39.55 18.64
C ASN A 61 13.69 39.41 19.54
N ASN A 62 14.30 40.57 19.84
CA ASN A 62 15.58 40.62 20.53
C ASN A 62 16.63 39.83 19.74
N GLY A 63 16.68 40.14 18.44
CA GLY A 63 17.68 39.61 17.50
C GLY A 63 17.53 38.17 17.06
N LYS A 64 16.33 37.57 17.24
CA LYS A 64 16.11 36.10 17.16
C LYS A 64 14.77 35.68 16.56
N VAL A 65 14.77 34.54 15.87
CA VAL A 65 13.56 34.07 15.16
C VAL A 65 12.56 33.52 16.13
N VAL A 66 11.29 33.94 16.02
CA VAL A 66 10.21 33.54 16.96
C VAL A 66 8.80 33.44 16.36
N THR A 67 7.91 32.77 17.09
CA THR A 67 6.50 32.63 16.68
C THR A 67 5.83 33.98 16.60
N ILE A 68 4.96 34.17 15.61
CA ILE A 68 4.19 35.44 15.45
C ILE A 68 3.38 35.88 16.70
N LYS A 69 2.75 34.96 17.39
CA LYS A 69 2.14 35.23 18.69
C LYS A 69 3.06 35.87 19.73
N GLU A 70 4.38 35.79 19.52
CA GLU A 70 5.36 36.60 20.27
C GLU A 70 5.88 37.83 19.51
N ASP A 71 5.07 38.46 18.64
CA ASP A 71 5.44 39.73 17.95
C ASP A 71 4.61 40.95 18.42
N ALA A 72 5.28 41.88 19.07
CA ALA A 72 4.65 43.08 19.61
C ALA A 72 3.76 43.76 18.57
N LYS A 73 4.39 44.14 17.45
CA LYS A 73 3.82 45.07 16.46
C LYS A 73 2.61 44.47 15.71
N TRP A 74 2.55 43.13 15.71
CA TRP A 74 1.48 42.36 15.08
C TRP A 74 0.36 41.95 16.06
N THR A 75 0.72 41.70 17.34
CA THR A 75 -0.31 41.50 18.40
C THR A 75 -1.05 42.80 18.71
N GLU A 76 -0.42 43.96 18.44
CA GLU A 76 -1.02 45.31 18.58
C GLU A 76 -1.26 46.03 17.24
N ASP A 77 -2.29 45.56 16.54
CA ASP A 77 -2.90 46.27 15.42
C ASP A 77 -4.22 46.84 15.94
N PRO A 78 -4.45 48.17 15.74
CA PRO A 78 -5.61 48.77 16.41
C PRO A 78 -6.99 48.54 15.71
N THR A 79 -7.01 47.88 14.54
CA THR A 79 -8.26 47.60 13.79
C THR A 79 -9.34 46.86 14.60
N ILE A 80 -8.96 45.91 15.44
CA ILE A 80 -9.96 45.25 16.32
C ILE A 80 -9.26 44.68 17.57
N THR A 81 -9.13 45.54 18.57
CA THR A 81 -8.28 45.32 19.74
C THR A 81 -8.96 44.56 20.90
N GLU A 82 -10.25 44.26 20.72
CA GLU A 82 -11.05 43.52 21.68
C GLU A 82 -10.86 41.98 21.47
N ALA A 83 -11.82 41.32 20.83
CA ALA A 83 -11.85 39.85 20.74
C ALA A 83 -10.67 39.27 19.95
N ASP A 84 -10.09 40.07 19.06
CA ASP A 84 -9.08 39.60 18.14
C ASP A 84 -7.67 39.66 18.74
N ARG A 85 -7.29 40.77 19.40
CA ARG A 85 -5.97 40.84 20.08
C ARG A 85 -5.69 39.62 21.02
N ILE A 86 -6.72 39.11 21.70
CA ILE A 86 -6.65 37.90 22.56
C ILE A 86 -6.24 36.70 21.74
N LYS A 87 -6.96 36.51 20.63
CA LYS A 87 -6.70 35.42 19.71
C LYS A 87 -5.27 35.50 19.16
N ARG A 88 -4.81 36.74 18.93
CA ARG A 88 -3.46 36.98 18.38
C ARG A 88 -2.37 36.61 19.37
N ARG A 89 -2.55 36.91 20.66
CA ARG A 89 -1.54 36.55 21.66
C ARG A 89 -1.47 35.05 21.96
N ASN A 90 -2.61 34.37 21.83
CA ASN A 90 -2.71 32.90 21.96
C ASN A 90 -2.81 32.20 20.61
N ASN A 91 -2.11 32.71 19.60
CA ASN A 91 -2.17 32.16 18.26
C ASN A 91 -1.55 30.75 18.21
N PRO A 92 -2.29 29.75 17.71
CA PRO A 92 -1.83 28.34 17.69
C PRO A 92 -0.89 27.98 16.53
N ASP A 93 0.35 28.43 16.64
CA ASP A 93 1.35 28.07 15.67
C ASP A 93 1.82 26.65 15.85
N GLU A 94 2.18 26.29 17.09
CA GLU A 94 2.48 24.89 17.45
C GLU A 94 1.49 23.94 16.80
N SER A 95 0.20 24.02 17.14
CA SER A 95 -0.84 23.24 16.40
C SER A 95 -0.80 23.38 14.86
N ASN A 96 -0.71 24.62 14.38
CA ASN A 96 -0.66 24.86 12.91
C ASN A 96 0.45 24.00 12.24
N LEU A 97 1.68 24.19 12.74
CA LEU A 97 2.87 23.57 12.18
C LEU A 97 2.81 22.03 12.17
N ALA A 98 2.45 21.47 13.33
CA ALA A 98 2.08 20.07 13.46
C ALA A 98 0.98 19.60 12.49
N TYR A 99 -0.07 20.39 12.27
CA TYR A 99 -1.13 19.99 11.30
C TYR A 99 -0.60 20.05 9.87
N LEU A 100 0.29 21.00 9.59
CA LEU A 100 0.76 21.22 8.23
C LEU A 100 1.77 20.19 7.78
N THR A 101 2.75 19.89 8.64
CA THR A 101 3.77 18.88 8.30
C THR A 101 3.14 17.50 8.32
N GLY A 102 2.13 17.33 9.18
CA GLY A 102 1.24 16.18 9.12
C GLY A 102 0.62 15.88 7.78
N LEU A 103 0.56 16.88 6.88
CA LEU A 103 0.02 16.66 5.52
C LEU A 103 0.96 15.88 4.60
N LYS A 104 2.16 15.52 5.07
CA LYS A 104 3.03 14.55 4.34
C LYS A 104 2.38 13.15 4.17
N ALA A 105 1.56 12.75 5.14
CA ALA A 105 0.52 11.73 4.93
C ALA A 105 -0.05 11.74 3.49
N LYS A 106 -0.72 12.82 3.07
CA LYS A 106 -1.37 12.91 1.73
C LYS A 106 -0.41 13.24 0.57
N ASN A 107 0.66 14.00 0.85
CA ASN A 107 1.77 14.19 -0.10
C ASN A 107 3.14 13.89 0.56
N PRO A 108 3.80 12.80 0.11
CA PRO A 108 5.16 12.52 0.59
C PRO A 108 6.22 13.57 0.21
N ASN A 109 6.21 13.98 -1.06
CA ASN A 109 7.18 14.94 -1.66
C ASN A 109 7.21 16.32 -0.98
N LEU A 110 6.06 16.75 -0.43
CA LEU A 110 5.85 18.09 0.17
C LEU A 110 7.00 18.64 0.98
N LYS A 111 7.30 19.92 0.79
CA LYS A 111 8.21 20.62 1.71
C LYS A 111 7.49 21.72 2.50
N VAL A 112 7.76 21.78 3.81
CA VAL A 112 7.23 22.86 4.65
C VAL A 112 8.36 23.72 5.16
N LEU A 113 8.45 24.96 4.66
CA LEU A 113 9.46 25.91 5.14
C LEU A 113 8.84 26.97 6.10
N VAL A 114 9.63 27.47 7.04
CA VAL A 114 9.22 28.65 7.81
C VAL A 114 9.68 29.95 7.13
N SER A 115 8.73 30.84 6.81
CA SER A 115 9.05 32.15 6.22
C SER A 115 9.24 33.21 7.29
N ILE A 116 10.34 33.95 7.25
CA ILE A 116 10.60 34.95 8.28
C ILE A 116 10.44 36.38 7.77
N GLY A 117 9.54 37.13 8.40
CA GLY A 117 9.33 38.55 8.08
C GLY A 117 7.91 38.73 7.61
N GLY A 118 7.74 39.21 6.39
CA GLY A 118 6.43 39.66 5.93
C GLY A 118 6.44 41.16 5.77
N TRP A 119 5.32 41.68 5.27
CA TRP A 119 5.13 43.11 5.20
C TRP A 119 5.07 43.67 6.63
N GLU A 120 5.85 44.73 6.85
CA GLU A 120 5.90 45.49 8.10
C GLU A 120 6.58 44.76 9.22
N ALA A 121 7.25 43.63 8.94
CA ALA A 121 7.93 42.91 10.02
C ALA A 121 9.26 43.57 10.29
N GLU A 122 9.49 43.91 11.56
CA GLU A 122 10.63 44.75 11.94
C GLU A 122 11.88 43.92 12.28
N GLY A 123 12.98 44.61 12.51
CA GLY A 123 14.17 44.00 13.07
C GLY A 123 15.12 43.21 12.17
N PHE A 124 14.82 43.13 10.87
CA PHE A 124 15.80 42.58 9.95
C PHE A 124 17.08 43.40 9.96
N SER A 125 16.98 44.72 9.97
CA SER A 125 18.19 45.52 9.84
C SER A 125 19.12 45.45 11.07
N ASP A 126 18.57 45.25 12.28
CA ASP A 126 19.40 45.08 13.50
C ASP A 126 20.00 43.68 13.65
N ALA A 127 19.17 42.66 13.58
CA ALA A 127 19.63 41.28 13.59
C ALA A 127 20.73 40.99 12.54
N ALA A 128 20.65 41.60 11.35
CA ALA A 128 21.61 41.38 10.26
C ALA A 128 22.88 42.21 10.30
N LEU A 129 23.02 43.12 11.27
CA LEU A 129 23.89 44.29 11.06
C LEU A 129 25.38 44.01 11.21
N THR A 130 25.71 43.19 12.21
CA THR A 130 27.08 42.96 12.66
C THR A 130 27.30 41.44 12.80
N PRO A 131 28.50 40.90 12.43
CA PRO A 131 28.74 39.41 12.43
C PRO A 131 28.19 38.70 13.68
N GLU A 132 28.38 39.36 14.82
CA GLU A 132 27.79 39.00 16.11
C GLU A 132 26.28 38.61 16.04
N SER A 133 25.43 39.60 15.70
CA SER A 133 23.95 39.50 15.76
C SER A 133 23.39 38.55 14.72
N ARG A 134 24.14 38.39 13.63
CA ARG A 134 23.79 37.43 12.58
C ARG A 134 23.80 35.99 13.14
N GLU A 135 24.79 35.69 14.01
CA GLU A 135 24.91 34.39 14.60
C GLU A 135 23.62 34.09 15.36
N VAL A 136 23.24 35.00 16.25
CA VAL A 136 22.12 34.74 17.19
C VAL A 136 20.82 34.53 16.44
N PHE A 137 20.65 35.25 15.33
CA PHE A 137 19.55 35.06 14.35
C PHE A 137 19.64 33.75 13.53
N ALA A 138 20.74 33.55 12.80
CA ALA A 138 20.88 32.31 12.02
C ALA A 138 20.84 31.03 12.89
N ASN A 139 21.38 31.13 14.12
CA ASN A 139 21.26 30.01 15.06
C ASN A 139 19.83 29.73 15.39
N SER A 140 19.14 30.76 15.90
CA SER A 140 17.71 30.66 16.30
C SER A 140 16.74 30.28 15.16
N ALA A 141 17.10 30.69 13.94
CA ALA A 141 16.44 30.27 12.71
C ALA A 141 16.53 28.75 12.49
N LEU A 142 17.69 28.15 12.74
CA LEU A 142 17.77 26.68 12.71
C LEU A 142 16.95 26.06 13.84
N ASP A 143 17.10 26.58 15.07
CA ASP A 143 16.33 26.08 16.23
C ASP A 143 14.83 25.98 15.92
N PHE A 144 14.35 27.00 15.20
CA PHE A 144 12.98 27.04 14.71
C PHE A 144 12.75 25.95 13.67
N MET A 145 13.65 25.83 12.70
CA MET A 145 13.47 24.81 11.66
C MET A 145 13.43 23.39 12.24
N ASN A 146 14.38 23.11 13.15
CA ASN A 146 14.52 21.79 13.82
C ASN A 146 13.25 21.53 14.63
N LYS A 147 12.91 22.48 15.50
CA LYS A 147 11.86 22.32 16.48
C LYS A 147 10.52 21.86 15.88
N TYR A 148 10.09 22.45 14.77
CA TYR A 148 8.79 22.12 14.12
C TYR A 148 8.94 21.16 12.95
N ASN A 149 10.15 20.61 12.81
CA ASN A 149 10.44 19.57 11.84
C ASN A 149 10.14 20.10 10.45
N LEU A 150 10.93 21.08 10.04
CA LEU A 150 10.71 21.84 8.82
C LEU A 150 11.82 21.67 7.76
N ASP A 151 11.43 21.71 6.48
CA ASP A 151 12.34 21.44 5.38
C ASP A 151 13.19 22.63 4.92
N GLY A 152 13.21 23.76 5.66
CA GLY A 152 13.88 24.95 5.13
C GLY A 152 13.44 26.29 5.65
N ILE A 153 14.24 27.32 5.34
CA ILE A 153 13.96 28.70 5.71
C ILE A 153 13.76 29.61 4.49
N ASP A 154 12.83 30.58 4.63
CA ASP A 154 12.56 31.64 3.62
C ASP A 154 12.64 33.01 4.30
N LEU A 155 13.61 33.83 3.89
CA LEU A 155 13.69 35.21 4.32
C LEU A 155 12.85 36.13 3.44
N ASP A 156 11.83 36.72 4.09
CA ASP A 156 10.95 37.76 3.52
C ASP A 156 11.18 39.14 4.14
N TRP A 157 12.34 39.70 3.88
CA TRP A 157 12.69 41.04 4.30
C TRP A 157 12.13 42.05 3.29
N GLU A 158 11.21 42.91 3.78
CA GLU A 158 10.56 43.92 2.93
C GLU A 158 10.76 45.30 3.48
N TYR A 159 11.80 46.02 3.04
CA TYR A 159 12.80 45.61 2.07
C TYR A 159 14.13 46.21 2.55
N PRO A 160 15.31 45.62 2.22
CA PRO A 160 16.56 46.14 2.79
C PRO A 160 16.93 47.48 2.23
N VAL A 161 17.77 48.24 2.91
CA VAL A 161 18.29 49.53 2.39
C VAL A 161 17.25 50.67 2.39
N TYR A 162 16.12 50.45 1.73
CA TYR A 162 15.07 51.48 1.60
C TYR A 162 13.90 51.23 2.50
N GLY A 163 13.77 50.05 3.10
CA GLY A 163 12.75 49.81 4.15
C GLY A 163 11.31 50.08 3.78
N ALA A 164 10.95 49.77 2.55
CA ALA A 164 9.63 50.13 2.00
C ALA A 164 9.36 51.61 2.26
N TRP A 165 10.38 52.44 2.05
CA TRP A 165 10.30 53.90 2.14
C TRP A 165 9.65 54.30 3.46
N GLY A 166 10.32 53.89 4.56
CA GLY A 166 9.94 54.25 5.90
C GLY A 166 8.96 53.36 6.64
N VAL A 167 8.56 52.23 6.05
CA VAL A 167 7.71 51.30 6.78
C VAL A 167 8.50 50.60 7.87
N ILE A 168 9.76 50.23 7.58
CA ILE A 168 10.64 49.62 8.59
C ILE A 168 11.99 50.35 8.74
N LYS A 169 12.69 49.96 9.80
CA LYS A 169 14.04 50.43 10.08
C LYS A 169 14.99 49.99 8.97
N SER A 170 15.87 50.87 8.51
CA SER A 170 16.84 50.53 7.45
C SER A 170 17.99 51.53 7.32
N ARG A 171 19.06 51.04 6.70
CA ARG A 171 20.36 51.70 6.63
C ARG A 171 21.01 51.19 5.34
N PRO A 172 21.92 51.96 4.69
CA PRO A 172 22.61 51.49 3.45
C PRO A 172 23.42 50.14 3.53
N GLU A 173 23.89 49.81 4.73
CA GLU A 173 24.77 48.65 4.94
C GLU A 173 24.02 47.31 4.82
N ASP A 174 22.68 47.36 4.92
CA ASP A 174 21.80 46.24 4.56
C ASP A 174 22.25 45.52 3.29
N LYS A 175 22.57 46.27 2.23
CA LYS A 175 23.00 45.65 0.98
C LYS A 175 23.95 44.50 1.25
N ALA A 176 25.00 44.74 2.04
CA ALA A 176 26.05 43.71 2.35
C ALA A 176 25.63 42.70 3.40
N ASN A 177 25.03 43.23 4.46
CA ASN A 177 24.58 42.43 5.59
C ASN A 177 23.58 41.35 5.18
N PHE A 178 22.70 41.70 4.24
CA PHE A 178 21.77 40.75 3.64
C PHE A 178 22.54 39.61 3.01
N THR A 179 23.52 39.97 2.18
CA THR A 179 24.42 38.98 1.63
C THR A 179 25.02 38.13 2.75
N ALA A 180 25.65 38.74 3.75
CA ALA A 180 26.35 37.94 4.76
C ALA A 180 25.40 37.02 5.50
N LEU A 181 24.22 37.53 5.83
CA LEU A 181 23.26 36.76 6.62
C LEU A 181 22.87 35.50 5.84
N LEU A 182 22.72 35.68 4.54
CA LEU A 182 22.28 34.60 3.68
C LEU A 182 23.34 33.52 3.49
N LYS A 183 24.59 33.95 3.23
CA LYS A 183 25.77 33.07 3.20
C LYS A 183 25.88 32.19 4.47
N LEU A 184 25.84 32.84 5.63
CA LEU A 184 25.82 32.13 6.94
C LEU A 184 24.72 31.09 7.03
N LEU A 185 23.47 31.48 6.72
CA LEU A 185 22.36 30.52 6.81
C LEU A 185 22.60 29.30 5.93
N ARG A 186 23.22 29.53 4.78
CA ARG A 186 23.53 28.43 3.87
C ARG A 186 24.59 27.53 4.48
N GLU A 187 25.57 28.14 5.15
CA GLU A 187 26.57 27.39 5.91
C GLU A 187 25.94 26.57 7.02
N LYS A 188 25.15 27.20 7.86
CA LYS A 188 24.51 26.44 8.91
C LYS A 188 23.63 25.28 8.37
N LEU A 189 22.98 25.49 7.23
CA LEU A 189 22.09 24.49 6.61
C LEU A 189 22.74 23.41 5.73
N ASP A 190 24.02 23.57 5.43
CA ASP A 190 24.80 22.54 4.74
C ASP A 190 25.56 21.76 5.80
N ALA A 191 26.15 22.47 6.77
CA ALA A 191 26.69 21.88 8.02
C ALA A 191 25.75 20.81 8.58
N GLN A 192 24.53 21.22 8.94
CA GLN A 192 23.52 20.27 9.43
C GLN A 192 23.19 19.15 8.42
N SER A 193 23.14 19.47 7.14
CA SER A 193 22.80 18.45 6.13
C SER A 193 23.77 17.24 6.15
N THR A 194 25.07 17.51 6.26
CA THR A 194 26.06 16.45 6.14
C THR A 194 25.91 15.38 7.24
N THR A 195 25.36 15.76 8.40
CA THR A 195 24.93 14.80 9.42
C THR A 195 23.56 14.18 9.12
N THR A 196 22.56 14.99 8.76
CA THR A 196 21.19 14.44 8.63
C THR A 196 20.93 13.66 7.34
N ASN A 197 21.74 13.90 6.30
CA ASN A 197 21.50 13.39 4.96
C ASN A 197 20.32 14.04 4.18
N LYS A 198 19.68 15.04 4.80
CA LYS A 198 18.60 15.84 4.23
C LYS A 198 19.17 17.21 3.84
N TYR A 199 19.07 17.49 2.54
CA TYR A 199 19.33 18.80 2.00
C TYR A 199 18.26 19.76 2.53
N TYR A 200 18.67 20.95 2.96
CA TYR A 200 17.70 21.96 3.36
C TYR A 200 17.62 23.06 2.33
N GLU A 201 16.45 23.70 2.27
CA GLU A 201 16.21 24.76 1.31
C GLU A 201 16.32 26.13 1.95
N LEU A 202 16.85 27.09 1.21
CA LEU A 202 16.88 28.50 1.59
C LEU A 202 16.37 29.28 0.43
N ALA A 203 15.35 30.08 0.71
CA ALA A 203 14.71 30.95 -0.29
C ALA A 203 14.70 32.38 0.22
N ILE A 204 14.44 33.29 -0.71
CA ILE A 204 14.05 34.66 -0.38
C ILE A 204 12.81 35.01 -1.23
N ALA A 205 11.87 35.76 -0.63
CA ALA A 205 10.96 36.55 -1.46
C ALA A 205 11.64 37.90 -1.76
N ALA A 206 11.61 38.24 -3.03
CA ALA A 206 12.34 39.35 -3.55
C ALA A 206 11.41 40.30 -4.27
N GLY A 207 11.58 41.57 -3.88
CA GLY A 207 10.94 42.71 -4.52
C GLY A 207 10.96 42.68 -6.04
N ALA A 208 9.87 43.19 -6.64
CA ALA A 208 9.73 43.32 -8.09
C ALA A 208 10.39 44.58 -8.72
N SER A 209 10.56 45.64 -7.95
CA SER A 209 10.96 46.94 -8.54
C SER A 209 12.46 47.02 -8.90
N LYS A 210 12.84 47.94 -9.78
CA LYS A 210 14.28 48.20 -10.04
C LYS A 210 15.01 48.63 -8.75
N THR A 211 14.29 49.27 -7.87
CA THR A 211 14.79 49.67 -6.60
C THR A 211 15.23 48.50 -5.73
N TYR A 212 14.50 47.38 -5.75
CA TYR A 212 14.88 46.20 -4.97
C TYR A 212 16.17 45.57 -5.48
N THR A 213 16.27 45.44 -6.80
CA THR A 213 17.42 44.79 -7.40
C THR A 213 18.69 45.63 -7.12
N ASP A 214 18.51 46.94 -7.07
CA ASP A 214 19.60 47.88 -6.67
C ASP A 214 20.03 47.86 -5.21
N SER A 215 19.20 47.28 -4.35
CA SER A 215 19.45 47.22 -2.91
C SER A 215 19.95 45.84 -2.40
N VAL A 216 20.13 44.90 -3.34
CA VAL A 216 20.65 43.54 -3.07
C VAL A 216 21.72 43.14 -4.10
N GLU A 217 22.62 42.27 -3.67
CA GLU A 217 23.77 41.83 -4.47
C GLU A 217 23.37 40.52 -5.10
N LEU A 218 22.85 40.59 -6.33
CA LEU A 218 22.18 39.43 -6.92
C LEU A 218 23.16 38.36 -7.40
N THR A 219 24.23 38.80 -8.05
CA THR A 219 25.23 37.90 -8.56
C THR A 219 26.19 37.36 -7.45
N LYS A 220 26.00 37.77 -6.19
CA LYS A 220 26.54 37.08 -5.01
C LYS A 220 25.57 36.23 -4.23
N ILE A 221 24.30 36.55 -4.34
CA ILE A 221 23.27 35.99 -3.49
C ILE A 221 22.72 34.70 -4.11
N THR A 222 22.54 34.71 -5.43
CA THR A 222 21.92 33.61 -6.14
C THR A 222 22.54 32.29 -5.68
N PRO A 223 23.86 32.17 -5.80
CA PRO A 223 24.41 30.85 -5.47
C PRO A 223 24.12 30.30 -4.03
N TYR A 224 23.84 31.14 -3.03
CA TYR A 224 23.42 30.64 -1.71
C TYR A 224 21.99 30.10 -1.65
N LEU A 225 21.19 30.32 -2.70
CA LEU A 225 19.75 30.05 -2.69
C LEU A 225 19.26 29.05 -3.72
N ASP A 226 18.21 28.34 -3.36
CA ASP A 226 17.55 27.40 -4.25
C ASP A 226 16.57 28.08 -5.21
N TYR A 227 15.80 29.03 -4.67
CA TYR A 227 14.82 29.75 -5.44
C TYR A 227 14.71 31.21 -4.97
N ILE A 228 14.38 32.08 -5.93
CA ILE A 228 14.10 33.48 -5.65
C ILE A 228 12.65 33.60 -5.97
N ASN A 229 11.86 33.89 -4.92
CA ASN A 229 10.41 34.16 -5.07
C ASN A 229 10.09 35.60 -5.51
N LEU A 230 10.01 35.82 -6.82
CA LEU A 230 9.56 37.12 -7.32
C LEU A 230 8.14 37.45 -6.82
N MET A 231 8.06 38.44 -5.96
CA MET A 231 6.74 39.05 -5.58
C MET A 231 6.15 39.98 -6.64
N THR A 232 5.70 39.39 -7.74
CA THR A 232 5.15 40.11 -8.87
C THR A 232 3.68 40.37 -8.62
N TYR A 233 3.45 41.14 -7.56
CA TYR A 233 2.14 41.67 -7.20
C TYR A 233 2.37 42.87 -6.31
N ASP A 234 1.30 43.60 -6.08
CA ASP A 234 1.35 44.94 -5.57
C ASP A 234 2.21 45.78 -6.44
N LEU A 235 2.15 45.56 -7.77
CA LEU A 235 2.98 46.33 -8.72
C LEU A 235 2.37 47.71 -8.94
N HIS A 236 1.06 47.79 -8.74
CA HIS A 236 0.30 49.02 -8.80
C HIS A 236 -0.83 48.94 -7.83
N GLY A 237 -1.25 50.05 -7.27
CA GLY A 237 -2.41 50.02 -6.38
C GLY A 237 -2.94 51.42 -6.18
N GLY A 238 -3.68 51.67 -5.07
CA GLY A 238 -4.34 52.98 -4.78
C GLY A 238 -3.37 54.15 -4.55
N TRP A 239 -2.17 53.81 -4.15
CA TRP A 239 -1.06 54.74 -4.15
C TRP A 239 -0.73 55.30 -5.52
N ASP A 240 -1.15 54.70 -6.62
CA ASP A 240 -0.94 55.33 -7.94
C ASP A 240 -2.10 56.26 -8.28
N PRO A 241 -1.79 57.39 -8.98
CA PRO A 241 -2.88 58.25 -9.47
C PRO A 241 -3.82 57.62 -10.48
N ALA A 242 -3.44 56.58 -11.21
CA ALA A 242 -4.36 55.93 -12.16
C ALA A 242 -4.37 54.42 -12.02
N THR A 243 -5.47 53.81 -12.41
CA THR A 243 -5.61 52.37 -12.33
C THR A 243 -4.74 51.62 -13.30
N SER A 244 -4.55 50.35 -12.93
CA SER A 244 -3.68 49.45 -13.63
C SER A 244 -3.81 48.07 -12.99
N HIS A 245 -3.08 47.09 -13.54
CA HIS A 245 -3.08 45.73 -13.04
C HIS A 245 -1.99 45.62 -12.07
N HIS A 246 -2.24 44.91 -10.97
CA HIS A 246 -1.24 44.71 -9.95
C HIS A 246 -0.47 43.40 -10.11
N THR A 247 -0.98 42.44 -10.87
CA THR A 247 -0.30 41.14 -10.89
C THR A 247 -0.42 40.51 -12.26
N ALA A 248 -0.41 41.37 -13.27
CA ALA A 248 -0.46 40.98 -14.69
C ALA A 248 0.79 40.27 -15.20
N VAL A 249 0.61 39.50 -16.29
CA VAL A 249 1.65 38.68 -16.86
C VAL A 249 2.56 39.56 -17.70
N TYR A 250 1.97 40.23 -18.67
CA TYR A 250 2.66 41.06 -19.66
C TYR A 250 2.43 42.58 -19.45
N SER A 251 3.40 43.39 -19.86
CA SER A 251 3.23 44.84 -19.91
C SER A 251 2.57 45.28 -21.22
N ALA A 252 1.36 45.79 -21.09
CA ALA A 252 0.56 46.29 -22.19
C ALA A 252 0.78 47.72 -22.47
N THR A 253 1.32 48.44 -21.48
CA THR A 253 1.87 49.78 -21.70
C THR A 253 3.24 49.90 -21.05
N ASN A 254 3.95 50.95 -21.47
CA ASN A 254 5.34 51.21 -21.05
C ASN A 254 5.49 51.39 -19.54
N ASN A 255 4.55 52.10 -18.95
CA ASN A 255 4.58 52.42 -17.54
C ASN A 255 4.05 51.30 -16.64
N GLN A 256 3.41 50.27 -17.19
CA GLN A 256 2.73 49.22 -16.39
C GLN A 256 3.66 48.01 -16.23
N LEU A 257 4.22 47.85 -15.04
CA LEU A 257 4.98 46.70 -14.62
C LEU A 257 4.20 45.35 -14.62
N SER A 258 4.93 44.24 -14.60
CA SER A 258 4.38 42.93 -14.91
C SER A 258 5.39 41.82 -14.59
N VAL A 259 4.92 40.56 -14.67
CA VAL A 259 5.73 39.40 -14.39
C VAL A 259 6.89 39.41 -15.41
N ASP A 260 6.51 39.56 -16.68
CA ASP A 260 7.43 39.72 -17.78
C ASP A 260 8.48 40.81 -17.56
N SER A 261 8.07 42.04 -17.22
CA SER A 261 9.07 43.12 -17.00
C SER A 261 10.01 42.76 -15.85
N THR A 262 9.46 42.11 -14.82
CA THR A 262 10.21 41.78 -13.61
C THR A 262 11.13 40.62 -13.88
N VAL A 263 10.65 39.62 -14.63
CA VAL A 263 11.49 38.44 -14.98
C VAL A 263 12.63 38.94 -15.88
N LYS A 264 12.30 39.71 -16.91
CA LYS A 264 13.33 40.34 -17.74
C LYS A 264 14.32 41.14 -16.96
N LEU A 265 13.86 41.92 -15.99
CA LEU A 265 14.79 42.66 -15.12
C LEU A 265 15.76 41.74 -14.36
N TYR A 266 15.30 40.58 -13.91
CA TYR A 266 16.16 39.68 -13.14
C TYR A 266 17.12 38.82 -14.04
N LEU A 267 16.68 38.43 -15.25
CA LEU A 267 17.57 37.74 -16.20
C LEU A 267 18.68 38.67 -16.59
N ASN A 268 18.38 39.90 -16.96
CA ASN A 268 19.42 40.91 -17.21
C ASN A 268 20.47 41.11 -16.10
N ASN A 269 20.16 40.76 -14.85
CA ASN A 269 21.13 40.89 -13.76
C ASN A 269 21.75 39.52 -13.45
N GLY A 270 21.59 38.56 -14.33
CA GLY A 270 22.40 37.37 -14.23
C GLY A 270 21.65 36.27 -13.56
N VAL A 271 20.51 36.56 -12.94
CA VAL A 271 19.84 35.57 -12.14
C VAL A 271 19.30 34.57 -13.14
N PRO A 272 19.63 33.30 -12.91
CA PRO A 272 19.26 32.28 -13.86
C PRO A 272 17.75 31.94 -13.82
N ALA A 273 17.11 31.89 -14.98
CA ALA A 273 15.74 31.33 -15.13
C ALA A 273 15.42 30.21 -14.17
N GLU A 274 16.35 29.27 -14.03
CA GLU A 274 16.11 27.98 -13.35
C GLU A 274 15.79 28.16 -11.87
N LYS A 275 16.21 29.28 -11.29
CA LYS A 275 15.91 29.64 -9.90
C LYS A 275 14.80 30.71 -9.67
N LEU A 276 14.13 31.19 -10.71
CA LEU A 276 13.11 32.22 -10.53
C LEU A 276 11.71 31.64 -10.42
N MET A 277 11.06 31.92 -9.28
CA MET A 277 9.64 31.60 -9.09
C MET A 277 8.83 32.84 -9.38
N VAL A 278 7.98 32.75 -10.37
CA VAL A 278 6.96 33.78 -10.61
C VAL A 278 5.85 33.81 -9.51
N GLY A 279 5.45 35.01 -9.11
CA GLY A 279 4.47 35.23 -8.04
C GLY A 279 3.11 35.58 -8.59
N GLY A 280 2.09 35.14 -7.87
CA GLY A 280 0.69 35.52 -8.15
C GLY A 280 -0.05 35.72 -6.82
N ALA A 281 -1.27 36.24 -6.90
CA ALA A 281 -1.98 36.77 -5.71
C ALA A 281 -3.44 36.33 -5.63
N PHE A 282 -3.90 35.90 -4.45
CA PHE A 282 -5.30 35.43 -4.33
C PHE A 282 -6.19 36.55 -3.80
N TYR A 283 -5.79 37.79 -4.10
CA TYR A 283 -6.49 38.99 -3.66
C TYR A 283 -6.28 40.08 -4.69
N SER A 284 -7.13 41.10 -4.59
CA SER A 284 -7.14 42.23 -5.49
C SER A 284 -6.56 43.50 -4.86
N ARG A 285 -6.20 44.41 -5.73
CA ARG A 285 -5.76 45.73 -5.32
C ARG A 285 -6.87 46.59 -5.90
N VAL A 286 -7.36 47.53 -5.10
CA VAL A 286 -8.60 48.24 -5.38
C VAL A 286 -8.38 49.76 -5.47
N TRP A 287 -9.10 50.43 -6.36
CA TRP A 287 -9.16 51.90 -6.43
C TRP A 287 -10.61 52.33 -6.37
N GLN A 288 -10.91 53.34 -5.57
CA GLN A 288 -12.22 53.96 -5.48
C GLN A 288 -12.14 55.31 -6.15
N ASN A 289 -13.28 55.96 -6.30
CA ASN A 289 -13.41 57.26 -6.97
C ASN A 289 -12.71 57.33 -8.30
N VAL A 290 -12.91 56.29 -9.13
CA VAL A 290 -12.33 56.26 -10.46
C VAL A 290 -13.28 56.92 -11.42
N GLU A 291 -12.72 57.62 -12.40
CA GLU A 291 -13.54 58.29 -13.38
C GLU A 291 -14.36 57.27 -14.10
N ASN A 292 -15.63 57.56 -14.32
CA ASN A 292 -16.49 56.63 -15.00
C ASN A 292 -16.25 56.78 -16.51
N LYS A 293 -15.06 56.39 -16.94
CA LYS A 293 -14.69 56.47 -18.33
C LYS A 293 -14.14 55.13 -18.80
N GLY A 294 -14.58 54.68 -19.97
CA GLY A 294 -14.01 53.50 -20.66
C GLY A 294 -14.36 52.25 -19.90
N THR A 295 -13.34 51.47 -19.53
CA THR A 295 -13.55 50.34 -18.66
C THR A 295 -13.15 50.63 -17.18
N GLY A 296 -12.73 51.86 -16.85
CA GLY A 296 -12.00 52.09 -15.59
C GLY A 296 -10.49 51.79 -15.62
N LEU A 297 -10.01 51.01 -16.59
CA LEU A 297 -8.55 50.72 -16.71
C LEU A 297 -7.77 51.94 -17.24
N SER A 298 -6.67 52.28 -16.56
CA SER A 298 -5.87 53.50 -16.81
C SER A 298 -6.67 54.78 -16.71
N GLU A 299 -7.54 54.86 -15.73
CA GLU A 299 -8.28 56.11 -15.52
C GLU A 299 -7.81 56.72 -14.23
N LYS A 300 -7.91 58.04 -14.13
CA LYS A 300 -7.46 58.72 -12.94
C LYS A 300 -8.34 58.30 -11.78
N ALA A 301 -7.77 58.35 -10.59
CA ALA A 301 -8.42 57.95 -9.36
C ALA A 301 -8.13 58.98 -8.25
N GLY A 302 -9.22 59.32 -7.60
CA GLY A 302 -9.20 60.27 -6.52
C GLY A 302 -8.89 59.63 -5.19
N SER A 303 -9.63 60.07 -4.20
CA SER A 303 -9.39 59.68 -2.87
C SER A 303 -9.53 58.20 -2.63
N GLN A 304 -8.53 57.65 -1.95
CA GLN A 304 -8.50 56.27 -1.53
C GLN A 304 -8.65 56.21 -0.02
N ALA A 305 -8.97 57.33 0.59
CA ALA A 305 -9.12 57.38 2.01
C ALA A 305 -10.21 56.45 2.49
N GLY A 306 -11.22 56.15 1.67
CA GLY A 306 -12.29 55.22 2.07
C GLY A 306 -11.95 53.74 1.90
N SER A 307 -10.80 53.45 1.26
CA SER A 307 -10.66 52.18 0.55
C SER A 307 -10.24 51.06 1.47
N PRO A 308 -10.75 49.85 1.22
CA PRO A 308 -10.27 48.76 2.08
C PRO A 308 -8.87 48.29 1.66
N GLY A 309 -8.44 48.76 0.49
CA GLY A 309 -7.12 48.44 -0.05
C GLY A 309 -7.16 47.19 -0.90
N THR A 310 -7.52 46.08 -0.26
CA THR A 310 -7.62 44.82 -0.95
C THR A 310 -8.98 44.20 -0.77
N ILE A 311 -9.29 43.23 -1.62
CA ILE A 311 -10.37 42.32 -1.33
C ILE A 311 -9.90 40.93 -1.74
N VAL A 312 -10.01 39.96 -0.82
CA VAL A 312 -9.59 38.58 -1.09
C VAL A 312 -10.43 37.83 -2.17
N TYR A 313 -9.82 36.81 -2.78
CA TYR A 313 -10.45 36.09 -3.90
C TYR A 313 -11.79 35.49 -3.50
N SER A 314 -11.87 34.87 -2.33
CA SER A 314 -13.16 34.34 -1.88
C SER A 314 -14.28 35.37 -1.84
N GLU A 315 -13.96 36.58 -1.41
CA GLU A 315 -14.96 37.65 -1.35
C GLU A 315 -15.35 38.18 -2.70
N LEU A 316 -14.42 38.16 -3.66
CA LEU A 316 -14.71 38.58 -5.02
C LEU A 316 -15.66 37.61 -5.60
N VAL A 317 -15.51 36.33 -5.29
CA VAL A 317 -16.36 35.30 -5.92
C VAL A 317 -17.77 35.44 -5.40
N ASN A 318 -17.86 35.39 -4.08
CA ASN A 318 -19.12 35.68 -3.38
C ASN A 318 -19.86 36.96 -3.74
N ASN A 319 -19.20 38.11 -3.84
CA ASN A 319 -19.97 39.35 -4.15
C ASN A 319 -19.59 40.26 -5.27
N TYR A 320 -18.46 40.08 -5.93
CA TYR A 320 -18.05 41.05 -6.94
C TYR A 320 -18.01 40.58 -8.36
N ILE A 321 -17.49 39.40 -8.66
CA ILE A 321 -17.24 39.09 -10.07
C ILE A 321 -18.58 38.83 -10.75
N ASN A 322 -18.92 39.69 -11.72
CA ASN A 322 -20.21 39.69 -12.41
C ASN A 322 -21.44 39.76 -11.47
N LYS A 323 -21.23 40.35 -10.29
CA LYS A 323 -22.28 40.49 -9.27
C LYS A 323 -22.39 41.95 -8.90
N ASN A 324 -23.51 42.29 -8.24
CA ASN A 324 -23.71 43.59 -7.57
C ASN A 324 -23.30 44.84 -8.39
N GLY A 325 -23.61 44.79 -9.70
CA GLY A 325 -23.24 45.83 -10.67
C GLY A 325 -21.79 45.90 -11.16
N TYR A 326 -20.94 44.99 -10.70
CA TYR A 326 -19.57 44.92 -11.13
C TYR A 326 -19.42 44.11 -12.44
N THR A 327 -19.15 44.77 -13.55
CA THR A 327 -18.86 44.07 -14.80
C THR A 327 -17.44 43.54 -14.73
N ARG A 328 -17.24 42.37 -15.35
CA ARG A 328 -15.91 41.77 -15.48
C ARG A 328 -15.33 42.18 -16.81
N TYR A 329 -14.03 42.41 -16.80
CA TYR A 329 -13.29 42.81 -17.99
C TYR A 329 -12.00 42.04 -18.15
N TRP A 330 -11.49 42.07 -19.36
CA TRP A 330 -10.24 41.42 -19.65
C TRP A 330 -9.35 42.31 -20.49
N ASP A 331 -8.16 42.53 -19.99
CA ASP A 331 -7.10 43.10 -20.78
C ASP A 331 -6.30 41.93 -21.45
N ASP A 332 -6.52 41.82 -22.76
CA ASP A 332 -5.99 40.74 -23.58
C ASP A 332 -4.52 40.89 -23.91
N THR A 333 -3.99 42.10 -23.86
CA THR A 333 -2.54 42.27 -23.91
C THR A 333 -1.85 41.97 -22.58
N ALA A 334 -2.33 42.54 -21.50
CA ALA A 334 -1.75 42.20 -20.15
C ALA A 334 -2.00 40.76 -19.70
N LYS A 335 -3.13 40.18 -20.15
CA LYS A 335 -3.63 38.90 -19.76
C LYS A 335 -3.96 38.99 -18.31
N ALA A 336 -4.89 39.88 -17.99
CA ALA A 336 -5.38 40.03 -16.58
C ALA A 336 -6.82 40.51 -16.55
N PRO A 337 -7.58 40.03 -15.56
CA PRO A 337 -8.93 40.45 -15.41
C PRO A 337 -8.95 41.65 -14.46
N TYR A 338 -10.02 42.42 -14.60
CA TYR A 338 -10.37 43.47 -13.69
C TYR A 338 -11.89 43.69 -13.69
N LEU A 339 -12.38 44.32 -12.61
CA LEU A 339 -13.80 44.66 -12.50
C LEU A 339 -13.91 46.15 -12.35
N PHE A 340 -15.10 46.64 -12.66
CA PHE A 340 -15.46 48.06 -12.56
C PHE A 340 -16.98 48.21 -12.60
N ASN A 341 -17.45 49.15 -11.78
CA ASN A 341 -18.87 49.46 -11.69
C ASN A 341 -19.21 50.90 -12.03
N GLY A 342 -18.26 51.68 -12.54
CA GLY A 342 -18.44 53.11 -12.79
C GLY A 342 -17.68 53.99 -11.81
N SER A 343 -17.31 53.46 -10.65
CA SER A 343 -16.45 54.22 -9.77
C SER A 343 -15.45 53.46 -8.93
N THR A 344 -15.71 52.19 -8.52
CA THR A 344 -14.67 51.30 -7.92
C THR A 344 -14.02 50.31 -8.92
N PHE A 345 -12.69 50.35 -9.06
CA PHE A 345 -11.95 49.46 -9.94
C PHE A 345 -11.23 48.42 -9.07
N ILE A 346 -11.12 47.22 -9.59
CA ILE A 346 -10.54 46.13 -8.86
C ILE A 346 -9.74 45.35 -9.86
N SER A 347 -8.50 45.05 -9.51
CA SER A 347 -7.54 44.33 -10.38
C SER A 347 -7.26 43.05 -9.67
N TYR A 348 -7.38 41.89 -10.32
CA TYR A 348 -7.22 40.63 -9.63
C TYR A 348 -6.59 39.56 -10.50
N GLU A 349 -6.31 38.44 -9.85
CA GLU A 349 -5.90 37.22 -10.50
C GLU A 349 -7.10 36.27 -10.55
N ASP A 350 -7.37 35.72 -11.73
CA ASP A 350 -8.49 34.78 -11.92
C ASP A 350 -7.99 33.50 -12.51
N THR A 351 -8.88 32.65 -13.01
CA THR A 351 -8.52 31.33 -13.54
C THR A 351 -7.60 31.50 -14.75
N ALA A 352 -8.00 32.42 -15.62
CA ALA A 352 -7.29 32.75 -16.82
C ALA A 352 -5.90 33.34 -16.52
N SER A 353 -5.82 34.43 -15.76
CA SER A 353 -4.50 35.02 -15.52
C SER A 353 -3.55 33.98 -14.94
N ALA A 354 -4.03 33.03 -14.13
CA ALA A 354 -3.13 31.98 -13.62
C ALA A 354 -2.69 31.02 -14.74
N ALA A 355 -3.60 30.72 -15.65
CA ALA A 355 -3.25 29.94 -16.81
C ALA A 355 -2.13 30.62 -17.59
N TYR A 356 -2.33 31.86 -18.03
CA TYR A 356 -1.24 32.58 -18.69
C TYR A 356 0.08 32.64 -17.91
N LYS A 357 0.06 32.66 -16.57
CA LYS A 357 1.30 32.68 -15.77
C LYS A 357 2.01 31.36 -15.67
N ALA A 358 1.25 30.29 -15.50
CA ALA A 358 1.80 28.94 -15.63
C ALA A 358 2.43 28.76 -17.01
N GLU A 359 1.71 29.12 -18.07
CA GLU A 359 2.26 29.02 -19.41
C GLU A 359 3.58 29.78 -19.61
N TYR A 360 3.72 30.91 -18.92
CA TYR A 360 4.93 31.73 -19.00
C TYR A 360 6.09 31.05 -18.32
N ILE A 361 5.81 30.40 -17.18
CA ILE A 361 6.81 29.61 -16.46
C ILE A 361 7.40 28.53 -17.33
N LYS A 362 6.55 27.92 -18.12
CA LYS A 362 6.94 26.80 -18.99
C LYS A 362 7.63 27.34 -20.25
N GLN A 363 7.05 28.38 -20.83
CA GLN A 363 7.63 29.04 -21.98
C GLN A 363 9.07 29.47 -21.73
N ASN A 364 9.40 29.90 -20.51
CA ASN A 364 10.66 30.59 -20.20
C ASN A 364 11.47 29.84 -19.14
N ASN A 365 11.19 28.56 -19.01
CA ASN A 365 12.00 27.69 -18.17
C ASN A 365 12.31 28.22 -16.80
N LEU A 366 11.25 28.63 -16.11
CA LEU A 366 11.37 29.09 -14.72
C LEU A 366 11.07 27.98 -13.72
N ALA A 367 11.53 28.18 -12.50
CA ALA A 367 11.46 27.18 -11.44
C ALA A 367 10.03 26.79 -11.10
N GLY A 368 9.15 27.78 -10.95
CA GLY A 368 7.74 27.50 -10.67
C GLY A 368 6.80 28.69 -10.42
N PHE A 369 5.59 28.38 -9.96
CA PHE A 369 4.54 29.35 -9.62
C PHE A 369 4.47 29.53 -8.09
N MET A 370 4.58 30.78 -7.59
CA MET A 370 4.43 31.07 -6.16
CA MET A 370 4.47 31.10 -6.17
C MET A 370 3.13 31.84 -5.96
N TYR A 371 2.48 31.66 -4.81
CA TYR A 371 1.24 32.42 -4.55
C TYR A 371 1.01 32.76 -3.13
N TRP A 372 0.67 34.04 -2.90
CA TRP A 372 0.26 34.58 -1.62
C TRP A 372 -1.25 34.95 -1.71
N GLU A 373 -2.12 34.38 -0.87
CA GLU A 373 -1.83 33.20 -0.04
C GLU A 373 -3.04 32.24 -0.04
N TYR A 374 -2.85 31.05 0.51
CA TYR A 374 -3.79 29.93 0.36
C TYR A 374 -5.19 30.18 0.92
N SER A 375 -5.30 30.88 2.05
CA SER A 375 -6.59 31.05 2.76
C SER A 375 -7.53 31.92 1.98
N GLN A 376 -6.94 32.83 1.19
CA GLN A 376 -7.70 33.77 0.39
C GLN A 376 -8.33 33.15 -0.83
N ASP A 377 -8.02 31.88 -1.15
CA ASP A 377 -8.68 31.15 -2.25
C ASP A 377 -10.16 30.97 -1.89
N SER A 378 -10.97 30.62 -2.91
CA SER A 378 -12.39 30.35 -2.78
C SER A 378 -12.58 29.19 -1.81
N ASP A 379 -13.83 28.87 -1.46
CA ASP A 379 -14.13 27.73 -0.54
C ASP A 379 -13.54 26.46 -1.10
N SER A 380 -13.83 26.29 -2.41
CA SER A 380 -13.39 25.18 -3.22
C SER A 380 -11.95 25.22 -3.76
N HIS A 381 -11.11 26.21 -3.39
CA HIS A 381 -9.70 26.27 -3.90
C HIS A 381 -9.52 26.41 -5.46
N GLU A 382 -10.39 27.21 -6.08
CA GLU A 382 -10.41 27.37 -7.50
C GLU A 382 -9.04 27.78 -8.12
N LEU A 383 -8.24 28.58 -7.42
CA LEU A 383 -6.99 29.08 -8.01
C LEU A 383 -5.86 28.08 -7.82
N ALA A 384 -5.71 27.59 -6.61
CA ALA A 384 -4.68 26.62 -6.34
C ALA A 384 -4.82 25.36 -7.20
N ASN A 385 -6.08 24.96 -7.44
CA ASN A 385 -6.38 23.85 -8.32
C ASN A 385 -6.15 24.19 -9.78
N THR A 386 -6.44 25.43 -10.16
CA THR A 386 -6.18 25.87 -11.53
C THR A 386 -4.65 25.87 -11.85
N ILE A 387 -3.83 26.25 -10.88
CA ILE A 387 -2.41 26.41 -11.11
C ILE A 387 -1.81 25.03 -11.35
N TYR A 388 -2.01 24.12 -10.40
CA TYR A 388 -1.66 22.67 -10.51
C TYR A 388 -2.00 22.01 -11.82
N SER A 389 -3.27 22.15 -12.22
CA SER A 389 -3.76 21.64 -13.47
C SER A 389 -3.05 22.23 -14.65
N ARG A 390 -2.70 23.50 -14.58
CA ARG A 390 -2.04 24.13 -15.71
C ARG A 390 -0.56 23.82 -15.76
N LEU A 391 0.03 23.75 -14.58
CA LEU A 391 1.46 23.45 -14.44
C LEU A 391 1.83 21.98 -14.71
N TYR A 392 0.91 21.03 -14.53
CA TYR A 392 1.20 19.61 -14.87
C TYR A 392 0.34 19.04 -15.99
N ALA A 393 -0.09 19.96 -16.86
CA ALA A 393 -0.41 19.66 -18.23
C ALA A 393 0.89 19.43 -18.98
N LYS A 394 0.89 18.51 -19.95
CA LYS A 394 2.02 18.35 -20.89
C LYS A 394 1.86 19.36 -22.05
N SER A 395 2.92 20.14 -22.34
CA SER A 395 2.89 21.21 -23.37
C SER A 395 2.56 20.66 -24.76
N GLY A 396 2.09 21.55 -25.64
CA GLY A 396 1.74 21.18 -27.02
C GLY A 396 0.85 19.95 -27.17
N THR A 397 0.02 19.68 -26.17
CA THR A 397 -0.99 18.60 -26.19
C THR A 397 -2.27 19.22 -25.56
N PRO A 398 -3.08 19.95 -26.39
CA PRO A 398 -4.17 20.81 -25.91
C PRO A 398 -5.16 20.25 -24.85
N LEU A 399 -5.43 21.08 -23.85
CA LEU A 399 -6.46 20.80 -22.88
C LEU A 399 -7.85 21.18 -23.41
N SER A 400 -8.87 20.42 -23.02
CA SER A 400 -10.25 20.65 -23.45
C SER A 400 -11.00 21.54 -22.44
N VAL A 401 -11.96 22.33 -22.91
CA VAL A 401 -12.83 23.13 -22.03
C VAL A 401 -13.74 22.26 -21.13
N GLY A 402 -13.75 22.56 -19.83
CA GLY A 402 -14.50 21.77 -18.84
C GLY A 402 -15.87 22.39 -18.55
N THR A 403 -16.86 21.52 -18.29
CA THR A 403 -18.20 21.97 -17.89
C THR A 403 -18.65 21.20 -16.65
N SER A 404 -19.39 21.88 -15.77
CA SER A 404 -20.13 21.26 -14.67
C SER A 404 -21.56 21.75 -14.89
N VAL A 405 -22.48 21.42 -13.97
CA VAL A 405 -23.88 21.84 -14.13
C VAL A 405 -24.31 22.59 -12.88
N TYR A 406 -25.07 23.66 -13.08
CA TYR A 406 -25.70 24.36 -11.99
C TYR A 406 -27.23 24.27 -12.10
N ALA A 407 -27.78 24.53 -13.27
CA ALA A 407 -29.16 24.27 -13.48
C ALA A 407 -29.23 23.38 -14.72
N GLY A 408 -29.73 22.17 -14.50
CA GLY A 408 -29.73 21.14 -15.52
C GLY A 408 -31.06 20.66 -16.05
N THR A 409 -32.16 21.24 -15.58
CA THR A 409 -33.51 20.79 -15.92
C THR A 409 -34.42 21.98 -16.20
N VAL A 410 -35.22 21.82 -17.25
CA VAL A 410 -36.41 22.60 -17.53
C VAL A 410 -37.45 21.50 -17.78
N THR A 411 -38.68 21.72 -17.34
CA THR A 411 -39.69 20.70 -17.25
C THR A 411 -40.93 21.14 -17.98
N MET A 412 -41.39 20.29 -18.91
CA MET A 412 -42.61 20.46 -19.66
C MET A 412 -43.81 20.78 -18.76
N ALA A 413 -44.63 21.76 -19.15
CA ALA A 413 -45.86 22.10 -18.38
C ALA A 413 -46.94 21.08 -18.72
N THR A 414 -47.14 20.89 -20.01
CA THR A 414 -48.07 19.89 -20.56
C THR A 414 -47.36 18.93 -21.53
N TYR A 415 -48.10 18.06 -22.18
CA TYR A 415 -47.45 17.25 -23.18
C TYR A 415 -46.77 18.11 -24.26
N THR A 416 -47.20 19.36 -24.47
CA THR A 416 -46.65 20.12 -25.59
C THR A 416 -46.14 21.54 -25.29
N GLN A 417 -46.66 22.14 -24.23
CA GLN A 417 -46.19 23.44 -23.76
C GLN A 417 -44.86 23.39 -22.97
N LEU A 418 -43.77 23.90 -23.53
CA LEU A 418 -42.51 24.05 -22.78
C LEU A 418 -42.43 25.46 -22.21
N PRO A 419 -42.28 25.62 -20.87
CA PRO A 419 -42.10 27.01 -20.40
C PRO A 419 -40.69 27.53 -20.62
N ALA A 420 -40.60 28.86 -20.63
CA ALA A 420 -39.32 29.57 -20.57
C ALA A 420 -38.51 29.01 -19.41
N GLY A 421 -37.23 28.76 -19.66
CA GLY A 421 -36.38 28.14 -18.65
C GLY A 421 -34.97 28.47 -19.03
N THR A 422 -34.07 28.18 -18.12
CA THR A 422 -32.71 28.54 -18.35
C THR A 422 -31.78 27.51 -17.72
N PHE A 423 -30.95 26.87 -18.57
CA PHE A 423 -29.89 26.01 -18.11
C PHE A 423 -28.67 26.88 -17.89
N ILE A 424 -27.79 26.39 -17.02
CA ILE A 424 -26.62 27.10 -16.61
C ILE A 424 -25.48 26.12 -16.38
N LEU A 425 -24.35 26.37 -17.04
CA LEU A 425 -23.20 25.49 -16.94
C LEU A 425 -21.87 26.21 -16.57
N PRO A 426 -21.44 26.09 -15.29
CA PRO A 426 -20.13 26.64 -14.90
C PRO A 426 -18.97 25.92 -15.58
N LEU A 427 -17.96 26.68 -15.97
CA LEU A 427 -16.76 26.07 -16.47
C LEU A 427 -15.89 25.55 -15.33
N THR A 428 -15.36 24.35 -15.52
CA THR A 428 -14.46 23.73 -14.55
C THR A 428 -13.04 23.93 -14.97
N GLN A 429 -12.85 24.19 -16.26
CA GLN A 429 -11.54 24.32 -16.88
C GLN A 429 -11.67 25.26 -18.07
N GLY A 430 -10.93 26.38 -18.00
CA GLY A 430 -11.12 27.45 -18.94
C GLY A 430 -12.07 28.53 -18.44
N THR A 431 -12.06 29.66 -19.14
CA THR A 431 -12.63 30.90 -18.66
C THR A 431 -13.33 31.69 -19.79
N LEU A 432 -14.66 31.82 -19.74
CA LEU A 432 -15.41 32.47 -20.82
C LEU A 432 -14.96 33.89 -20.97
N LYS A 433 -14.91 34.36 -22.19
CA LYS A 433 -14.80 35.78 -22.42
C LYS A 433 -15.96 36.46 -21.65
N PRO A 434 -15.74 37.67 -21.11
CA PRO A 434 -16.85 38.30 -20.36
C PRO A 434 -18.13 38.44 -21.18
N VAL A 435 -18.06 38.55 -22.51
CA VAL A 435 -19.25 38.44 -23.35
C VAL A 435 -18.96 37.50 -24.51
N ILE A 436 -19.45 36.23 -24.40
CA ILE A 436 -19.47 35.24 -25.50
C ILE A 436 -20.47 35.58 -26.60
N SER A 437 -20.11 35.20 -27.82
CA SER A 437 -20.98 35.27 -29.02
C SER A 437 -21.56 33.86 -29.33
N ALA A 438 -22.68 33.82 -30.06
CA ALA A 438 -23.38 32.55 -30.38
C ALA A 438 -22.50 31.45 -31.03
N SER A 439 -21.59 31.87 -31.89
CA SER A 439 -20.58 30.99 -32.50
C SER A 439 -19.72 30.19 -31.51
N ASP A 440 -19.70 30.65 -30.26
CA ASP A 440 -18.87 30.07 -29.21
C ASP A 440 -19.56 28.90 -28.46
N VAL A 441 -20.88 28.75 -28.65
CA VAL A 441 -21.68 27.68 -28.02
C VAL A 441 -22.65 27.09 -29.07
N THR A 442 -22.74 25.76 -29.09
CA THR A 442 -23.68 25.06 -29.99
C THR A 442 -24.52 24.14 -29.13
N VAL A 443 -25.84 24.28 -29.31
CA VAL A 443 -26.85 23.53 -28.59
C VAL A 443 -27.48 22.48 -29.50
N SER A 444 -27.35 21.22 -29.10
CA SER A 444 -27.97 20.08 -29.75
C SER A 444 -29.14 19.53 -28.97
N GLY A 445 -30.31 19.46 -29.63
CA GLY A 445 -31.44 18.68 -29.13
C GLY A 445 -32.53 19.48 -28.48
N ILE A 446 -32.55 20.80 -28.72
CA ILE A 446 -33.73 21.59 -28.40
C ILE A 446 -34.66 21.15 -29.50
N PRO A 447 -35.90 20.78 -29.14
CA PRO A 447 -36.84 20.28 -30.16
C PRO A 447 -37.28 21.41 -31.10
N ALA A 448 -37.54 21.09 -32.35
CA ALA A 448 -37.83 22.13 -33.34
C ALA A 448 -39.14 22.84 -33.00
N GLY A 449 -39.19 24.10 -33.44
CA GLY A 449 -40.19 25.09 -33.00
C GLY A 449 -39.62 26.17 -32.06
N ILE A 450 -38.65 25.78 -31.25
CA ILE A 450 -38.30 26.45 -30.00
C ILE A 450 -36.99 27.22 -30.14
N THR A 451 -37.09 28.56 -30.12
CA THR A 451 -35.92 29.44 -30.17
C THR A 451 -35.16 29.46 -28.85
N TYR A 452 -33.83 29.40 -28.97
CA TYR A 452 -32.92 29.47 -27.87
C TYR A 452 -31.79 30.51 -28.10
N THR A 453 -31.25 31.08 -27.01
CA THR A 453 -30.11 32.02 -27.06
C THR A 453 -29.05 31.51 -26.09
N VAL A 454 -27.78 31.75 -26.38
CA VAL A 454 -26.70 31.51 -25.39
C VAL A 454 -26.12 32.81 -24.89
N ALA A 455 -25.45 32.79 -23.74
CA ALA A 455 -24.82 33.99 -23.16
C ALA A 455 -24.08 33.66 -21.81
N ASN A 456 -23.57 34.68 -21.14
CA ASN A 456 -22.91 34.48 -19.84
C ASN A 456 -23.98 34.61 -18.72
N ALA A 457 -23.95 33.73 -17.73
CA ALA A 457 -24.99 33.70 -16.76
C ALA A 457 -24.73 34.79 -15.77
N ALA A 458 -25.69 35.70 -15.66
CA ALA A 458 -25.77 36.68 -14.59
C ALA A 458 -25.51 36.10 -13.22
N ASP A 459 -24.77 36.81 -12.38
CA ASP A 459 -24.37 36.38 -11.02
C ASP A 459 -23.57 35.08 -11.01
N HIS A 460 -22.76 34.86 -12.05
CA HIS A 460 -21.78 33.77 -12.05
C HIS A 460 -20.50 34.30 -12.71
N ARG A 461 -19.34 34.02 -12.11
CA ARG A 461 -18.11 34.48 -12.74
C ARG A 461 -17.82 33.88 -14.16
N ASN A 462 -18.23 32.62 -14.34
CA ASN A 462 -17.69 31.80 -15.43
C ASN A 462 -18.62 30.64 -15.78
N ALA A 463 -19.65 30.92 -16.59
CA ALA A 463 -20.77 30.00 -16.82
C ALA A 463 -21.61 30.44 -17.99
N VAL A 464 -22.04 29.42 -18.75
CA VAL A 464 -22.89 29.60 -19.90
C VAL A 464 -24.34 29.54 -19.45
N ALA A 465 -25.19 30.23 -20.19
CA ALA A 465 -26.61 30.19 -20.00
C ALA A 465 -27.24 29.92 -21.37
N VAL A 466 -27.95 28.79 -21.48
CA VAL A 466 -28.85 28.57 -22.61
C VAL A 466 -30.18 29.03 -22.10
N TYR A 467 -30.67 30.16 -22.64
CA TYR A 467 -32.01 30.71 -22.33
C TYR A 467 -32.86 30.04 -23.37
N VAL A 468 -33.87 29.30 -22.89
CA VAL A 468 -34.76 28.48 -23.71
C VAL A 468 -36.08 29.15 -23.61
N ASN A 469 -36.60 29.60 -24.74
CA ASN A 469 -37.78 30.44 -24.72
C ASN A 469 -39.02 29.53 -24.59
N GLY A 470 -40.11 30.10 -24.10
CA GLY A 470 -41.34 29.33 -23.99
C GLY A 470 -41.66 28.77 -25.36
N GLY A 471 -42.42 27.69 -25.40
CA GLY A 471 -43.07 27.36 -26.65
C GLY A 471 -43.93 26.14 -26.72
N THR A 472 -44.45 25.92 -27.93
CA THR A 472 -45.12 24.68 -28.26
C THR A 472 -44.20 23.75 -29.09
N VAL A 473 -43.99 22.55 -28.57
CA VAL A 473 -43.21 21.48 -29.21
C VAL A 473 -44.17 20.81 -30.23
N ALA A 474 -43.61 20.24 -31.31
CA ALA A 474 -44.41 19.76 -32.49
C ALA A 474 -45.20 18.49 -32.19
N SER A 475 -44.68 17.66 -31.28
CA SER A 475 -45.32 16.43 -30.83
C SER A 475 -45.13 16.23 -29.33
N ASN A 476 -45.96 15.34 -28.81
CA ASN A 476 -46.10 15.15 -27.38
C ASN A 476 -44.80 14.65 -26.71
N VAL A 477 -44.49 15.18 -25.53
CA VAL A 477 -43.21 14.88 -24.93
C VAL A 477 -43.50 13.94 -23.77
N TYR A 478 -43.14 12.67 -23.98
CA TYR A 478 -43.40 11.59 -23.03
C TYR A 478 -42.15 11.21 -22.32
N ASP A 479 -41.02 11.36 -22.98
CA ASP A 479 -39.74 10.96 -22.42
C ASP A 479 -38.82 12.14 -22.27
N PRO A 480 -37.89 12.12 -21.27
CA PRO A 480 -36.85 13.16 -21.26
C PRO A 480 -36.19 13.33 -22.60
N ILE A 481 -35.86 14.59 -22.94
CA ILE A 481 -35.06 14.98 -24.11
C ILE A 481 -33.64 15.38 -23.66
N ASP A 482 -32.61 14.71 -24.15
CA ASP A 482 -31.23 15.11 -23.85
C ASP A 482 -30.85 16.33 -24.67
N VAL A 483 -30.56 17.44 -23.98
CA VAL A 483 -29.97 18.60 -24.61
C VAL A 483 -28.46 18.55 -24.47
N ARG A 484 -27.76 18.77 -25.57
CA ARG A 484 -26.29 18.71 -25.59
C ARG A 484 -25.67 20.13 -25.85
N VAL A 485 -24.82 20.59 -24.93
CA VAL A 485 -24.23 21.93 -24.99
C VAL A 485 -22.73 21.77 -25.25
N VAL A 486 -22.23 22.35 -26.34
CA VAL A 486 -20.76 22.38 -26.63
C VAL A 486 -20.14 23.78 -26.48
N VAL A 487 -19.12 23.84 -25.61
CA VAL A 487 -18.41 25.10 -25.32
C VAL A 487 -17.08 25.11 -26.08
N LYS A 488 -17.07 25.94 -27.12
CA LYS A 488 -16.04 25.94 -28.15
C LYS A 488 -14.83 26.70 -27.67
N ALA A 489 -13.70 26.43 -28.29
CA ALA A 489 -12.43 27.02 -27.89
C ALA A 489 -12.46 28.53 -28.05
N SER A 490 -13.16 28.99 -29.09
CA SER A 490 -13.37 30.39 -29.34
C SER A 490 -14.13 31.15 -28.23
N ALA A 491 -14.95 30.44 -27.43
CA ALA A 491 -15.62 30.99 -26.22
C ALA A 491 -14.69 31.43 -25.10
N VAL A 492 -13.53 30.79 -25.04
CA VAL A 492 -12.75 30.83 -23.85
C VAL A 492 -11.53 31.77 -24.02
N LEU A 493 -10.87 32.19 -22.94
CA LEU A 493 -9.82 33.28 -22.98
C LEU A 493 -8.42 32.75 -23.05
N GLU A 494 -8.25 31.55 -22.54
CA GLU A 494 -6.99 30.86 -22.59
C GLU A 494 -6.55 30.54 -24.06
N ALA A 495 -5.39 29.91 -24.20
CA ALA A 495 -4.65 29.93 -25.48
C ALA A 495 -4.99 28.74 -26.37
N ASN A 496 -4.33 27.62 -26.13
CA ASN A 496 -4.44 26.46 -27.02
C ASN A 496 -5.37 25.52 -26.28
N MET A 497 -6.66 25.67 -26.56
CA MET A 497 -7.67 24.86 -25.91
C MET A 497 -8.64 24.34 -26.93
N THR A 498 -9.16 23.13 -26.65
CA THR A 498 -9.99 22.39 -27.58
C THR A 498 -11.43 22.55 -27.11
N ASP A 499 -12.38 22.37 -28.03
CA ASP A 499 -13.81 22.26 -27.69
C ASP A 499 -14.10 21.31 -26.48
N SER A 500 -15.20 21.62 -25.74
CA SER A 500 -15.66 20.80 -24.59
C SER A 500 -16.41 19.62 -25.09
N ALA A 501 -16.23 18.48 -24.40
CA ALA A 501 -17.16 17.35 -24.45
C ALA A 501 -18.60 17.88 -24.38
N PRO A 502 -19.52 17.28 -25.17
CA PRO A 502 -20.87 17.89 -25.31
C PRO A 502 -21.72 17.64 -24.06
N ALA A 503 -21.98 18.71 -23.29
CA ALA A 503 -22.51 18.57 -21.93
C ALA A 503 -24.01 18.30 -21.91
N SER A 504 -24.39 17.43 -20.96
CA SER A 504 -25.71 16.84 -20.93
C SER A 504 -26.58 17.51 -19.90
N VAL A 505 -27.66 18.12 -20.40
CA VAL A 505 -28.72 18.67 -19.57
C VAL A 505 -30.05 18.14 -20.09
N THR A 506 -31.18 18.60 -19.55
CA THR A 506 -32.38 17.78 -19.68
C THR A 506 -33.64 18.62 -19.74
N ILE A 507 -34.47 18.37 -20.75
CA ILE A 507 -35.86 18.79 -20.74
C ILE A 507 -36.73 17.61 -20.22
N MET A 508 -37.27 17.72 -19.01
CA MET A 508 -38.10 16.67 -18.40
C MET A 508 -39.55 16.72 -18.88
N PRO A 509 -40.19 15.54 -18.95
CA PRO A 509 -41.59 15.56 -19.28
C PRO A 509 -42.36 15.99 -18.08
N LYS A 510 -43.59 16.42 -18.37
CA LYS A 510 -44.50 16.95 -17.38
C LYS A 510 -44.63 16.16 -16.12
N PHE A 511 -44.39 14.85 -16.16
CA PHE A 511 -44.59 14.06 -14.93
C PHE A 511 -43.47 14.14 -13.93
N GLY A 512 -42.30 14.54 -14.38
CA GLY A 512 -41.23 14.87 -13.45
C GLY A 512 -40.30 13.71 -13.21
N PRO A 513 -39.51 13.77 -12.14
CA PRO A 513 -38.55 12.71 -11.85
C PRO A 513 -39.22 11.41 -11.45
N ILE A 514 -38.52 10.28 -11.57
CA ILE A 514 -39.02 8.97 -11.09
C ILE A 514 -38.50 8.85 -9.67
N LEU A 515 -39.18 8.06 -8.87
CA LEU A 515 -38.70 7.67 -7.56
C LEU A 515 -38.99 6.16 -7.41
N LEU A 516 -37.92 5.42 -7.27
CA LEU A 516 -37.92 4.01 -7.51
C LEU A 516 -37.47 3.32 -6.25
N GLY A 517 -38.27 2.37 -5.77
CA GLY A 517 -37.85 1.53 -4.65
C GLY A 517 -37.53 0.09 -5.07
N TYR A 518 -36.39 -0.40 -4.58
CA TYR A 518 -36.11 -1.80 -4.64
C TYR A 518 -36.94 -2.41 -3.54
N VAL A 519 -37.85 -3.31 -3.91
CA VAL A 519 -38.72 -4.01 -2.96
C VAL A 519 -38.29 -5.48 -2.91
N PRO A 520 -37.79 -5.93 -1.75
CA PRO A 520 -37.27 -7.30 -1.70
C PRO A 520 -38.36 -8.37 -1.70
N GLY A 521 -38.18 -9.39 -2.51
CA GLY A 521 -39.10 -10.52 -2.54
C GLY A 521 -39.10 -11.49 -1.37
N TRP A 522 -38.11 -11.43 -0.49
CA TRP A 522 -38.05 -12.29 0.70
C TRP A 522 -38.82 -11.67 1.88
N VAL A 523 -39.66 -10.67 1.63
CA VAL A 523 -40.61 -10.24 2.65
C VAL A 523 -41.95 -10.67 2.05
N ASP A 524 -42.78 -11.27 2.92
CA ASP A 524 -44.16 -11.55 2.61
C ASP A 524 -44.97 -10.27 2.88
N TRP A 525 -44.98 -9.40 1.88
CA TRP A 525 -45.69 -8.14 1.95
C TRP A 525 -47.17 -8.36 2.16
N THR A 526 -47.74 -9.48 1.70
CA THR A 526 -49.18 -9.70 1.95
C THR A 526 -49.52 -9.73 3.46
N ASN A 527 -48.60 -10.18 4.30
CA ASN A 527 -48.84 -10.33 5.71
C ASN A 527 -48.02 -9.41 6.60
N SER A 528 -47.05 -8.69 6.03
CA SER A 528 -46.36 -7.59 6.71
C SER A 528 -47.36 -6.52 7.07
N ALA A 529 -47.30 -6.08 8.32
CA ALA A 529 -48.00 -4.86 8.74
C ALA A 529 -47.47 -3.60 8.03
N TYR A 530 -46.26 -3.67 7.49
CA TYR A 530 -45.66 -2.55 6.82
C TYR A 530 -45.82 -2.75 5.32
N LYS A 531 -46.53 -1.81 4.69
CA LYS A 531 -46.87 -1.85 3.28
C LYS A 531 -46.07 -0.87 2.47
N VAL A 532 -46.20 -1.04 1.16
CA VAL A 532 -45.54 -0.24 0.15
C VAL A 532 -46.44 0.93 -0.28
N ASP A 533 -45.82 2.07 -0.45
CA ASP A 533 -46.51 3.35 -0.62
C ASP A 533 -46.51 3.70 -2.08
N ALA A 534 -47.44 3.08 -2.80
CA ALA A 534 -47.51 3.22 -4.25
C ALA A 534 -47.87 4.61 -4.74
N THR A 535 -48.32 5.47 -3.82
CA THR A 535 -48.65 6.86 -4.16
C THR A 535 -47.40 7.74 -4.32
N LYS A 536 -46.34 7.45 -3.57
CA LYS A 536 -45.07 8.20 -3.62
C LYS A 536 -44.04 7.62 -4.62
N LEU A 537 -44.12 6.32 -4.86
CA LEU A 537 -43.25 5.70 -5.83
C LEU A 537 -43.93 5.88 -7.19
N THR A 538 -43.09 6.09 -8.18
CA THR A 538 -43.41 5.97 -9.58
C THR A 538 -43.03 4.57 -10.07
N HIS A 539 -42.00 3.99 -9.41
CA HIS A 539 -41.31 2.77 -9.85
C HIS A 539 -40.94 1.85 -8.66
N ILE A 540 -41.17 0.57 -8.87
CA ILE A 540 -40.70 -0.51 -8.01
C ILE A 540 -39.89 -1.49 -8.85
N ASN A 541 -38.89 -2.04 -8.20
CA ASN A 541 -38.02 -3.04 -8.76
C ASN A 541 -38.13 -4.19 -7.78
N TYR A 542 -38.77 -5.25 -8.23
CA TYR A 542 -38.86 -6.43 -7.36
C TYR A 542 -37.52 -7.17 -7.43
N ALA A 543 -36.95 -7.35 -6.25
CA ALA A 543 -35.65 -7.95 -6.11
C ALA A 543 -35.81 -9.31 -5.40
N PHE A 544 -35.51 -10.45 -6.06
CA PHE A 544 -35.13 -10.58 -7.51
C PHE A 544 -35.73 -11.80 -8.23
N ALA A 545 -35.63 -11.85 -9.55
CA ALA A 545 -35.60 -13.15 -10.29
C ALA A 545 -34.14 -13.66 -10.35
N ARG A 546 -33.88 -14.81 -10.96
CA ARG A 546 -32.53 -15.38 -11.05
C ARG A 546 -32.27 -16.15 -12.31
N ILE A 547 -31.03 -16.58 -12.54
CA ILE A 547 -30.71 -17.44 -13.70
C ILE A 547 -30.32 -18.89 -13.29
N LYS A 548 -30.85 -19.85 -14.05
CA LYS A 548 -30.69 -21.30 -13.83
C LYS A 548 -30.82 -22.01 -15.18
N ASP A 549 -29.80 -22.80 -15.53
CA ASP A 549 -29.67 -23.40 -16.87
C ASP A 549 -30.02 -22.41 -17.96
N ASN A 550 -29.49 -21.17 -17.89
CA ASN A 550 -29.78 -20.18 -18.93
C ASN A 550 -31.30 -19.75 -18.98
N LYS A 551 -32.02 -19.92 -17.86
CA LYS A 551 -33.42 -19.53 -17.73
C LYS A 551 -33.61 -18.57 -16.56
N VAL A 552 -34.54 -17.64 -16.72
CA VAL A 552 -35.02 -16.78 -15.62
C VAL A 552 -36.06 -17.54 -14.83
N VAL A 553 -35.84 -17.62 -13.52
CA VAL A 553 -36.66 -18.35 -12.57
C VAL A 553 -36.77 -17.54 -11.28
N LYS A 554 -37.77 -17.88 -10.47
CA LYS A 554 -37.97 -17.26 -9.18
C LYS A 554 -36.75 -17.46 -8.32
N ILE A 555 -36.60 -16.65 -7.28
CA ILE A 555 -35.45 -16.78 -6.35
C ILE A 555 -35.42 -18.15 -5.61
N SER A 556 -36.57 -18.75 -5.38
CA SER A 556 -36.63 -20.05 -4.70
C SER A 556 -36.18 -21.25 -5.54
N GLU A 557 -35.97 -21.05 -6.82
CA GLU A 557 -35.39 -22.08 -7.67
C GLU A 557 -33.83 -22.02 -7.69
N ASP A 558 -33.25 -20.82 -7.59
CA ASP A 558 -31.78 -20.61 -7.60
C ASP A 558 -31.18 -21.30 -6.37
N ILE A 559 -30.40 -22.32 -6.67
CA ILE A 559 -29.88 -23.25 -5.67
C ILE A 559 -28.88 -22.54 -4.78
N ASN A 560 -28.02 -21.72 -5.39
CA ASN A 560 -27.00 -20.92 -4.66
C ASN A 560 -27.67 -20.18 -3.52
N TRP A 561 -28.82 -19.57 -3.85
CA TRP A 561 -29.55 -18.74 -2.90
C TRP A 561 -30.23 -19.61 -1.89
N VAL A 562 -30.97 -20.62 -2.37
CA VAL A 562 -31.75 -21.45 -1.45
C VAL A 562 -30.78 -22.00 -0.42
N ASN A 563 -29.71 -22.59 -0.96
CA ASN A 563 -28.63 -23.23 -0.19
C ASN A 563 -27.45 -22.27 0.16
N GLU A 564 -27.72 -21.01 0.50
CA GLU A 564 -26.68 -20.09 1.01
C GLU A 564 -26.18 -20.58 2.36
N PHE A 565 -27.12 -20.99 3.20
CA PHE A 565 -26.80 -21.48 4.52
C PHE A 565 -27.25 -22.94 4.64
N PRO A 566 -26.47 -23.80 5.33
CA PRO A 566 -26.90 -25.19 5.51
C PRO A 566 -28.16 -25.33 6.38
N SER A 567 -28.17 -24.65 7.54
CA SER A 567 -29.28 -24.69 8.50
C SER A 567 -30.65 -24.79 7.83
N GLU A 568 -31.43 -25.82 8.20
CA GLU A 568 -32.66 -26.20 7.46
C GLU A 568 -33.89 -25.30 7.71
N GLU A 569 -33.99 -24.69 8.89
CA GLU A 569 -35.11 -23.78 9.15
C GLU A 569 -35.01 -22.43 8.41
N ILE A 570 -33.81 -22.07 7.97
CA ILE A 570 -33.65 -21.05 6.94
C ILE A 570 -34.07 -21.68 5.62
N ARG A 571 -33.28 -22.64 5.16
CA ARG A 571 -33.45 -23.24 3.82
C ARG A 571 -34.91 -23.48 3.36
N GLU A 572 -35.76 -23.81 4.33
CA GLU A 572 -37.21 -24.00 4.14
C GLU A 572 -37.92 -22.68 3.75
N GLN A 573 -37.72 -21.64 4.57
CA GLN A 573 -38.22 -20.29 4.28
C GLN A 573 -37.79 -19.81 2.89
N ARG A 574 -36.53 -20.04 2.59
CA ARG A 574 -35.98 -19.79 1.27
C ARG A 574 -36.69 -20.55 0.12
N ARG A 575 -37.00 -21.84 0.33
CA ARG A 575 -37.66 -22.64 -0.72
C ARG A 575 -39.13 -22.26 -0.89
N ASN A 576 -39.75 -21.79 0.20
CA ASN A 576 -41.13 -21.33 0.21
C ASN A 576 -41.17 -19.80 0.31
N ASN A 577 -40.52 -19.19 -0.68
CA ASN A 577 -40.40 -17.78 -0.71
C ASN A 577 -41.73 -17.32 -1.30
N PRO A 578 -42.38 -16.32 -0.65
CA PRO A 578 -43.75 -15.91 -0.98
C PRO A 578 -43.88 -15.08 -2.28
N ASP A 579 -43.28 -15.57 -3.40
CA ASP A 579 -43.22 -14.83 -4.66
C ASP A 579 -44.64 -14.68 -5.23
N ASP A 580 -45.42 -15.76 -5.16
CA ASP A 580 -46.74 -15.76 -5.81
C ASP A 580 -47.65 -14.74 -5.14
N ALA A 581 -47.54 -14.72 -3.83
CA ALA A 581 -48.26 -13.80 -2.97
C ALA A 581 -47.88 -12.40 -3.33
N ASN A 582 -46.57 -12.11 -3.25
CA ASN A 582 -46.06 -10.75 -3.49
C ASN A 582 -46.36 -10.21 -4.87
N PHE A 583 -46.42 -11.09 -5.89
CA PHE A 583 -46.76 -10.72 -7.26
C PHE A 583 -48.23 -10.29 -7.39
N ALA A 584 -49.08 -11.01 -6.68
CA ALA A 584 -50.51 -10.70 -6.53
C ALA A 584 -50.65 -9.43 -5.74
N TYR A 585 -49.85 -9.27 -4.69
CA TYR A 585 -49.89 -8.05 -3.88
C TYR A 585 -49.52 -6.85 -4.74
N LEU A 586 -48.50 -6.99 -5.57
CA LEU A 586 -48.05 -5.88 -6.44
C LEU A 586 -49.08 -5.54 -7.50
N LYS A 587 -49.76 -6.56 -8.01
CA LYS A 587 -50.92 -6.41 -8.90
C LYS A 587 -52.06 -5.56 -8.30
N THR A 588 -52.37 -5.77 -7.03
CA THR A 588 -53.31 -4.87 -6.35
C THR A 588 -52.78 -3.43 -6.22
N LEU A 589 -51.55 -3.22 -5.75
CA LEU A 589 -50.93 -1.86 -5.94
C LEU A 589 -51.07 -1.21 -7.35
N LYS A 590 -50.90 -1.99 -8.42
CA LYS A 590 -50.92 -1.47 -9.81
C LYS A 590 -52.31 -1.05 -10.26
N GLN A 591 -53.28 -1.92 -9.97
CA GLN A 591 -54.72 -1.65 -10.14
C GLN A 591 -55.16 -0.40 -9.36
N GLN A 592 -54.79 -0.36 -8.09
CA GLN A 592 -55.00 0.81 -7.25
C GLN A 592 -54.27 2.11 -7.64
N ASN A 593 -53.15 2.02 -8.40
CA ASN A 593 -52.38 3.21 -8.84
C ASN A 593 -51.78 3.02 -10.26
N PRO A 594 -52.60 3.31 -11.30
CA PRO A 594 -52.35 2.81 -12.64
C PRO A 594 -51.15 3.40 -13.38
N SER A 595 -50.52 4.45 -12.87
CA SER A 595 -49.25 4.92 -13.45
C SER A 595 -48.02 4.23 -12.80
N LEU A 596 -48.22 3.59 -11.63
CA LEU A 596 -47.14 2.80 -11.02
C LEU A 596 -46.53 1.75 -12.00
N LYS A 597 -45.20 1.77 -12.15
CA LYS A 597 -44.49 0.84 -12.98
C LYS A 597 -43.68 -0.08 -12.08
N VAL A 598 -43.95 -1.39 -12.13
CA VAL A 598 -43.25 -2.39 -11.37
C VAL A 598 -42.46 -3.25 -12.36
N LEU A 599 -41.18 -3.43 -12.08
CA LEU A 599 -40.26 -4.14 -12.96
C LEU A 599 -39.64 -5.27 -12.14
N VAL A 600 -39.24 -6.34 -12.84
CA VAL A 600 -38.46 -7.46 -12.27
C VAL A 600 -36.93 -7.17 -12.39
N SER A 601 -36.22 -7.22 -11.26
CA SER A 601 -34.73 -7.26 -11.25
C SER A 601 -34.21 -8.66 -11.35
N ILE A 602 -33.65 -9.02 -12.51
CA ILE A 602 -32.94 -10.28 -12.65
C ILE A 602 -31.53 -10.11 -12.05
N GLY A 603 -31.26 -10.73 -10.91
CA GLY A 603 -29.90 -11.00 -10.54
C GLY A 603 -29.54 -10.48 -9.20
N GLY A 604 -28.60 -9.54 -9.17
CA GLY A 604 -28.18 -8.88 -7.95
C GLY A 604 -26.95 -9.58 -7.44
N TRP A 605 -26.59 -9.33 -6.18
CA TRP A 605 -25.36 -9.87 -5.61
C TRP A 605 -25.32 -11.40 -5.72
N ALA A 606 -24.14 -11.96 -5.97
CA ALA A 606 -23.95 -13.43 -6.09
C ALA A 606 -24.79 -14.14 -7.19
N ALA A 607 -25.39 -13.37 -8.09
CA ALA A 607 -26.25 -13.97 -9.10
C ALA A 607 -25.38 -14.55 -10.19
N GLU A 608 -25.47 -15.87 -10.31
CA GLU A 608 -24.70 -16.56 -11.29
C GLU A 608 -25.53 -16.60 -12.53
N GLY A 609 -24.87 -16.81 -13.68
CA GLY A 609 -25.54 -17.19 -14.89
C GLY A 609 -25.32 -16.20 -15.99
N PHE A 610 -24.91 -14.99 -15.64
CA PHE A 610 -24.94 -13.90 -16.66
C PHE A 610 -23.87 -14.06 -17.78
N SER A 611 -22.63 -14.38 -17.38
CA SER A 611 -21.54 -14.37 -18.37
C SER A 611 -21.80 -15.43 -19.40
N ASP A 612 -22.04 -16.66 -18.90
CA ASP A 612 -22.44 -17.81 -19.73
C ASP A 612 -23.59 -17.40 -20.68
N ALA A 613 -24.61 -16.76 -20.11
CA ALA A 613 -25.80 -16.39 -20.84
C ALA A 613 -25.58 -15.35 -21.93
N ALA A 614 -24.61 -14.48 -21.71
CA ALA A 614 -24.31 -13.44 -22.69
C ALA A 614 -23.40 -13.87 -23.87
N LEU A 615 -22.86 -15.10 -23.84
CA LEU A 615 -21.78 -15.49 -24.75
C LEU A 615 -22.09 -15.40 -26.23
N THR A 616 -23.07 -16.17 -26.68
CA THR A 616 -23.31 -16.33 -28.13
C THR A 616 -24.67 -15.81 -28.49
N PRO A 617 -24.88 -15.52 -29.76
CA PRO A 617 -26.21 -15.17 -30.20
C PRO A 617 -27.29 -16.22 -29.89
N GLU A 618 -26.91 -17.48 -29.68
CA GLU A 618 -27.87 -18.52 -29.24
C GLU A 618 -28.24 -18.35 -27.74
N THR A 619 -27.24 -18.20 -26.87
CA THR A 619 -27.46 -18.05 -25.42
C THR A 619 -28.15 -16.73 -24.97
N ARG A 620 -27.91 -15.65 -25.73
CA ARG A 620 -28.54 -14.37 -25.46
CA ARG A 620 -28.54 -14.35 -25.50
C ARG A 620 -30.03 -14.51 -25.76
N GLU A 621 -30.34 -15.10 -26.92
CA GLU A 621 -31.73 -15.38 -27.36
C GLU A 621 -32.49 -16.16 -26.30
N GLU A 622 -31.83 -17.10 -25.63
CA GLU A 622 -32.50 -18.01 -24.73
C GLU A 622 -33.03 -17.26 -23.51
N LEU A 623 -32.10 -16.56 -22.85
CA LEU A 623 -32.38 -15.73 -21.67
C LEU A 623 -33.44 -14.64 -21.99
N ALA A 624 -33.28 -13.94 -23.11
CA ALA A 624 -34.24 -12.90 -23.52
C ALA A 624 -35.67 -13.46 -23.49
N ASN A 625 -35.97 -14.38 -24.42
CA ASN A 625 -37.25 -15.14 -24.44
C ASN A 625 -37.73 -15.65 -23.04
N SER A 626 -36.84 -16.16 -22.21
CA SER A 626 -37.18 -16.69 -20.91
C SER A 626 -37.49 -15.62 -19.86
N ALA A 627 -36.84 -14.47 -20.06
CA ALA A 627 -37.01 -13.27 -19.28
C ALA A 627 -38.31 -12.59 -19.72
N ILE A 628 -38.49 -12.41 -21.02
CA ILE A 628 -39.76 -11.90 -21.54
C ILE A 628 -40.96 -12.68 -20.98
N ALA A 629 -40.81 -13.99 -20.85
CA ALA A 629 -41.91 -14.87 -20.52
C ALA A 629 -42.18 -14.84 -19.04
N PHE A 630 -41.12 -14.71 -18.24
CA PHE A 630 -41.23 -14.47 -16.78
C PHE A 630 -41.92 -13.15 -16.55
N MET A 631 -41.49 -12.12 -17.25
CA MET A 631 -42.12 -10.81 -17.14
C MET A 631 -43.65 -10.86 -17.37
N HIS A 632 -44.09 -11.48 -18.45
CA HIS A 632 -45.53 -11.56 -18.79
C HIS A 632 -46.33 -12.39 -17.79
N GLN A 633 -45.68 -13.36 -17.19
CA GLN A 633 -46.39 -14.35 -16.41
C GLN A 633 -46.79 -13.83 -15.00
N TYR A 634 -45.92 -13.05 -14.38
CA TYR A 634 -46.22 -12.55 -13.05
C TYR A 634 -46.51 -11.07 -13.02
N GLY A 635 -46.79 -10.47 -14.18
CA GLY A 635 -47.37 -9.12 -14.23
C GLY A 635 -46.49 -7.86 -14.29
N PHE A 636 -45.27 -7.97 -14.85
CA PHE A 636 -44.30 -6.86 -14.88
C PHE A 636 -44.40 -5.88 -16.07
N ASP A 637 -43.83 -4.69 -15.86
CA ASP A 637 -43.88 -3.53 -16.79
C ASP A 637 -42.50 -3.26 -17.40
N GLY A 638 -41.59 -4.19 -17.23
CA GLY A 638 -40.23 -4.05 -17.74
C GLY A 638 -39.21 -4.87 -16.96
N ILE A 639 -37.98 -4.85 -17.47
CA ILE A 639 -36.87 -5.59 -16.83
C ILE A 639 -35.67 -4.72 -16.34
N ASP A 640 -35.19 -5.00 -15.12
CA ASP A 640 -33.98 -4.44 -14.59
C ASP A 640 -32.93 -5.55 -14.55
N LEU A 641 -31.79 -5.32 -15.16
CA LEU A 641 -30.70 -6.30 -15.09
C LEU A 641 -29.65 -5.83 -14.12
N ASP A 642 -29.18 -6.76 -13.33
CA ASP A 642 -28.47 -6.48 -12.11
C ASP A 642 -27.30 -7.46 -12.12
N TRP A 643 -26.36 -7.20 -13.01
CA TRP A 643 -25.21 -8.03 -13.17
C TRP A 643 -24.09 -7.44 -12.30
N GLU A 644 -23.63 -8.23 -11.33
CA GLU A 644 -22.70 -7.78 -10.29
C GLU A 644 -21.41 -8.63 -10.15
N TYR A 645 -20.40 -8.40 -11.00
CA TYR A 645 -20.36 -7.35 -12.06
C TYR A 645 -19.66 -7.93 -13.29
N PRO A 646 -19.82 -7.31 -14.45
CA PRO A 646 -19.09 -7.85 -15.64
C PRO A 646 -17.54 -7.75 -15.60
N VAL A 647 -16.91 -8.52 -16.50
CA VAL A 647 -15.45 -8.74 -16.65
C VAL A 647 -14.63 -9.04 -15.37
N TYR A 648 -14.95 -8.40 -14.25
CA TYR A 648 -14.23 -8.57 -13.03
C TYR A 648 -14.97 -9.39 -11.99
N GLY A 649 -16.29 -9.59 -12.19
CA GLY A 649 -17.07 -10.55 -11.41
C GLY A 649 -17.02 -10.35 -9.92
N ALA A 650 -16.93 -9.08 -9.51
CA ALA A 650 -16.79 -8.65 -8.10
C ALA A 650 -15.60 -9.30 -7.43
N PHE A 651 -14.52 -9.45 -8.21
CA PHE A 651 -13.28 -10.10 -7.78
C PHE A 651 -13.52 -11.57 -7.41
N GLY A 652 -14.01 -12.35 -8.41
CA GLY A 652 -14.26 -13.81 -8.27
C GLY A 652 -15.44 -14.38 -7.45
N VAL A 653 -16.47 -13.56 -7.20
CA VAL A 653 -17.79 -14.04 -6.67
C VAL A 653 -18.57 -14.71 -7.82
N ILE A 654 -18.29 -14.28 -9.05
CA ILE A 654 -19.08 -14.55 -10.23
C ILE A 654 -18.17 -14.92 -11.40
N LYS A 655 -18.48 -16.00 -12.09
CA LYS A 655 -17.87 -16.20 -13.38
C LYS A 655 -17.92 -14.89 -14.25
N SER A 656 -16.72 -14.36 -14.49
CA SER A 656 -16.47 -13.24 -15.40
C SER A 656 -15.45 -13.57 -16.50
N ARG A 657 -15.44 -12.72 -17.52
CA ARG A 657 -14.62 -12.86 -18.71
C ARG A 657 -14.35 -11.49 -19.32
N PRO A 658 -13.14 -11.24 -19.78
CA PRO A 658 -12.96 -10.10 -20.66
C PRO A 658 -14.13 -9.84 -21.62
N GLU A 659 -14.63 -10.91 -22.24
CA GLU A 659 -15.61 -10.77 -23.35
C GLU A 659 -17.04 -10.39 -22.95
N ASP A 660 -17.32 -10.38 -21.64
CA ASP A 660 -18.48 -9.74 -21.02
C ASP A 660 -18.76 -8.30 -21.48
N LYS A 661 -17.72 -7.51 -21.73
CA LYS A 661 -17.88 -6.08 -22.04
C LYS A 661 -18.81 -5.82 -23.24
N GLN A 662 -18.41 -6.37 -24.39
CA GLN A 662 -19.17 -6.25 -25.63
C GLN A 662 -20.41 -7.16 -25.68
N ASN A 663 -20.43 -8.20 -24.83
CA ASN A 663 -21.56 -9.13 -24.65
C ASN A 663 -22.70 -8.52 -23.87
N PHE A 664 -22.40 -7.94 -22.70
CA PHE A 664 -23.36 -7.17 -21.88
C PHE A 664 -24.13 -6.23 -22.78
N THR A 665 -23.39 -5.56 -23.65
CA THR A 665 -23.92 -4.64 -24.64
C THR A 665 -24.79 -5.30 -25.73
N ALA A 666 -24.50 -6.55 -26.11
CA ALA A 666 -25.36 -7.30 -27.05
C ALA A 666 -26.58 -7.92 -26.30
N LEU A 667 -26.37 -8.35 -25.05
CA LEU A 667 -27.48 -8.72 -24.15
C LEU A 667 -28.52 -7.59 -24.01
N LEU A 668 -28.05 -6.37 -23.85
CA LEU A 668 -28.92 -5.28 -23.61
C LEU A 668 -29.58 -4.92 -24.90
N LYS A 669 -28.82 -4.87 -26.00
CA LYS A 669 -29.37 -4.60 -27.34
C LYS A 669 -30.43 -5.58 -27.72
N LEU A 670 -30.25 -6.84 -27.29
CA LEU A 670 -31.19 -7.91 -27.57
C LEU A 670 -32.49 -7.75 -26.79
N PHE A 671 -32.36 -7.72 -25.45
CA PHE A 671 -33.48 -7.44 -24.52
C PHE A 671 -34.34 -6.31 -24.99
N ARG A 672 -33.71 -5.23 -25.38
CA ARG A 672 -34.46 -4.07 -25.85
C ARG A 672 -35.19 -4.40 -27.11
N GLU A 673 -34.61 -5.22 -27.99
CA GLU A 673 -35.34 -5.57 -29.22
C GLU A 673 -36.52 -6.51 -28.90
N LYS A 674 -36.37 -7.40 -27.91
CA LYS A 674 -37.48 -8.28 -27.55
C LYS A 674 -38.59 -7.53 -26.89
N LEU A 675 -38.19 -6.55 -26.08
CA LEU A 675 -39.14 -5.73 -25.36
C LEU A 675 -39.82 -4.75 -26.30
N ASP A 676 -39.17 -4.34 -27.34
CA ASP A 676 -39.87 -3.51 -28.34
C ASP A 676 -40.89 -4.35 -29.10
N VAL A 677 -40.63 -5.66 -29.24
CA VAL A 677 -41.54 -6.57 -29.89
C VAL A 677 -42.74 -6.75 -29.01
N GLU A 678 -42.47 -7.03 -27.75
CA GLU A 678 -43.55 -7.18 -26.78
C GLU A 678 -44.48 -5.97 -26.82
N GLY A 679 -43.90 -4.79 -26.66
CA GLY A 679 -44.68 -3.58 -26.56
C GLY A 679 -45.54 -3.33 -27.78
N ALA A 680 -45.02 -3.68 -28.95
CA ALA A 680 -45.77 -3.45 -30.17
C ALA A 680 -46.86 -4.52 -30.42
N LEU A 681 -46.83 -5.57 -29.59
CA LEU A 681 -47.89 -6.57 -29.48
C LEU A 681 -48.86 -6.27 -28.38
N HIS A 682 -48.44 -5.83 -27.20
CA HIS A 682 -49.42 -5.58 -26.09
C HIS A 682 -50.00 -4.13 -25.98
N GLY A 683 -49.74 -3.28 -26.97
CA GLY A 683 -50.17 -1.91 -26.89
C GLY A 683 -49.72 -1.19 -25.63
N LYS A 684 -48.47 -1.40 -25.25
CA LYS A 684 -47.92 -0.82 -24.06
C LYS A 684 -46.37 -0.73 -24.17
N TYR A 685 -45.75 0.17 -23.39
CA TYR A 685 -44.29 0.33 -23.36
C TYR A 685 -43.69 -0.43 -22.21
N TYR A 686 -42.68 -1.18 -22.52
CA TYR A 686 -41.96 -1.95 -21.50
C TYR A 686 -40.60 -1.30 -21.30
N GLU A 687 -40.15 -1.21 -20.06
CA GLU A 687 -38.92 -0.53 -19.73
C GLU A 687 -37.80 -1.53 -19.65
N LEU A 688 -36.58 -1.07 -19.97
CA LEU A 688 -35.33 -1.83 -19.66
C LEU A 688 -34.35 -0.95 -18.92
N ALA A 689 -33.90 -1.44 -17.79
CA ALA A 689 -33.03 -0.70 -16.90
C ALA A 689 -31.95 -1.62 -16.35
N ILE A 690 -30.83 -1.04 -15.92
CA ILE A 690 -29.80 -1.79 -15.19
C ILE A 690 -29.51 -1.07 -13.92
N ALA A 691 -28.99 -1.81 -12.96
CA ALA A 691 -28.26 -1.24 -11.84
C ALA A 691 -26.78 -1.31 -12.24
N SER A 692 -26.03 -0.31 -11.77
CA SER A 692 -24.65 -0.12 -12.15
C SER A 692 -23.87 0.54 -11.01
N ALA A 693 -22.61 0.15 -10.89
CA ALA A 693 -21.81 0.50 -9.76
C ALA A 693 -21.02 1.76 -10.01
N ALA A 694 -20.47 2.27 -8.91
CA ALA A 694 -19.76 3.52 -8.87
C ALA A 694 -18.27 3.37 -9.20
N ALA A 695 -17.68 2.25 -8.80
CA ALA A 695 -16.23 2.00 -8.94
C ALA A 695 -15.69 2.25 -10.34
N PRO A 696 -14.45 2.79 -10.41
CA PRO A 696 -13.88 3.04 -11.75
C PRO A 696 -13.70 1.77 -12.55
N ILE A 697 -13.39 0.64 -11.90
CA ILE A 697 -13.39 -0.66 -12.61
C ILE A 697 -14.71 -1.00 -13.35
N TYR A 698 -15.88 -0.66 -12.78
CA TYR A 698 -17.17 -0.83 -13.50
C TYR A 698 -17.16 -0.04 -14.78
N ILE A 699 -16.76 1.21 -14.68
CA ILE A 699 -16.80 2.16 -15.80
C ILE A 699 -15.84 1.70 -16.92
N ASN A 700 -14.74 1.08 -16.50
CA ASN A 700 -13.79 0.42 -17.38
C ASN A 700 -14.42 -0.80 -18.04
N SER A 701 -14.97 -1.66 -17.19
CA SER A 701 -15.52 -2.94 -17.60
C SER A 701 -16.82 -2.93 -18.45
N VAL A 702 -17.46 -1.77 -18.59
CA VAL A 702 -18.72 -1.64 -19.36
C VAL A 702 -18.68 -0.57 -20.45
N GLU A 703 -19.39 -0.80 -21.54
CA GLU A 703 -19.41 0.19 -22.60
C GLU A 703 -20.49 1.27 -22.35
N LEU A 704 -20.36 2.01 -21.25
CA LEU A 704 -21.39 2.98 -20.85
C LEU A 704 -21.87 3.87 -22.01
N ASP A 705 -20.96 4.30 -22.88
CA ASP A 705 -21.36 5.12 -24.02
C ASP A 705 -22.28 4.37 -24.97
N LYS A 706 -22.17 3.07 -25.00
CA LYS A 706 -22.90 2.31 -26.00
C LYS A 706 -24.24 1.76 -25.48
N ILE A 707 -24.29 1.36 -24.21
CA ILE A 707 -25.46 0.68 -23.70
C ILE A 707 -26.68 1.56 -23.43
N HIS A 708 -26.53 2.90 -23.42
CA HIS A 708 -27.52 3.78 -22.77
C HIS A 708 -28.67 4.07 -23.64
N GLN A 709 -28.41 4.10 -24.94
CA GLN A 709 -29.43 4.21 -26.00
C GLN A 709 -30.48 3.08 -25.96
N TYR A 710 -30.14 1.98 -25.26
CA TYR A 710 -31.03 0.84 -25.10
C TYR A 710 -31.83 0.85 -23.81
N LEU A 711 -31.54 1.82 -22.94
CA LEU A 711 -32.03 1.80 -21.59
C LEU A 711 -32.92 2.97 -21.40
N ASP A 712 -33.81 2.85 -20.44
CA ASP A 712 -34.58 3.97 -19.92
C ASP A 712 -33.78 4.74 -18.90
N TYR A 713 -32.95 4.05 -18.15
CA TYR A 713 -32.03 4.68 -17.22
C TYR A 713 -31.09 3.65 -16.64
N MET A 714 -30.15 4.15 -15.82
CA MET A 714 -29.24 3.37 -14.98
C MET A 714 -29.40 3.67 -13.49
N SER A 715 -29.79 2.68 -12.74
CA SER A 715 -29.85 2.86 -11.29
C SER A 715 -28.43 2.74 -10.75
N VAL A 716 -27.73 3.88 -10.71
CA VAL A 716 -26.34 3.92 -10.24
C VAL A 716 -26.36 3.73 -8.72
N MET A 717 -25.52 2.83 -8.23
CA MET A 717 -25.45 2.53 -6.83
C MET A 717 -24.40 3.44 -6.21
N THR A 718 -24.83 4.67 -5.96
CA THR A 718 -24.01 5.70 -5.30
C THR A 718 -23.98 5.46 -3.78
N TYR A 719 -23.45 4.31 -3.44
CA TYR A 719 -23.25 3.87 -2.06
C TYR A 719 -22.26 2.66 -2.03
N ASP A 720 -22.01 2.11 -0.84
CA ASP A 720 -21.01 1.11 -0.62
C ASP A 720 -19.61 1.59 -1.06
N TYR A 721 -19.33 2.86 -0.79
CA TYR A 721 -18.05 3.49 -1.14
C TYR A 721 -16.92 3.02 -0.26
N HIS A 722 -17.21 2.80 1.01
CA HIS A 722 -16.20 2.38 1.95
C HIS A 722 -16.84 1.43 2.96
N GLY A 723 -16.11 0.42 3.41
CA GLY A 723 -16.63 -0.56 4.39
C GLY A 723 -15.59 -1.06 5.38
N SER A 724 -15.92 -2.14 6.07
CA SER A 724 -14.97 -2.84 6.96
C SER A 724 -13.76 -3.40 6.17
N TRP A 725 -13.90 -3.66 4.86
CA TRP A 725 -12.76 -4.01 4.00
C TRP A 725 -11.63 -2.95 3.91
N GLU A 726 -11.83 -1.78 4.53
CA GLU A 726 -10.77 -0.82 4.74
C GLU A 726 -10.64 -0.60 6.22
N SER A 727 -9.50 -0.07 6.65
CA SER A 727 -9.29 0.32 8.05
C SER A 727 -8.90 1.78 8.01
N LYS A 728 -9.92 2.55 7.65
CA LYS A 728 -9.92 3.99 7.78
C LYS A 728 -11.37 4.44 7.60
N THR A 729 -11.89 5.30 8.49
CA THR A 729 -13.26 5.78 8.34
C THR A 729 -13.46 6.77 7.16
N ALA A 730 -14.66 6.77 6.57
CA ALA A 730 -14.99 7.58 5.37
C ALA A 730 -16.49 7.46 5.00
N HIS A 731 -16.94 8.29 4.08
CA HIS A 731 -18.35 8.34 3.81
C HIS A 731 -18.76 7.23 2.86
N GLN A 732 -19.69 6.38 3.31
CA GLN A 732 -20.22 5.30 2.46
C GLN A 732 -21.12 5.76 1.35
N ALA A 733 -21.71 6.94 1.45
CA ALA A 733 -22.75 7.36 0.45
C ALA A 733 -22.93 8.86 0.28
N SER A 734 -21.86 9.61 0.42
CA SER A 734 -21.87 11.08 0.40
C SER A 734 -22.34 11.65 -0.94
N VAL A 735 -23.16 12.69 -0.88
CA VAL A 735 -23.72 13.23 -2.12
C VAL A 735 -22.64 14.06 -2.78
N TYR A 736 -21.81 14.69 -1.95
CA TYR A 736 -20.63 15.42 -2.40
C TYR A 736 -19.36 14.87 -1.73
N THR A 737 -18.22 15.12 -2.37
CA THR A 737 -16.93 14.67 -1.90
C THR A 737 -16.49 15.61 -0.79
N SER A 738 -16.29 15.10 0.41
CA SER A 738 -15.90 15.95 1.50
C SER A 738 -14.65 16.74 1.12
N ALA A 739 -14.53 17.91 1.73
CA ALA A 739 -13.37 18.75 1.59
C ALA A 739 -12.14 18.13 2.26
N LEU A 740 -12.38 17.26 3.27
CA LEU A 740 -11.33 16.65 4.06
C LEU A 740 -10.86 15.37 3.41
N SER A 741 -11.41 15.03 2.25
CA SER A 741 -10.94 13.88 1.48
C SER A 741 -11.05 14.17 -0.02
N PRO A 742 -10.17 15.07 -0.52
CA PRO A 742 -10.14 15.31 -1.97
C PRO A 742 -9.86 14.03 -2.75
N GLY A 743 -10.49 13.91 -3.90
CA GLY A 743 -10.48 12.68 -4.67
C GLY A 743 -11.61 11.74 -4.37
N ASP A 744 -12.10 11.72 -3.12
CA ASP A 744 -12.90 10.60 -2.59
C ASP A 744 -14.23 10.41 -3.33
N PHE A 745 -14.85 9.26 -3.14
CA PHE A 745 -16.15 8.98 -3.77
C PHE A 745 -17.28 9.87 -3.28
N SER A 746 -18.06 10.35 -4.24
CA SER A 746 -19.37 10.95 -3.96
C SER A 746 -20.37 10.62 -5.06
N ALA A 747 -21.65 10.81 -4.79
CA ALA A 747 -22.62 10.80 -5.90
C ALA A 747 -22.15 11.75 -7.02
N ASP A 748 -21.74 12.95 -6.60
CA ASP A 748 -21.33 14.01 -7.52
C ASP A 748 -20.14 13.56 -8.39
N SER A 749 -19.12 13.05 -7.73
CA SER A 749 -17.94 12.56 -8.45
C SER A 749 -18.36 11.43 -9.39
N VAL A 750 -19.08 10.46 -8.84
CA VAL A 750 -19.49 9.29 -9.61
C VAL A 750 -20.38 9.62 -10.79
N LEU A 751 -21.41 10.44 -10.61
CA LEU A 751 -22.34 10.80 -11.71
C LEU A 751 -21.73 11.73 -12.75
N THR A 752 -20.75 12.54 -12.33
CA THR A 752 -19.90 13.33 -13.25
C THR A 752 -19.05 12.36 -14.07
N ALA A 753 -18.37 11.44 -13.39
CA ALA A 753 -17.65 10.33 -14.03
C ALA A 753 -18.51 9.53 -15.05
N TYR A 754 -19.68 9.05 -14.64
CA TYR A 754 -20.66 8.55 -15.63
C TYR A 754 -20.86 9.44 -16.86
N ARG A 755 -21.23 10.71 -16.67
CA ARG A 755 -21.52 11.65 -17.83
C ARG A 755 -20.32 11.94 -18.70
N LYS A 756 -19.15 12.02 -18.05
CA LYS A 756 -17.86 12.08 -18.73
C LYS A 756 -17.72 11.00 -19.82
N GLN A 757 -18.24 9.80 -19.54
CA GLN A 757 -18.22 8.68 -20.50
C GLN A 757 -19.24 8.82 -21.61
N GLY A 758 -20.17 9.78 -21.48
CA GLY A 758 -21.13 10.12 -22.54
C GLY A 758 -22.58 9.83 -22.16
N VAL A 759 -22.80 9.30 -20.95
CA VAL A 759 -24.16 8.90 -20.54
C VAL A 759 -24.99 10.15 -20.32
N PRO A 760 -26.11 10.31 -21.05
CA PRO A 760 -27.01 11.45 -20.82
C PRO A 760 -27.38 11.55 -19.38
N ALA A 761 -27.65 12.76 -18.91
CA ALA A 761 -28.03 12.96 -17.50
C ALA A 761 -29.40 12.35 -17.27
N SER A 762 -30.27 12.52 -18.24
CA SER A 762 -31.64 12.02 -18.18
C SER A 762 -31.77 10.49 -18.30
N LYS A 763 -30.64 9.76 -18.25
CA LYS A 763 -30.64 8.32 -18.11
C LYS A 763 -29.80 7.92 -16.93
N LEU A 764 -29.71 8.80 -15.94
CA LEU A 764 -29.04 8.45 -14.70
C LEU A 764 -29.99 8.60 -13.54
N VAL A 765 -29.84 7.71 -12.57
CA VAL A 765 -30.60 7.80 -11.33
C VAL A 765 -29.68 7.70 -10.11
N ILE A 766 -29.83 8.64 -9.20
CA ILE A 766 -28.97 8.68 -8.03
C ILE A 766 -29.52 7.71 -6.98
N GLY A 767 -28.61 6.95 -6.33
CA GLY A 767 -28.95 5.96 -5.29
C GLY A 767 -28.88 6.43 -3.82
N GLY A 768 -29.97 6.23 -3.08
CA GLY A 768 -29.98 6.38 -1.63
C GLY A 768 -29.88 4.99 -1.01
N ALA A 769 -29.20 4.86 0.13
CA ALA A 769 -29.13 3.59 0.84
C ALA A 769 -29.77 3.77 2.16
N PHE A 770 -30.66 2.81 2.50
CA PHE A 770 -31.42 2.81 3.73
C PHE A 770 -30.77 1.92 4.81
N TYR A 771 -29.51 1.52 4.59
CA TYR A 771 -28.64 0.90 5.61
C TYR A 771 -27.30 1.63 5.74
N ALA A 772 -26.61 1.31 6.85
CA ALA A 772 -25.31 1.91 7.24
C ALA A 772 -24.10 0.99 7.15
N ARG A 773 -22.92 1.58 7.28
CA ARG A 773 -21.72 0.82 7.50
C ARG A 773 -20.96 1.52 8.58
N GLY A 774 -19.88 0.88 8.98
CA GLY A 774 -19.15 1.31 10.13
C GLY A 774 -17.85 0.59 10.32
N TRP A 775 -17.16 1.06 11.35
CA TRP A 775 -15.87 0.55 11.78
C TRP A 775 -15.88 0.65 13.30
N VAL A 776 -15.58 -0.48 13.95
CA VAL A 776 -15.12 -0.53 15.37
C VAL A 776 -13.64 -0.11 15.49
N ASN A 777 -13.30 0.48 16.64
CA ASN A 777 -11.92 0.90 17.02
C ASN A 777 -11.39 2.16 16.35
N VAL A 778 -12.17 3.23 16.53
CA VAL A 778 -11.90 4.51 15.93
C VAL A 778 -11.47 5.45 17.04
N PRO A 779 -10.28 6.06 16.91
CA PRO A 779 -9.79 6.96 17.95
C PRO A 779 -10.61 8.24 18.04
N ASN A 780 -10.87 8.73 19.25
CA ASN A 780 -11.65 9.95 19.46
C ASN A 780 -10.91 11.21 18.94
N ILE A 781 -10.94 11.37 17.61
CA ILE A 781 -10.34 12.51 16.88
C ILE A 781 -11.37 13.02 15.85
N ASN A 782 -11.60 14.34 15.81
CA ASN A 782 -12.49 14.95 14.79
C ASN A 782 -13.81 14.21 14.70
N HIS A 783 -14.48 14.11 15.85
CA HIS A 783 -15.78 13.48 15.97
C HIS A 783 -15.86 12.05 15.42
N GLY A 784 -14.72 11.41 15.14
CA GLY A 784 -14.68 10.07 14.51
C GLY A 784 -14.22 10.00 13.05
N LEU A 785 -14.04 11.16 12.41
CA LEU A 785 -14.13 11.29 10.93
C LEU A 785 -12.76 11.27 10.18
N PHE A 786 -12.62 10.38 9.19
CA PHE A 786 -11.34 10.18 8.50
C PHE A 786 -10.22 9.93 9.50
N GLN A 787 -10.39 8.87 10.27
CA GLN A 787 -9.38 8.40 11.21
C GLN A 787 -8.89 7.02 10.82
N GLN A 788 -7.65 6.72 11.22
CA GLN A 788 -7.08 5.39 11.10
C GLN A 788 -7.78 4.45 12.11
N ALA A 789 -8.20 3.29 11.64
CA ALA A 789 -9.07 2.37 12.37
C ALA A 789 -8.30 1.26 13.09
N GLY A 790 -8.97 0.57 14.00
CA GLY A 790 -8.36 -0.54 14.76
C GLY A 790 -8.72 -1.93 14.23
N ASP A 791 -8.91 -2.85 15.16
CA ASP A 791 -9.22 -4.23 14.86
C ASP A 791 -10.71 -4.39 14.56
N GLN A 792 -11.01 -4.91 13.36
CA GLN A 792 -12.36 -4.90 12.79
C GLN A 792 -13.21 -6.15 13.00
N ALA A 793 -12.86 -6.98 13.96
CA ALA A 793 -13.77 -8.04 14.36
C ALA A 793 -14.80 -7.40 15.28
N LYS A 794 -16.03 -7.88 15.12
CA LYS A 794 -17.23 -7.30 15.74
C LYS A 794 -17.64 -5.93 15.18
N ASN A 795 -17.24 -5.70 13.92
CA ASN A 795 -17.76 -4.63 13.08
C ASN A 795 -19.28 -4.88 12.89
N PRO A 796 -20.10 -3.80 12.89
CA PRO A 796 -21.58 -3.90 12.83
C PRO A 796 -22.15 -4.44 11.52
N GLY A 797 -21.35 -4.32 10.45
CA GLY A 797 -21.66 -4.92 9.16
C GLY A 797 -22.52 -3.92 8.44
N THR A 798 -23.82 -4.21 8.36
CA THR A 798 -24.79 -3.34 7.73
C THR A 798 -26.05 -3.27 8.55
N PRO A 799 -26.06 -2.42 9.58
CA PRO A 799 -27.32 -2.12 10.26
C PRO A 799 -28.27 -1.26 9.39
N THR A 800 -29.54 -1.63 9.34
CA THR A 800 -30.54 -0.86 8.61
C THR A 800 -30.97 0.31 9.46
N TYR A 801 -31.63 1.29 8.84
CA TYR A 801 -32.09 2.48 9.53
C TYR A 801 -33.00 2.05 10.64
N ASN A 802 -33.79 1.00 10.41
CA ASN A 802 -34.57 0.34 11.48
C ASN A 802 -33.73 0.02 12.69
N ASP A 803 -32.59 -0.65 12.44
CA ASP A 803 -31.63 -1.00 13.51
C ASP A 803 -31.17 0.30 14.18
N LEU A 804 -30.68 1.24 13.36
CA LEU A 804 -30.28 2.58 13.86
C LEU A 804 -31.33 3.28 14.77
N VAL A 805 -32.63 3.12 14.52
CA VAL A 805 -33.68 3.75 15.33
C VAL A 805 -33.77 3.06 16.69
N LYS A 806 -33.92 1.74 16.72
CA LYS A 806 -34.01 1.03 18.02
C LYS A 806 -32.76 1.10 18.90
N ASP A 807 -31.62 0.71 18.30
CA ASP A 807 -30.40 0.38 19.05
C ASP A 807 -29.22 1.41 19.03
N TYR A 808 -29.32 2.49 18.23
CA TYR A 808 -28.23 3.49 18.17
C TYR A 808 -28.67 4.90 18.55
N PHE A 809 -29.45 5.53 17.69
CA PHE A 809 -29.68 6.97 17.72
C PHE A 809 -29.50 7.68 19.09
N ASP A 810 -30.40 7.42 20.03
CA ASP A 810 -30.29 8.00 21.38
C ASP A 810 -29.52 7.10 22.36
N LYS A 811 -29.38 5.80 22.04
CA LYS A 811 -28.76 4.81 22.94
C LYS A 811 -27.23 4.87 22.92
N GLY A 812 -26.68 5.99 23.42
CA GLY A 812 -25.23 6.19 23.47
C GLY A 812 -24.75 7.19 22.43
N TYR A 813 -25.17 6.98 21.17
CA TYR A 813 -24.56 7.64 20.00
C TYR A 813 -25.01 9.08 19.78
N THR A 814 -24.19 9.78 19.00
CA THR A 814 -24.37 11.20 18.80
C THR A 814 -24.15 11.47 17.30
N ARG A 815 -25.06 12.27 16.71
CA ARG A 815 -25.13 12.53 15.26
C ARG A 815 -24.42 13.83 14.88
N TYR A 816 -23.34 13.68 14.14
CA TYR A 816 -22.59 14.81 13.59
C TYR A 816 -22.87 14.92 12.09
N TRP A 817 -22.38 15.99 11.46
CA TRP A 817 -22.69 16.33 10.06
C TRP A 817 -21.51 17.04 9.40
N ASP A 818 -21.01 16.49 8.29
CA ASP A 818 -19.95 17.11 7.49
C ASP A 818 -20.65 17.84 6.35
N ASN A 819 -20.62 19.16 6.40
CA ASN A 819 -21.36 20.04 5.49
C ASN A 819 -20.78 20.14 4.08
N SER A 820 -19.49 19.89 3.89
CA SER A 820 -18.94 19.96 2.53
C SER A 820 -19.32 18.71 1.76
N ALA A 821 -19.63 17.63 2.47
CA ALA A 821 -20.07 16.34 1.85
C ALA A 821 -21.60 16.21 1.78
N LYS A 822 -22.27 16.71 2.83
CA LYS A 822 -23.72 16.61 3.08
C LYS A 822 -24.16 15.19 3.27
N ALA A 823 -23.53 14.66 4.32
CA ALA A 823 -23.55 13.25 4.71
C ALA A 823 -23.48 13.18 6.21
N PRO A 824 -24.39 12.45 6.85
CA PRO A 824 -24.40 12.35 8.30
C PRO A 824 -23.51 11.20 8.78
N TYR A 825 -23.33 11.13 10.08
CA TYR A 825 -22.48 10.12 10.69
C TYR A 825 -22.60 10.04 12.19
N LEU A 826 -22.44 8.84 12.71
CA LEU A 826 -22.56 8.59 14.16
C LEU A 826 -21.18 8.26 14.76
N TYR A 827 -20.93 8.79 15.95
CA TYR A 827 -19.80 8.34 16.76
C TYR A 827 -20.29 8.07 18.15
N ASN A 828 -19.80 6.95 18.72
CA ASN A 828 -19.89 6.68 20.16
C ASN A 828 -18.51 6.26 20.66
N PRO A 829 -17.90 7.07 21.54
CA PRO A 829 -16.57 6.75 22.10
C PRO A 829 -16.51 5.49 22.97
N ASP A 830 -17.57 5.22 23.73
CA ASP A 830 -17.63 4.08 24.67
C ASP A 830 -18.20 2.77 24.08
N ALA A 831 -17.92 2.44 22.81
CA ALA A 831 -18.46 1.20 22.20
C ALA A 831 -17.53 0.54 21.15
N ASN A 832 -16.68 -0.39 21.63
CA ASN A 832 -15.76 -1.15 20.79
C ASN A 832 -14.76 -0.24 20.05
N GLY A 833 -14.13 0.71 20.75
CA GLY A 833 -13.13 1.57 20.11
C GLY A 833 -13.01 3.07 20.32
N GLY A 834 -14.05 3.87 20.09
CA GLY A 834 -15.40 3.43 19.78
C GLY A 834 -15.71 3.08 18.34
N THR A 835 -16.99 3.22 17.97
CA THR A 835 -17.45 2.97 16.59
C THR A 835 -17.88 4.25 15.89
N PHE A 836 -17.72 4.17 14.57
CA PHE A 836 -18.13 5.17 13.61
C PHE A 836 -19.17 4.51 12.72
N ILE A 837 -20.32 5.16 12.53
CA ILE A 837 -21.34 4.71 11.56
C ILE A 837 -21.52 5.73 10.44
N THR A 838 -21.67 5.26 9.20
CA THR A 838 -21.87 6.11 8.02
C THR A 838 -23.10 5.64 7.28
N TYR A 839 -23.99 6.57 6.89
CA TYR A 839 -25.34 6.24 6.39
C TYR A 839 -26.03 7.36 5.59
N ASP A 840 -27.29 7.12 5.22
CA ASP A 840 -28.12 8.13 4.55
C ASP A 840 -29.30 8.37 5.41
N ASP A 841 -29.72 9.62 5.49
CA ASP A 841 -30.85 9.96 6.35
C ASP A 841 -31.74 10.96 5.61
N GLU A 842 -32.77 11.47 6.28
CA GLU A 842 -33.61 12.55 5.73
C GLU A 842 -32.80 13.66 5.05
N GLU A 843 -31.86 14.25 5.77
CA GLU A 843 -31.18 15.43 5.26
C GLU A 843 -30.33 15.11 4.06
N SER A 844 -29.54 14.03 4.10
CA SER A 844 -28.70 13.62 2.95
C SER A 844 -29.52 13.18 1.73
N LEU A 845 -30.55 12.37 1.97
CA LEU A 845 -31.49 12.02 0.90
C LEU A 845 -32.17 13.28 0.28
N LYS A 846 -32.44 14.29 1.11
CA LYS A 846 -32.95 15.54 0.56
C LYS A 846 -31.97 16.09 -0.49
N TYR A 847 -30.71 16.21 -0.09
CA TYR A 847 -29.70 16.81 -0.96
C TYR A 847 -29.48 15.96 -2.26
N LYS A 848 -29.52 14.63 -2.14
CA LYS A 848 -29.45 13.73 -3.31
C LYS A 848 -30.60 14.01 -4.21
N ALA A 849 -31.76 14.19 -3.62
CA ALA A 849 -32.90 14.60 -4.41
C ALA A 849 -32.74 16.02 -5.01
N GLU A 850 -32.26 17.04 -4.25
CA GLU A 850 -31.99 18.39 -4.83
CA GLU A 850 -32.00 18.36 -4.82
C GLU A 850 -31.00 18.20 -5.99
N TYR A 851 -29.92 17.45 -5.77
CA TYR A 851 -28.91 17.19 -6.80
C TYR A 851 -29.51 16.64 -8.07
N ALA A 852 -30.52 15.78 -7.95
CA ALA A 852 -31.13 15.18 -9.13
C ALA A 852 -31.99 16.14 -9.94
N LYS A 853 -32.74 16.98 -9.25
CA LYS A 853 -33.46 18.09 -9.91
C LYS A 853 -32.53 19.12 -10.48
N ASN A 854 -31.44 19.45 -9.79
CA ASN A 854 -30.49 20.48 -10.27
C ASN A 854 -29.68 20.01 -11.45
N GLN A 855 -29.39 18.71 -11.53
CA GLN A 855 -28.48 18.19 -12.52
C GLN A 855 -29.14 17.66 -13.76
N GLY A 856 -30.48 17.61 -13.76
CA GLY A 856 -31.27 16.96 -14.83
C GLY A 856 -31.26 15.44 -14.85
N LEU A 857 -31.11 14.84 -13.69
CA LEU A 857 -31.11 13.37 -13.63
C LEU A 857 -32.54 12.90 -13.78
N ARG A 858 -32.67 11.63 -14.18
CA ARG A 858 -33.97 11.01 -14.43
C ARG A 858 -34.76 10.97 -13.13
N GLY A 859 -34.09 10.72 -12.01
CA GLY A 859 -34.80 10.46 -10.79
C GLY A 859 -33.92 9.96 -9.70
N VAL A 860 -34.55 9.40 -8.68
CA VAL A 860 -33.90 8.91 -7.48
C VAL A 860 -34.36 7.49 -7.27
N MET A 861 -33.54 6.72 -6.57
CA MET A 861 -33.68 5.26 -6.41
C MET A 861 -33.31 4.96 -4.97
N PHE A 862 -33.82 3.90 -4.38
CA PHE A 862 -33.17 3.40 -3.16
C PHE A 862 -33.16 1.88 -2.94
N TRP A 863 -32.35 1.50 -1.95
CA TRP A 863 -32.17 0.12 -1.48
C TRP A 863 -32.18 0.17 0.02
N ASP A 864 -33.13 -0.48 0.68
CA ASP A 864 -34.34 -1.02 0.06
C ASP A 864 -35.59 -0.83 0.96
N TYR A 865 -36.76 -1.03 0.36
CA TYR A 865 -38.00 -0.68 1.02
C TYR A 865 -38.13 -1.27 2.45
N SER A 866 -37.64 -2.50 2.68
CA SER A 866 -37.86 -3.16 3.97
C SER A 866 -37.09 -2.58 5.13
N GLN A 867 -36.10 -1.74 4.87
CA GLN A 867 -35.14 -1.22 5.87
C GLN A 867 -35.56 0.07 6.56
N ASP A 868 -36.73 0.64 6.23
CA ASP A 868 -37.33 1.77 7.01
C ASP A 868 -38.85 1.67 7.04
N ILE A 869 -39.35 0.91 7.99
CA ILE A 869 -40.78 0.71 8.24
C ILE A 869 -41.52 1.99 8.70
N SER A 870 -40.75 2.96 9.19
CA SER A 870 -41.29 4.27 9.59
C SER A 870 -41.78 5.14 8.40
N GLY A 871 -41.19 4.93 7.20
CA GLY A 871 -41.44 5.75 5.97
C GLY A 871 -40.86 7.17 5.88
N LYS A 872 -39.91 7.53 6.74
CA LYS A 872 -39.31 8.89 6.78
C LYS A 872 -38.29 9.12 5.67
N LEU A 873 -37.40 8.15 5.50
CA LEU A 873 -36.46 8.22 4.40
C LEU A 873 -37.19 8.37 3.08
N LEU A 874 -38.25 7.60 2.84
CA LEU A 874 -38.99 7.78 1.60
C LEU A 874 -39.68 9.14 1.56
N GLY A 875 -40.22 9.54 2.70
CA GLY A 875 -40.93 10.80 2.80
C GLY A 875 -40.05 11.95 2.37
N ALA A 876 -38.80 11.90 2.75
CA ALA A 876 -37.93 13.04 2.53
C ALA A 876 -37.48 13.02 1.11
N ILE A 877 -37.42 11.87 0.47
CA ILE A 877 -37.14 11.88 -0.98
C ILE A 877 -38.32 12.48 -1.66
N PHE A 878 -39.51 11.95 -1.33
CA PHE A 878 -40.74 12.40 -1.92
C PHE A 878 -40.98 13.88 -1.69
N ASN A 879 -40.76 14.36 -0.46
CA ASN A 879 -41.07 15.76 -0.15
C ASN A 879 -40.19 16.74 -0.92
N GLU A 880 -38.98 16.32 -1.32
CA GLU A 880 -38.12 17.14 -2.17
C GLU A 880 -38.29 16.89 -3.64
N LEU A 881 -38.40 15.63 -4.00
CA LEU A 881 -38.37 15.30 -5.40
C LEU A 881 -39.70 15.68 -6.08
N LYS A 882 -40.80 15.72 -5.33
CA LYS A 882 -42.11 15.92 -5.92
C LYS A 882 -43.03 16.94 -5.21
N ALA A 883 -42.61 17.63 -4.13
CA ALA A 883 -43.56 18.51 -3.38
C ALA A 883 -42.90 19.37 -2.29
N GLN B 25 -8.50 -24.39 -4.23
CA GLN B 25 -7.08 -24.04 -3.94
C GLN B 25 -6.31 -25.10 -3.13
N GLY B 26 -6.99 -25.64 -2.11
CA GLY B 26 -6.39 -26.50 -1.10
C GLY B 26 -6.40 -25.66 0.17
N LYS B 27 -7.08 -26.14 1.20
CA LYS B 27 -7.12 -25.46 2.51
C LYS B 27 -6.02 -26.03 3.39
N ILE B 28 -5.50 -25.21 4.30
CA ILE B 28 -4.50 -25.72 5.24
C ILE B 28 -4.84 -25.31 6.67
N VAL B 29 -5.26 -26.29 7.47
CA VAL B 29 -5.56 -26.07 8.89
C VAL B 29 -4.34 -26.35 9.75
N SER B 30 -4.00 -25.40 10.60
CA SER B 30 -2.87 -25.52 11.51
C SER B 30 -3.42 -25.53 12.90
N TYR B 31 -3.40 -26.67 13.60
CA TYR B 31 -3.80 -26.61 15.02
C TYR B 31 -2.65 -25.94 15.76
N ILE B 32 -2.98 -24.87 16.51
CA ILE B 32 -2.02 -24.16 17.38
C ILE B 32 -2.43 -24.40 18.84
N PRO B 33 -1.48 -24.78 19.72
CA PRO B 33 -1.81 -25.15 21.11
C PRO B 33 -1.93 -23.97 22.07
N ALA B 34 -2.88 -24.06 22.99
CA ALA B 34 -3.03 -23.06 24.04
C ALA B 34 -1.84 -22.95 25.02
N TRP B 35 -1.02 -24.02 25.12
CA TRP B 35 0.08 -24.09 26.11
C TRP B 35 1.44 -23.51 25.71
N VAL B 36 1.52 -22.83 24.59
CA VAL B 36 2.64 -21.94 24.35
C VAL B 36 2.18 -20.49 24.51
N ASP B 37 2.95 -19.74 25.33
CA ASP B 37 2.77 -18.30 25.50
C ASP B 37 3.24 -17.61 24.23
N TRP B 38 2.29 -17.38 23.33
CA TRP B 38 2.61 -17.06 21.95
C TRP B 38 3.14 -15.67 21.82
N ALA B 39 2.48 -14.75 22.50
CA ALA B 39 3.05 -13.42 22.73
C ALA B 39 4.58 -13.41 22.94
N LYS B 40 5.09 -14.28 23.80
CA LYS B 40 6.52 -14.33 24.23
C LYS B 40 7.51 -15.04 23.28
N ASP B 41 6.97 -16.02 22.52
CA ASP B 41 7.76 -16.94 21.69
C ASP B 41 8.66 -16.16 20.73
N GLU B 42 9.88 -16.65 20.51
CA GLU B 42 10.81 -16.02 19.55
C GLU B 42 10.39 -16.24 18.06
N ARG B 43 10.57 -17.45 17.49
CA ARG B 43 10.02 -17.81 16.14
C ARG B 43 8.77 -17.01 15.72
N GLY B 44 7.78 -16.90 16.62
CA GLY B 44 6.47 -16.32 16.31
C GLY B 44 5.67 -17.29 15.47
N VAL B 45 4.57 -16.78 14.89
CA VAL B 45 3.77 -17.51 13.88
C VAL B 45 3.80 -16.87 12.45
N ASP B 46 4.13 -17.68 11.45
CA ASP B 46 4.17 -17.24 10.05
C ASP B 46 2.89 -17.73 9.47
N ALA B 47 1.85 -16.91 9.67
CA ALA B 47 0.51 -17.27 9.26
C ALA B 47 0.29 -17.25 7.74
N THR B 48 1.29 -16.80 6.99
CA THR B 48 1.21 -16.86 5.51
C THR B 48 1.29 -18.30 4.94
N LYS B 49 1.58 -19.33 5.74
CA LYS B 49 1.61 -20.71 5.19
C LYS B 49 0.34 -21.57 5.43
N PHE B 50 -0.78 -20.95 5.77
CA PHE B 50 -2.02 -21.68 5.94
C PHE B 50 -3.26 -20.79 5.90
N THR B 51 -4.38 -21.41 5.56
CA THR B 51 -5.67 -20.72 5.44
C THR B 51 -6.36 -20.64 6.77
N HIS B 52 -6.34 -21.77 7.48
CA HIS B 52 -6.95 -21.88 8.82
C HIS B 52 -5.99 -22.14 9.97
N LEU B 53 -6.45 -21.76 11.13
CA LEU B 53 -5.68 -21.75 12.34
C LEU B 53 -6.70 -22.05 13.42
N TYR B 54 -6.72 -23.28 13.92
CA TYR B 54 -7.60 -23.71 15.04
C TYR B 54 -6.90 -23.64 16.43
N TYR B 55 -7.40 -22.81 17.34
CA TYR B 55 -6.89 -22.78 18.75
C TYR B 55 -7.23 -24.11 19.48
N ALA B 56 -6.18 -24.78 19.99
CA ALA B 56 -6.29 -26.07 20.74
C ALA B 56 -5.88 -25.95 22.22
N PHE B 57 -6.81 -26.07 23.16
CA PHE B 57 -8.27 -26.13 22.93
C PHE B 57 -9.09 -25.24 23.89
N GLY B 58 -10.39 -25.18 23.60
CA GLY B 58 -11.39 -24.78 24.55
C GLY B 58 -11.90 -26.07 25.12
N ARG B 59 -12.48 -25.99 26.33
CA ARG B 59 -12.81 -27.17 27.18
C ARG B 59 -14.30 -27.19 27.64
N ILE B 60 -14.63 -27.96 28.68
CA ILE B 60 -15.98 -27.99 29.32
C ILE B 60 -15.91 -28.34 30.83
N ASN B 61 -16.12 -27.38 31.73
CA ASN B 61 -16.38 -27.71 33.18
C ASN B 61 -17.53 -26.82 33.68
N ASN B 62 -18.70 -27.43 33.93
CA ASN B 62 -20.01 -26.79 34.27
C ASN B 62 -20.83 -26.55 33.02
N GLY B 63 -20.97 -27.58 32.17
CA GLY B 63 -21.77 -27.54 30.92
C GLY B 63 -21.38 -26.50 29.86
N LYS B 64 -20.31 -25.73 30.13
CA LYS B 64 -20.08 -24.38 29.57
C LYS B 64 -18.64 -24.23 29.02
N VAL B 65 -18.51 -23.82 27.75
CA VAL B 65 -17.20 -23.60 27.12
C VAL B 65 -16.34 -22.58 27.88
N VAL B 66 -15.08 -22.93 28.11
CA VAL B 66 -14.15 -22.07 28.82
C VAL B 66 -12.72 -22.18 28.30
N THR B 67 -11.95 -21.14 28.61
CA THR B 67 -10.48 -21.16 28.57
C THR B 67 -9.94 -22.49 29.14
N ILE B 68 -8.83 -23.03 28.58
CA ILE B 68 -8.31 -24.35 29.03
C ILE B 68 -7.98 -24.40 30.53
N LYS B 69 -7.34 -23.35 31.06
CA LYS B 69 -6.96 -23.28 32.50
C LYS B 69 -8.13 -23.23 33.47
N GLU B 70 -9.33 -23.07 32.95
CA GLU B 70 -10.56 -23.27 33.72
C GLU B 70 -10.92 -24.76 33.83
N ASP B 71 -10.05 -25.66 33.33
CA ASP B 71 -10.21 -27.12 33.52
C ASP B 71 -9.17 -27.76 34.50
N ALA B 72 -9.63 -28.13 35.71
CA ALA B 72 -8.78 -28.76 36.72
C ALA B 72 -8.37 -30.17 36.29
N LYS B 73 -9.26 -30.87 35.59
CA LYS B 73 -8.86 -32.10 34.91
C LYS B 73 -7.62 -31.94 34.06
N TRP B 74 -7.38 -30.75 33.50
CA TRP B 74 -6.11 -30.43 32.85
C TRP B 74 -5.10 -29.93 33.89
N THR B 75 -5.37 -28.79 34.52
CA THR B 75 -4.40 -28.11 35.42
C THR B 75 -3.90 -28.93 36.63
N GLU B 76 -4.69 -29.90 37.08
CA GLU B 76 -4.27 -30.87 38.10
C GLU B 76 -4.14 -32.22 37.41
N ASP B 77 -2.92 -32.72 37.37
CA ASP B 77 -2.62 -34.00 36.76
C ASP B 77 -1.52 -34.64 37.61
N PRO B 78 -1.82 -35.80 38.24
CA PRO B 78 -0.82 -36.50 39.06
C PRO B 78 0.55 -36.72 38.37
N THR B 79 0.51 -37.16 37.11
CA THR B 79 1.72 -37.54 36.35
C THR B 79 2.70 -36.39 36.02
N ILE B 80 2.25 -35.13 36.06
CA ILE B 80 3.08 -34.01 35.53
C ILE B 80 3.47 -32.96 36.57
N THR B 81 4.06 -33.42 37.67
CA THR B 81 4.69 -32.60 38.73
C THR B 81 4.03 -31.25 39.02
N GLU B 82 3.38 -31.15 40.17
CA GLU B 82 2.71 -29.89 40.58
C GLU B 82 3.62 -28.62 40.48
N ALA B 83 4.95 -28.76 40.62
CA ALA B 83 5.89 -27.66 40.32
C ALA B 83 5.66 -27.05 38.92
N ASP B 84 5.34 -27.93 37.96
CA ASP B 84 4.95 -27.52 36.60
C ASP B 84 3.49 -27.12 36.38
N ARG B 85 2.68 -27.08 37.44
CA ARG B 85 1.27 -26.74 37.30
C ARG B 85 0.98 -25.29 37.72
N ILE B 86 2.02 -24.57 38.14
CA ILE B 86 1.91 -23.10 38.30
C ILE B 86 1.80 -22.49 36.87
N LYS B 87 2.60 -23.01 35.93
CA LYS B 87 2.58 -22.59 34.51
C LYS B 87 1.16 -22.80 33.98
N ARG B 88 0.64 -24.03 34.14
CA ARG B 88 -0.70 -24.42 33.63
C ARG B 88 -1.80 -23.63 34.28
N ARG B 89 -1.62 -23.27 35.55
CA ARG B 89 -2.60 -22.48 36.30
C ARG B 89 -2.83 -21.11 35.60
N ASN B 90 -1.73 -20.43 35.34
CA ASN B 90 -1.70 -19.12 34.68
C ASN B 90 -1.76 -19.09 33.12
N ASN B 91 -2.33 -20.11 32.48
CA ASN B 91 -2.23 -20.27 31.01
C ASN B 91 -2.79 -19.07 30.21
N PRO B 92 -1.90 -18.29 29.52
CA PRO B 92 -2.30 -16.98 28.95
C PRO B 92 -3.26 -17.00 27.78
N ASP B 93 -4.40 -17.65 27.90
CA ASP B 93 -5.32 -17.84 26.74
C ASP B 93 -5.77 -16.52 26.09
N GLU B 94 -6.12 -15.53 26.90
CA GLU B 94 -6.58 -14.24 26.37
C GLU B 94 -5.44 -13.55 25.61
N SER B 95 -4.27 -13.48 26.26
CA SER B 95 -3.03 -13.02 25.59
C SER B 95 -2.71 -13.76 24.24
N ASN B 96 -2.78 -15.09 24.27
CA ASN B 96 -2.60 -15.91 23.07
C ASN B 96 -3.63 -15.57 22.00
N LEU B 97 -4.92 -15.69 22.34
CA LEU B 97 -6.04 -15.42 21.40
C LEU B 97 -6.06 -14.03 20.75
N ALA B 98 -5.45 -13.06 21.44
CA ALA B 98 -5.22 -11.75 20.87
C ALA B 98 -4.13 -11.86 19.84
N TYR B 99 -2.92 -12.27 20.25
CA TYR B 99 -1.76 -12.50 19.34
C TYR B 99 -2.20 -13.19 18.05
N LEU B 100 -2.96 -14.29 18.14
CA LEU B 100 -3.28 -15.10 16.97
C LEU B 100 -4.22 -14.39 15.99
N THR B 101 -5.40 -13.94 16.44
CA THR B 101 -6.33 -13.14 15.58
C THR B 101 -5.65 -11.86 15.09
N GLY B 102 -4.81 -11.26 15.91
CA GLY B 102 -3.87 -10.21 15.47
C GLY B 102 -2.90 -10.58 14.33
N LEU B 103 -2.70 -11.87 14.04
CA LEU B 103 -2.01 -12.30 12.82
C LEU B 103 -2.76 -12.02 11.52
N LYS B 104 -3.98 -11.46 11.58
CA LYS B 104 -4.70 -11.02 10.35
C LYS B 104 -3.98 -9.87 9.58
N ALA B 105 -3.44 -8.85 10.28
CA ALA B 105 -2.52 -7.90 9.62
C ALA B 105 -1.44 -8.56 8.69
N LYS B 106 -0.92 -9.73 9.05
CA LYS B 106 0.03 -10.49 8.20
C LYS B 106 -0.63 -11.26 7.03
N ASN B 107 -1.90 -11.63 7.20
CA ASN B 107 -2.64 -12.40 6.19
C ASN B 107 -4.15 -12.25 6.45
N PRO B 108 -4.85 -11.40 5.66
CA PRO B 108 -6.30 -11.19 5.93
C PRO B 108 -7.21 -12.32 5.43
N ASN B 109 -6.68 -13.26 4.64
CA ASN B 109 -7.38 -14.53 4.31
C ASN B 109 -7.62 -15.52 5.51
N LEU B 110 -7.15 -15.17 6.71
CA LEU B 110 -6.95 -16.15 7.78
C LEU B 110 -8.18 -16.33 8.62
N LYS B 111 -8.72 -17.54 8.63
CA LYS B 111 -9.81 -17.90 9.54
C LYS B 111 -9.15 -18.42 10.80
N VAL B 112 -9.75 -18.12 11.94
CA VAL B 112 -9.18 -18.39 13.27
C VAL B 112 -10.25 -18.92 14.19
N LEU B 113 -10.77 -20.09 13.90
CA LEU B 113 -11.79 -20.72 14.74
C LEU B 113 -11.20 -21.29 16.05
N VAL B 114 -12.08 -21.68 16.98
CA VAL B 114 -11.70 -22.35 18.19
C VAL B 114 -12.11 -23.81 18.09
N SER B 115 -11.17 -24.70 18.49
CA SER B 115 -11.49 -26.11 18.74
C SER B 115 -11.80 -26.34 20.21
N ILE B 116 -12.84 -27.16 20.41
CA ILE B 116 -13.34 -27.46 21.72
C ILE B 116 -13.17 -28.95 21.91
N GLY B 117 -12.41 -29.32 22.94
CA GLY B 117 -12.17 -30.75 23.23
C GLY B 117 -10.71 -31.17 23.27
N GLY B 118 -10.39 -32.17 22.48
CA GLY B 118 -9.02 -32.70 22.49
C GLY B 118 -8.93 -33.97 23.28
N TRP B 119 -7.74 -34.57 23.24
CA TRP B 119 -7.57 -35.89 23.83
C TRP B 119 -7.84 -35.76 25.29
N GLU B 120 -8.74 -36.63 25.73
CA GLU B 120 -9.14 -36.80 27.13
C GLU B 120 -9.79 -35.55 27.76
N ALA B 121 -10.38 -34.70 26.91
CA ALA B 121 -11.23 -33.59 27.31
C ALA B 121 -12.56 -34.18 27.75
N GLU B 122 -13.08 -33.68 28.87
CA GLU B 122 -14.29 -34.22 29.48
C GLU B 122 -15.45 -33.25 29.37
N GLY B 123 -16.63 -33.78 29.10
CA GLY B 123 -17.86 -32.99 29.26
C GLY B 123 -18.86 -33.15 28.15
N PHE B 124 -18.41 -33.53 26.97
CA PHE B 124 -19.32 -33.65 25.81
C PHE B 124 -20.50 -34.60 25.99
N SER B 125 -20.39 -35.64 26.81
CA SER B 125 -21.49 -36.59 26.92
C SER B 125 -22.61 -36.02 27.75
N ASP B 126 -22.23 -35.52 28.92
CA ASP B 126 -23.12 -34.70 29.74
C ASP B 126 -23.62 -33.50 28.98
N ALA B 127 -22.71 -32.57 28.65
CA ALA B 127 -23.05 -31.29 28.08
C ALA B 127 -24.16 -31.40 27.03
N ALA B 128 -24.12 -32.44 26.21
CA ALA B 128 -25.08 -32.62 25.12
C ALA B 128 -26.01 -33.83 25.26
N LEU B 129 -26.80 -33.87 26.31
CA LEU B 129 -27.68 -35.04 26.55
C LEU B 129 -29.12 -34.86 26.01
N THR B 130 -29.79 -33.83 26.51
CA THR B 130 -31.18 -33.52 26.13
C THR B 130 -31.18 -32.29 25.24
N PRO B 131 -32.31 -32.02 24.52
CA PRO B 131 -32.48 -30.71 23.91
C PRO B 131 -32.16 -29.53 24.85
N GLU B 132 -32.40 -29.73 26.16
CA GLU B 132 -32.11 -28.70 27.18
C GLU B 132 -30.62 -28.35 27.34
N SER B 133 -29.79 -29.33 27.72
CA SER B 133 -28.37 -29.06 28.02
C SER B 133 -27.51 -28.73 26.78
N ARG B 134 -27.98 -29.10 25.57
CA ARG B 134 -27.33 -28.70 24.30
C ARG B 134 -27.24 -27.19 24.14
N GLU B 135 -28.24 -26.47 24.63
CA GLU B 135 -28.29 -25.01 24.57
C GLU B 135 -27.35 -24.36 25.61
N VAL B 136 -27.34 -24.90 26.84
CA VAL B 136 -26.55 -24.33 27.98
C VAL B 136 -25.03 -24.36 27.70
N PHE B 137 -24.62 -25.39 26.94
CA PHE B 137 -23.35 -25.40 26.19
C PHE B 137 -23.43 -24.45 25.00
N ALA B 138 -24.26 -24.80 24.00
CA ALA B 138 -24.13 -24.22 22.65
C ALA B 138 -24.12 -22.70 22.53
N ASN B 139 -24.58 -21.99 23.57
CA ASN B 139 -24.46 -20.54 23.60
C ASN B 139 -23.12 -20.08 24.16
N SER B 140 -22.61 -20.73 25.20
CA SER B 140 -21.24 -20.46 25.69
C SER B 140 -20.18 -20.67 24.59
N ALA B 141 -20.51 -21.56 23.63
CA ALA B 141 -19.73 -21.77 22.38
C ALA B 141 -19.62 -20.50 21.54
N LEU B 142 -20.75 -19.94 21.16
CA LEU B 142 -20.77 -18.60 20.53
C LEU B 142 -20.27 -17.49 21.45
N ASP B 143 -20.55 -17.57 22.75
CA ASP B 143 -20.14 -16.54 23.68
C ASP B 143 -18.61 -16.51 23.84
N PHE B 144 -17.97 -17.68 23.80
CA PHE B 144 -16.49 -17.81 23.69
C PHE B 144 -16.03 -17.19 22.36
N MET B 145 -16.59 -17.70 21.24
CA MET B 145 -16.26 -17.29 19.87
C MET B 145 -16.42 -15.80 19.66
N ASN B 146 -17.62 -15.29 19.92
CA ASN B 146 -17.90 -13.85 19.83
C ASN B 146 -17.16 -13.03 20.89
N LYS B 147 -16.70 -13.64 21.98
CA LYS B 147 -15.84 -12.90 22.91
C LYS B 147 -14.47 -12.58 22.30
N TYR B 148 -13.85 -13.57 21.68
CA TYR B 148 -12.47 -13.45 21.11
C TYR B 148 -12.50 -13.21 19.60
N ASN B 149 -13.72 -13.27 19.05
CA ASN B 149 -14.08 -12.82 17.70
C ASN B 149 -13.53 -13.75 16.62
N LEU B 150 -13.84 -15.02 16.82
CA LEU B 150 -13.26 -16.11 16.06
C LEU B 150 -14.27 -16.50 15.01
N ASP B 151 -13.82 -17.19 13.97
CA ASP B 151 -14.54 -17.31 12.69
C ASP B 151 -15.26 -18.65 12.51
N GLY B 152 -15.41 -19.37 13.62
CA GLY B 152 -16.06 -20.69 13.61
C GLY B 152 -15.77 -21.54 14.84
N ILE B 153 -16.31 -22.76 14.81
CA ILE B 153 -16.21 -23.73 15.89
C ILE B 153 -15.70 -25.02 15.29
N ASP B 154 -14.76 -25.66 16.01
CA ASP B 154 -14.26 -27.03 15.74
C ASP B 154 -14.62 -27.87 16.94
N LEU B 155 -15.37 -28.94 16.74
CA LEU B 155 -15.60 -29.89 17.83
C LEU B 155 -14.73 -31.13 17.68
N ASP B 156 -13.72 -31.19 18.56
CA ASP B 156 -12.90 -32.37 18.73
C ASP B 156 -13.37 -33.27 19.91
N TRP B 157 -14.46 -34.03 19.67
CA TRP B 157 -15.00 -34.99 20.66
C TRP B 157 -14.37 -36.30 20.30
N GLU B 158 -13.49 -36.77 21.20
CA GLU B 158 -12.77 -38.03 21.06
C GLU B 158 -13.07 -38.98 22.23
N TYR B 159 -14.07 -39.88 22.15
CA TYR B 159 -15.01 -40.03 21.02
C TYR B 159 -16.49 -40.37 21.42
N PRO B 160 -17.48 -39.99 20.59
CA PRO B 160 -18.86 -40.42 20.87
C PRO B 160 -19.09 -41.93 20.89
N VAL B 161 -19.78 -42.42 21.91
CA VAL B 161 -20.33 -43.79 21.97
C VAL B 161 -19.35 -44.80 22.60
N TYR B 162 -18.02 -44.62 22.42
CA TYR B 162 -16.99 -45.48 23.04
C TYR B 162 -15.97 -44.77 23.92
N GLY B 163 -16.02 -43.43 24.03
CA GLY B 163 -15.09 -42.66 24.90
C GLY B 163 -13.61 -43.03 24.81
N ALA B 164 -13.15 -43.32 23.59
CA ALA B 164 -11.82 -43.91 23.34
C ALA B 164 -11.56 -45.12 24.27
N TRP B 165 -12.56 -46.01 24.37
CA TRP B 165 -12.48 -47.23 25.16
C TRP B 165 -12.17 -46.97 26.64
N GLY B 166 -12.71 -45.90 27.19
CA GLY B 166 -12.57 -45.65 28.62
C GLY B 166 -12.03 -44.31 29.02
N VAL B 167 -11.42 -43.56 28.11
CA VAL B 167 -10.68 -42.39 28.51
C VAL B 167 -11.62 -41.31 29.00
N ILE B 168 -12.75 -41.11 28.31
CA ILE B 168 -13.80 -40.15 28.74
C ILE B 168 -15.14 -40.84 29.00
N LYS B 169 -16.06 -40.06 29.58
CA LYS B 169 -17.44 -40.49 29.83
C LYS B 169 -18.16 -40.73 28.50
N SER B 170 -18.99 -41.77 28.44
CA SER B 170 -19.52 -42.24 27.19
C SER B 170 -20.86 -42.94 27.37
N ARG B 171 -21.83 -42.58 26.53
CA ARG B 171 -23.16 -43.23 26.48
C ARG B 171 -23.48 -43.73 25.08
N PRO B 172 -24.38 -44.71 24.94
CA PRO B 172 -24.72 -45.25 23.60
C PRO B 172 -25.50 -44.30 22.71
N GLU B 173 -26.28 -43.40 23.33
CA GLU B 173 -27.06 -42.37 22.63
C GLU B 173 -26.31 -41.02 22.67
N ASP B 174 -25.00 -41.07 22.40
CA ASP B 174 -24.19 -39.91 22.00
C ASP B 174 -24.18 -39.82 20.48
N LYS B 175 -24.39 -40.92 19.77
CA LYS B 175 -24.47 -40.94 18.31
C LYS B 175 -25.69 -40.18 17.81
N ALA B 176 -26.74 -40.21 18.64
CA ALA B 176 -27.97 -39.47 18.44
C ALA B 176 -27.71 -38.00 18.65
N ASN B 177 -27.23 -37.68 19.86
CA ASN B 177 -27.10 -36.30 20.34
C ASN B 177 -26.08 -35.46 19.59
N PHE B 178 -25.01 -36.12 19.14
CA PHE B 178 -23.97 -35.48 18.36
C PHE B 178 -24.50 -35.05 17.00
N THR B 179 -25.36 -35.89 16.41
CA THR B 179 -26.04 -35.51 15.19
C THR B 179 -26.80 -34.21 15.44
N ALA B 180 -27.50 -34.18 16.58
CA ALA B 180 -28.23 -33.01 17.03
C ALA B 180 -27.35 -31.85 17.44
N LEU B 181 -26.32 -32.08 18.25
CA LEU B 181 -25.52 -30.95 18.76
C LEU B 181 -24.86 -30.08 17.64
N LEU B 182 -24.63 -30.69 16.47
CA LEU B 182 -24.09 -30.00 15.32
C LEU B 182 -25.19 -29.20 14.64
N LYS B 183 -26.25 -29.91 14.20
CA LYS B 183 -27.51 -29.30 13.72
C LYS B 183 -27.86 -28.04 14.52
N LEU B 184 -27.76 -28.12 15.85
CA LEU B 184 -28.01 -26.96 16.70
C LEU B 184 -27.02 -25.85 16.49
N LEU B 185 -25.73 -26.16 16.59
CA LEU B 185 -24.72 -25.11 16.48
C LEU B 185 -24.80 -24.43 15.11
N ARG B 186 -24.98 -25.22 14.07
CA ARG B 186 -25.17 -24.67 12.70
C ARG B 186 -26.42 -23.80 12.58
N GLU B 187 -27.46 -24.08 13.37
CA GLU B 187 -28.58 -23.13 13.53
C GLU B 187 -28.16 -21.76 14.09
N LYS B 188 -27.52 -21.70 15.25
CA LYS B 188 -27.11 -20.38 15.78
C LYS B 188 -26.01 -19.68 14.95
N LEU B 189 -25.22 -20.47 14.23
CA LEU B 189 -24.14 -19.92 13.40
C LEU B 189 -24.63 -19.48 12.01
N ASP B 190 -25.95 -19.37 11.86
CA ASP B 190 -26.60 -18.65 10.75
C ASP B 190 -27.49 -17.48 11.31
N ALA B 191 -28.26 -17.75 12.35
CA ALA B 191 -28.80 -16.70 13.21
C ALA B 191 -27.77 -15.63 13.69
N GLN B 192 -26.47 -15.80 13.38
CA GLN B 192 -25.48 -14.72 13.52
C GLN B 192 -24.88 -14.22 12.19
N SER B 193 -25.00 -15.00 11.11
CA SER B 193 -24.54 -14.54 9.79
C SER B 193 -25.44 -13.45 9.19
N THR B 194 -26.77 -13.65 9.27
CA THR B 194 -27.75 -12.70 8.74
C THR B 194 -27.66 -11.34 9.46
N THR B 195 -27.60 -11.39 10.80
CA THR B 195 -27.41 -10.17 11.61
C THR B 195 -25.98 -9.58 11.58
N THR B 196 -25.00 -10.17 10.88
CA THR B 196 -23.65 -9.52 10.70
C THR B 196 -22.87 -9.84 9.38
N ASN B 197 -23.50 -10.35 8.34
CA ASN B 197 -22.85 -10.58 7.01
C ASN B 197 -21.68 -11.58 6.94
N LYS B 198 -21.29 -12.16 8.06
CA LYS B 198 -20.08 -12.97 8.16
C LYS B 198 -20.49 -14.44 8.27
N TYR B 199 -20.29 -15.19 7.17
CA TYR B 199 -20.55 -16.62 7.18
C TYR B 199 -19.54 -17.34 8.09
N TYR B 200 -20.03 -18.10 9.07
CA TYR B 200 -19.20 -18.71 10.11
C TYR B 200 -19.00 -20.18 9.84
N GLU B 201 -17.75 -20.64 9.89
CA GLU B 201 -17.45 -22.07 9.62
C GLU B 201 -17.83 -22.94 10.83
N LEU B 202 -18.21 -24.18 10.52
CA LEU B 202 -18.39 -25.22 11.53
C LEU B 202 -17.72 -26.52 11.04
N ALA B 203 -16.72 -26.98 11.79
CA ALA B 203 -16.03 -28.27 11.51
C ALA B 203 -15.88 -29.17 12.75
N ILE B 204 -15.74 -30.46 12.49
CA ILE B 204 -15.30 -31.40 13.51
C ILE B 204 -13.92 -32.00 13.16
N ALA B 205 -13.31 -32.56 14.19
CA ALA B 205 -12.30 -33.59 14.01
C ALA B 205 -12.94 -34.96 14.22
N ALA B 206 -12.58 -35.86 13.31
CA ALA B 206 -13.21 -37.15 13.10
C ALA B 206 -12.14 -38.27 13.13
N GLY B 207 -12.30 -39.19 14.08
CA GLY B 207 -11.47 -40.37 14.19
C GLY B 207 -11.49 -41.15 12.92
N ALA B 208 -10.40 -41.89 12.68
CA ALA B 208 -10.19 -42.63 11.42
C ALA B 208 -10.67 -44.09 11.44
N SER B 209 -11.08 -44.61 12.59
CA SER B 209 -11.37 -46.05 12.71
C SER B 209 -12.80 -46.27 12.28
N LYS B 210 -13.12 -47.47 11.76
CA LYS B 210 -14.51 -47.87 11.48
C LYS B 210 -15.31 -47.83 12.78
N THR B 211 -14.67 -47.99 13.93
CA THR B 211 -15.36 -47.79 15.20
C THR B 211 -15.90 -46.36 15.28
N TYR B 212 -15.15 -45.36 14.85
CA TYR B 212 -15.70 -44.01 14.75
C TYR B 212 -16.86 -43.89 13.74
N THR B 213 -16.71 -44.47 12.55
CA THR B 213 -17.69 -44.26 11.44
C THR B 213 -19.00 -45.01 11.71
N ASP B 214 -18.88 -46.12 12.43
CA ASP B 214 -19.99 -46.70 13.20
C ASP B 214 -20.63 -45.75 14.23
N SER B 215 -19.84 -45.10 15.07
CA SER B 215 -20.38 -44.30 16.18
C SER B 215 -20.89 -42.88 15.86
N VAL B 216 -20.95 -42.51 14.58
CA VAL B 216 -21.67 -41.29 14.17
C VAL B 216 -22.45 -41.50 12.86
N GLU B 217 -23.46 -40.64 12.69
CA GLU B 217 -24.31 -40.59 11.50
C GLU B 217 -23.72 -39.57 10.56
N LEU B 218 -23.02 -40.05 9.55
CA LEU B 218 -22.28 -39.17 8.67
C LEU B 218 -23.26 -38.49 7.72
N THR B 219 -24.03 -39.30 7.00
CA THR B 219 -25.10 -38.84 6.08
C THR B 219 -25.91 -37.62 6.56
N LYS B 220 -26.17 -37.56 7.87
CA LYS B 220 -26.90 -36.43 8.48
C LYS B 220 -25.99 -35.26 8.82
N ILE B 221 -24.87 -35.58 9.47
CA ILE B 221 -23.91 -34.58 9.95
C ILE B 221 -23.24 -33.78 8.81
N THR B 222 -22.76 -34.47 7.77
CA THR B 222 -21.95 -33.86 6.70
C THR B 222 -22.57 -32.58 6.12
N PRO B 223 -23.86 -32.63 5.76
CA PRO B 223 -24.60 -31.41 5.40
C PRO B 223 -24.46 -30.16 6.29
N TYR B 224 -24.27 -30.29 7.61
CA TYR B 224 -24.14 -29.11 8.48
C TYR B 224 -22.70 -28.65 8.63
N LEU B 225 -21.77 -29.27 7.91
CA LEU B 225 -20.33 -29.08 8.12
C LEU B 225 -19.61 -28.57 6.85
N ASP B 226 -18.64 -27.67 7.07
CA ASP B 226 -17.80 -27.18 5.98
C ASP B 226 -16.73 -28.21 5.69
N TYR B 227 -15.98 -28.55 6.74
CA TYR B 227 -14.85 -29.49 6.67
C TYR B 227 -15.03 -30.62 7.68
N ILE B 228 -14.55 -31.82 7.32
CA ILE B 228 -14.34 -32.88 8.29
C ILE B 228 -12.85 -33.09 8.36
N ASN B 229 -12.23 -32.70 9.48
CA ASN B 229 -10.79 -32.89 9.68
C ASN B 229 -10.49 -34.35 10.03
N LEU B 230 -10.00 -35.16 9.09
CA LEU B 230 -9.66 -36.55 9.39
C LEU B 230 -8.36 -36.65 10.19
N MET B 231 -8.41 -37.31 11.34
CA MET B 231 -7.21 -37.50 12.19
C MET B 231 -6.53 -38.79 11.76
N THR B 232 -6.04 -38.75 10.52
CA THR B 232 -5.15 -39.78 9.95
C THR B 232 -3.74 -39.68 10.58
N TYR B 233 -3.72 -39.68 11.91
CA TYR B 233 -2.53 -39.96 12.68
C TYR B 233 -3.00 -40.69 13.93
N ASP B 234 -2.04 -41.04 14.79
CA ASP B 234 -2.19 -42.12 15.76
C ASP B 234 -2.98 -43.29 15.18
N LEU B 235 -2.62 -43.71 14.00
CA LEU B 235 -3.30 -44.87 13.45
C LEU B 235 -2.76 -46.14 14.11
N HIS B 236 -1.49 -46.12 14.49
CA HIS B 236 -0.85 -47.15 15.26
C HIS B 236 0.12 -46.47 16.24
N GLY B 237 0.51 -47.18 17.30
CA GLY B 237 1.49 -46.66 18.27
C GLY B 237 1.92 -47.75 19.25
N GLY B 238 2.57 -47.38 20.35
CA GLY B 238 3.04 -48.36 21.38
C GLY B 238 2.04 -49.39 21.94
N TRP B 239 0.81 -48.95 22.08
CA TRP B 239 -0.29 -49.83 22.39
C TRP B 239 -0.40 -51.03 21.46
N ASP B 240 -0.03 -50.90 20.19
CA ASP B 240 0.12 -52.12 19.37
C ASP B 240 1.24 -53.11 19.82
N PRO B 241 1.01 -54.43 19.65
CA PRO B 241 2.10 -55.41 19.84
C PRO B 241 3.22 -55.29 18.80
N ALA B 242 2.89 -54.79 17.61
CA ALA B 242 3.88 -54.59 16.53
C ALA B 242 4.05 -53.15 16.06
N THR B 243 5.24 -52.86 15.53
CA THR B 243 5.55 -51.54 14.97
C THR B 243 4.92 -51.43 13.62
N SER B 244 4.59 -50.21 13.31
CA SER B 244 3.87 -49.87 12.11
C SER B 244 3.88 -48.34 11.98
N HIS B 245 3.30 -47.83 10.89
CA HIS B 245 3.30 -46.41 10.58
C HIS B 245 2.14 -45.80 11.27
N HIS B 246 2.33 -44.62 11.82
CA HIS B 246 1.29 -43.98 12.63
C HIS B 246 0.46 -42.96 11.89
N THR B 247 0.96 -42.52 10.73
CA THR B 247 0.29 -41.53 9.89
C THR B 247 0.73 -41.64 8.42
N ALA B 248 0.87 -42.86 7.94
CA ALA B 248 1.34 -43.13 6.55
C ALA B 248 0.27 -42.77 5.52
N VAL B 249 0.68 -42.59 4.24
CA VAL B 249 -0.28 -42.27 3.17
C VAL B 249 -1.07 -43.49 2.76
N TYR B 250 -0.39 -44.62 2.69
CA TYR B 250 -0.95 -45.86 2.14
C TYR B 250 -0.77 -47.01 3.09
N SER B 251 -1.60 -48.02 2.85
CA SER B 251 -1.47 -49.32 3.47
C SER B 251 -0.62 -50.29 2.62
N ALA B 252 0.39 -50.86 3.27
CA ALA B 252 1.29 -51.76 2.61
C ALA B 252 1.17 -53.18 3.12
N THR B 253 0.31 -53.42 4.08
CA THR B 253 -0.01 -54.76 4.60
C THR B 253 -1.50 -54.66 4.92
N ASN B 254 -2.21 -55.78 4.77
CA ASN B 254 -3.66 -55.86 5.02
C ASN B 254 -4.18 -55.05 6.24
N ASN B 255 -3.50 -55.21 7.37
CA ASN B 255 -3.93 -54.70 8.71
C ASN B 255 -3.54 -53.24 9.08
N GLN B 256 -2.78 -52.58 8.20
CA GLN B 256 -2.16 -51.31 8.49
C GLN B 256 -3.05 -50.22 7.90
N LEU B 257 -3.47 -49.30 8.76
CA LEU B 257 -4.25 -48.15 8.39
C LEU B 257 -3.40 -47.04 7.77
N SER B 258 -4.13 -46.12 7.17
CA SER B 258 -3.50 -45.11 6.41
C SER B 258 -4.46 -43.98 6.18
N VAL B 259 -3.95 -42.90 5.60
CA VAL B 259 -4.80 -41.85 5.04
C VAL B 259 -5.69 -42.49 3.92
N ASP B 260 -5.08 -43.29 3.02
CA ASP B 260 -5.78 -44.03 1.92
C ASP B 260 -6.95 -44.90 2.39
N SER B 261 -6.69 -45.87 3.26
CA SER B 261 -7.75 -46.65 3.97
C SER B 261 -8.78 -45.80 4.75
N THR B 262 -8.39 -44.65 5.31
CA THR B 262 -9.35 -43.76 5.99
C THR B 262 -10.20 -42.99 4.99
N VAL B 263 -9.66 -42.72 3.80
CA VAL B 263 -10.38 -41.89 2.83
C VAL B 263 -11.40 -42.81 2.19
N LYS B 264 -10.90 -43.92 1.66
CA LYS B 264 -11.74 -44.97 1.12
C LYS B 264 -12.88 -45.31 2.08
N LEU B 265 -12.61 -45.27 3.39
CA LEU B 265 -13.68 -45.50 4.39
C LEU B 265 -14.74 -44.42 4.41
N TYR B 266 -14.33 -43.14 4.34
CA TYR B 266 -15.33 -42.07 4.36
C TYR B 266 -16.00 -41.87 3.00
N LEU B 267 -15.33 -42.22 1.91
CA LEU B 267 -16.00 -42.14 0.61
C LEU B 267 -17.24 -43.08 0.63
N ASN B 268 -17.03 -44.39 0.71
CA ASN B 268 -18.08 -45.41 0.92
C ASN B 268 -19.33 -45.05 1.71
N ASN B 269 -19.18 -44.16 2.68
CA ASN B 269 -20.31 -43.61 3.43
C ASN B 269 -20.81 -42.31 2.83
N GLY B 270 -20.78 -42.24 1.50
CA GLY B 270 -21.18 -41.07 0.74
C GLY B 270 -20.62 -39.72 1.19
N VAL B 271 -19.51 -39.72 1.92
CA VAL B 271 -19.01 -38.45 2.42
C VAL B 271 -18.24 -37.88 1.25
N PRO B 272 -18.59 -36.65 0.85
CA PRO B 272 -17.98 -36.05 -0.32
C PRO B 272 -16.52 -35.66 -0.10
N ALA B 273 -15.66 -36.24 -0.95
CA ALA B 273 -14.28 -35.82 -1.20
C ALA B 273 -13.91 -34.38 -0.83
N GLU B 274 -14.62 -33.38 -1.35
CA GLU B 274 -14.13 -32.01 -1.15
C GLU B 274 -14.71 -31.34 0.12
N LYS B 275 -15.25 -32.14 1.05
CA LYS B 275 -15.42 -31.70 2.45
C LYS B 275 -14.45 -32.40 3.44
N LEU B 276 -13.57 -33.29 2.95
CA LEU B 276 -12.62 -34.03 3.80
C LEU B 276 -11.19 -33.50 3.77
N MET B 277 -10.72 -32.96 4.89
CA MET B 277 -9.30 -32.66 5.06
C MET B 277 -8.51 -33.91 5.51
N VAL B 278 -7.31 -34.05 4.99
CA VAL B 278 -6.41 -35.13 5.31
C VAL B 278 -5.36 -34.68 6.32
N GLY B 279 -4.96 -35.58 7.22
CA GLY B 279 -4.25 -35.21 8.43
C GLY B 279 -2.81 -35.66 8.50
N GLY B 280 -1.95 -34.75 8.95
CA GLY B 280 -0.56 -35.08 9.31
C GLY B 280 -0.22 -34.70 10.76
N ALA B 281 0.94 -35.16 11.18
CA ALA B 281 1.40 -35.01 12.56
C ALA B 281 2.83 -34.48 12.57
N PHE B 282 3.04 -33.39 13.29
CA PHE B 282 4.38 -32.84 13.55
C PHE B 282 5.01 -33.52 14.76
N TYR B 283 4.62 -34.75 15.07
CA TYR B 283 5.26 -35.51 16.16
C TYR B 283 5.29 -36.98 15.72
N SER B 284 6.21 -37.74 16.30
CA SER B 284 6.34 -39.13 15.99
C SER B 284 5.62 -40.00 17.04
N ARG B 285 5.46 -41.27 16.73
CA ARG B 285 4.89 -42.22 17.62
C ARG B 285 5.98 -43.27 17.80
N VAL B 286 6.34 -43.57 19.03
CA VAL B 286 7.50 -44.38 19.36
C VAL B 286 7.15 -45.75 19.99
N TRP B 287 7.98 -46.73 19.67
CA TRP B 287 7.99 -48.04 20.29
C TRP B 287 9.41 -48.30 20.84
N GLN B 288 9.55 -48.79 22.07
CA GLN B 288 10.86 -49.29 22.57
C GLN B 288 10.96 -50.81 22.63
N ASN B 289 12.20 -51.30 22.83
CA ASN B 289 12.45 -52.71 22.98
C ASN B 289 11.82 -53.45 21.84
N VAL B 290 12.14 -53.01 20.65
CA VAL B 290 11.68 -53.66 19.43
C VAL B 290 12.76 -54.64 19.02
N GLU B 291 12.34 -55.75 18.45
CA GLU B 291 13.24 -56.83 18.12
C GLU B 291 14.13 -56.35 16.97
N ASN B 292 15.46 -56.42 17.20
CA ASN B 292 16.43 -56.04 16.18
C ASN B 292 16.35 -57.03 15.03
N LYS B 293 15.46 -56.74 14.09
CA LYS B 293 15.35 -57.52 12.91
C LYS B 293 14.94 -56.59 11.81
N GLY B 294 15.52 -56.83 10.65
CA GLY B 294 15.28 -56.00 9.48
C GLY B 294 15.54 -54.56 9.85
N THR B 295 14.58 -53.73 9.42
CA THR B 295 14.58 -52.31 9.60
C THR B 295 13.87 -51.85 10.86
N GLY B 296 13.29 -52.78 11.62
CA GLY B 296 12.43 -52.44 12.76
C GLY B 296 10.95 -52.32 12.46
N LEU B 297 10.55 -52.11 11.22
CA LEU B 297 9.12 -51.99 10.84
C LEU B 297 8.41 -53.36 10.91
N SER B 298 7.16 -53.40 11.35
CA SER B 298 6.45 -54.70 11.55
C SER B 298 7.20 -55.70 12.45
N GLU B 299 8.12 -55.25 13.29
CA GLU B 299 8.68 -56.16 14.23
C GLU B 299 7.92 -56.03 15.54
N LYS B 300 8.04 -57.09 16.32
CA LYS B 300 7.48 -57.22 17.63
C LYS B 300 8.13 -56.22 18.60
N ALA B 301 7.29 -55.60 19.42
CA ALA B 301 7.73 -54.73 20.46
C ALA B 301 7.47 -55.27 21.84
N GLY B 302 8.44 -55.16 22.72
CA GLY B 302 8.31 -55.56 24.12
C GLY B 302 7.60 -54.52 25.00
N SER B 303 8.06 -54.40 26.25
CA SER B 303 7.50 -53.43 27.18
C SER B 303 7.87 -52.02 26.74
N GLN B 304 6.85 -51.18 26.87
CA GLN B 304 6.96 -49.79 26.65
C GLN B 304 7.02 -49.09 27.98
N ALA B 305 7.24 -49.79 29.08
CA ALA B 305 7.11 -49.17 30.40
C ALA B 305 7.76 -47.76 30.51
N GLY B 306 8.97 -47.59 29.97
CA GLY B 306 9.65 -46.26 30.02
C GLY B 306 9.50 -45.29 28.84
N SER B 307 8.62 -45.62 27.89
CA SER B 307 8.59 -44.98 26.55
C SER B 307 8.14 -43.54 26.63
N PRO B 308 8.85 -42.64 25.94
CA PRO B 308 8.40 -41.26 25.87
C PRO B 308 7.01 -41.14 25.30
N GLY B 309 6.62 -42.14 24.47
CA GLY B 309 5.31 -42.17 23.83
C GLY B 309 5.47 -41.50 22.48
N THR B 310 5.78 -40.20 22.55
CA THR B 310 6.00 -39.38 21.38
C THR B 310 7.26 -38.52 21.54
N ILE B 311 7.77 -38.09 20.38
CA ILE B 311 8.90 -37.19 20.29
C ILE B 311 8.53 -36.20 19.18
N VAL B 312 8.61 -34.91 19.51
CA VAL B 312 8.17 -33.89 18.53
C VAL B 312 9.17 -33.76 17.39
N TYR B 313 8.65 -33.36 16.21
CA TYR B 313 9.46 -33.24 14.99
C TYR B 313 10.71 -32.41 15.17
N SER B 314 10.66 -31.31 15.92
CA SER B 314 11.93 -30.52 16.11
C SER B 314 12.99 -31.25 16.93
N GLU B 315 12.54 -32.07 17.87
CA GLU B 315 13.47 -32.87 18.66
C GLU B 315 14.03 -34.07 17.85
N LEU B 316 13.25 -34.52 16.85
CA LEU B 316 13.75 -35.51 15.90
C LEU B 316 14.85 -34.96 15.05
N VAL B 317 14.63 -33.82 14.47
CA VAL B 317 15.69 -33.14 13.69
C VAL B 317 16.99 -32.91 14.48
N ASN B 318 16.88 -32.43 15.72
CA ASN B 318 18.05 -32.08 16.50
C ASN B 318 18.84 -33.28 16.95
N ASN B 319 18.16 -34.37 17.35
CA ASN B 319 18.84 -35.49 18.05
C ASN B 319 18.49 -36.88 17.53
N TYR B 320 17.83 -37.01 16.37
CA TYR B 320 17.39 -38.34 15.94
C TYR B 320 17.53 -38.67 14.46
N ILE B 321 16.90 -37.89 13.57
CA ILE B 321 16.93 -38.23 12.17
C ILE B 321 18.35 -38.12 11.67
N ASN B 322 18.92 -39.31 11.48
CA ASN B 322 20.28 -39.61 11.01
C ASN B 322 21.41 -39.19 12.01
N LYS B 323 21.06 -39.24 13.28
CA LYS B 323 21.95 -38.82 14.34
C LYS B 323 21.80 -39.85 15.45
N ASN B 324 22.78 -39.84 16.38
CA ASN B 324 22.87 -40.71 17.56
C ASN B 324 22.59 -42.22 17.38
N GLY B 325 22.98 -42.76 16.23
CA GLY B 325 22.80 -44.17 15.94
C GLY B 325 21.44 -44.57 15.40
N TYR B 326 20.62 -43.59 15.01
CA TYR B 326 19.29 -43.87 14.47
C TYR B 326 19.43 -43.77 12.97
N THR B 327 18.89 -44.75 12.24
CA THR B 327 19.07 -44.85 10.75
C THR B 327 17.75 -44.47 10.06
N ARG B 328 17.82 -43.56 9.08
CA ARG B 328 16.58 -43.16 8.41
C ARG B 328 16.22 -44.25 7.39
N TYR B 329 14.95 -44.59 7.32
CA TYR B 329 14.45 -45.58 6.40
C TYR B 329 13.24 -45.00 5.80
N TRP B 330 12.83 -45.55 4.67
CA TRP B 330 11.63 -45.12 3.97
C TRP B 330 10.99 -46.35 3.45
N ASP B 331 9.65 -46.34 3.47
CA ASP B 331 8.81 -47.45 3.03
C ASP B 331 8.12 -46.87 1.82
N ASP B 332 8.54 -47.35 0.63
CA ASP B 332 8.04 -46.87 -0.69
C ASP B 332 6.59 -47.22 -0.97
N THR B 333 6.12 -48.34 -0.43
CA THR B 333 4.70 -48.68 -0.59
C THR B 333 3.92 -47.65 0.18
N ALA B 334 4.16 -47.65 1.50
CA ALA B 334 3.35 -46.86 2.45
C ALA B 334 3.57 -45.34 2.38
N LYS B 335 4.79 -44.94 1.97
CA LYS B 335 5.25 -43.57 1.76
C LYS B 335 5.40 -42.87 3.07
N ALA B 336 6.34 -43.37 3.85
CA ALA B 336 6.48 -42.93 5.23
C ALA B 336 7.80 -43.24 5.79
N PRO B 337 8.46 -42.22 6.34
CA PRO B 337 9.76 -42.39 6.94
C PRO B 337 9.63 -43.02 8.30
N TYR B 338 10.74 -43.53 8.78
CA TYR B 338 10.84 -44.10 10.10
C TYR B 338 12.31 -44.22 10.53
N LEU B 339 12.55 -44.26 11.84
CA LEU B 339 13.90 -44.36 12.35
C LEU B 339 13.97 -45.62 13.14
N PHE B 340 15.17 -46.16 13.24
CA PHE B 340 15.40 -47.34 14.01
C PHE B 340 16.89 -47.39 14.39
N ASN B 341 17.20 -47.74 15.64
CA ASN B 341 18.61 -47.94 16.06
C ASN B 341 18.99 -49.39 16.43
N GLY B 342 18.23 -50.36 15.94
CA GLY B 342 18.29 -51.73 16.47
C GLY B 342 17.32 -52.02 17.64
N SER B 343 16.87 -51.00 18.38
CA SER B 343 15.99 -51.25 19.53
C SER B 343 14.70 -50.39 19.62
N THR B 344 14.82 -49.08 19.45
CA THR B 344 13.73 -48.13 19.49
C THR B 344 13.40 -47.80 18.07
N PHE B 345 12.12 -47.82 17.72
CA PHE B 345 11.60 -47.60 16.39
C PHE B 345 10.81 -46.35 16.48
N ILE B 346 10.87 -45.45 15.50
CA ILE B 346 10.15 -44.17 15.56
C ILE B 346 9.46 -43.95 14.24
N SER B 347 8.13 -43.95 14.25
CA SER B 347 7.34 -43.62 13.06
C SER B 347 7.05 -42.12 13.10
N TYR B 348 7.31 -41.41 12.01
CA TYR B 348 7.10 -39.95 11.94
C TYR B 348 6.64 -39.46 10.60
N GLU B 349 6.41 -38.16 10.53
CA GLU B 349 6.06 -37.48 9.32
C GLU B 349 7.29 -36.63 8.99
N ASP B 350 7.68 -36.56 7.70
CA ASP B 350 8.82 -35.76 7.21
C ASP B 350 8.48 -34.92 5.93
N THR B 351 9.49 -34.41 5.25
CA THR B 351 9.26 -33.65 4.03
C THR B 351 8.62 -34.48 2.91
N ALA B 352 9.12 -35.69 2.69
CA ALA B 352 8.59 -36.60 1.68
C ALA B 352 7.14 -37.00 1.96
N SER B 353 6.90 -37.58 3.13
CA SER B 353 5.53 -38.02 3.47
C SER B 353 4.51 -36.89 3.24
N ALA B 354 4.83 -35.71 3.77
CA ALA B 354 4.02 -34.51 3.55
C ALA B 354 3.78 -34.30 2.08
N ALA B 355 4.80 -34.45 1.22
CA ALA B 355 4.62 -34.26 -0.23
C ALA B 355 3.64 -35.26 -0.82
N TYR B 356 3.81 -36.53 -0.52
CA TYR B 356 2.79 -37.51 -0.94
C TYR B 356 1.32 -37.27 -0.43
N LYS B 357 1.13 -36.80 0.79
CA LYS B 357 -0.20 -36.34 1.24
C LYS B 357 -0.72 -35.19 0.41
N ALA B 358 0.18 -34.30 0.00
CA ALA B 358 -0.21 -33.20 -0.87
C ALA B 358 -0.68 -33.78 -2.18
N GLU B 359 0.12 -34.61 -2.84
CA GLU B 359 -0.31 -35.27 -4.09
C GLU B 359 -1.67 -35.88 -3.79
N TYR B 360 -1.71 -36.83 -2.82
CA TYR B 360 -2.95 -37.58 -2.50
C TYR B 360 -4.15 -36.65 -2.38
N ILE B 361 -4.01 -35.53 -1.68
CA ILE B 361 -5.09 -34.51 -1.62
C ILE B 361 -5.58 -34.03 -3.00
N LYS B 362 -4.63 -33.62 -3.86
CA LYS B 362 -4.90 -33.08 -5.20
C LYS B 362 -5.47 -34.12 -6.18
N GLN B 363 -4.81 -35.27 -6.24
CA GLN B 363 -5.17 -36.39 -7.13
C GLN B 363 -6.65 -36.81 -6.97
N ASN B 364 -7.05 -36.99 -5.71
CA ASN B 364 -8.37 -37.46 -5.29
C ASN B 364 -9.25 -36.29 -4.90
N ASN B 365 -8.94 -35.11 -5.43
CA ASN B 365 -9.81 -33.90 -5.25
C ASN B 365 -10.36 -33.70 -3.83
N LEU B 366 -9.48 -33.79 -2.83
CA LEU B 366 -9.86 -33.55 -1.43
C LEU B 366 -9.93 -32.03 -1.10
N ALA B 367 -10.51 -31.72 0.07
CA ALA B 367 -10.63 -30.35 0.50
C ALA B 367 -9.32 -29.71 0.92
N GLY B 368 -8.34 -30.51 1.39
CA GLY B 368 -7.07 -29.91 1.84
C GLY B 368 -6.28 -30.68 2.87
N PHE B 369 -5.40 -29.97 3.60
CA PHE B 369 -4.39 -30.62 4.48
C PHE B 369 -4.47 -29.99 5.84
N MET B 370 -4.64 -30.82 6.86
CA MET B 370 -4.71 -30.37 8.26
CA MET B 370 -4.70 -30.38 8.29
C MET B 370 -3.55 -31.02 9.06
N TYR B 371 -3.02 -30.30 10.07
CA TYR B 371 -1.90 -30.85 10.93
C TYR B 371 -1.94 -30.53 12.41
N TRP B 372 -1.45 -31.46 13.22
CA TRP B 372 -1.32 -31.33 14.68
C TRP B 372 0.17 -31.43 15.05
N GLU B 373 0.85 -30.48 15.70
CA GLU B 373 0.43 -29.09 15.92
C GLU B 373 1.63 -28.19 15.68
N TYR B 374 1.35 -26.92 15.36
CA TYR B 374 2.33 -25.97 14.79
C TYR B 374 3.66 -25.87 15.57
N SER B 375 3.56 -25.80 16.90
CA SER B 375 4.74 -25.63 17.78
C SER B 375 5.75 -26.77 17.70
N GLN B 376 5.25 -27.96 17.40
CA GLN B 376 6.09 -29.12 17.27
C GLN B 376 7.02 -29.12 16.05
N ASP B 377 6.71 -28.31 15.02
CA ASP B 377 7.59 -28.14 13.86
C ASP B 377 8.98 -27.66 14.31
N SER B 378 9.95 -27.75 13.38
CA SER B 378 11.29 -27.19 13.53
C SER B 378 11.25 -25.68 13.61
N ASP B 379 12.37 -25.11 13.99
CA ASP B 379 12.46 -23.67 14.20
C ASP B 379 12.28 -22.91 12.91
N SER B 380 12.89 -23.46 11.87
CA SER B 380 12.72 -23.09 10.47
C SER B 380 11.27 -23.18 9.87
N HIS B 381 10.40 -23.95 10.52
CA HIS B 381 9.06 -24.32 10.02
C HIS B 381 9.13 -25.27 8.84
N GLU B 382 10.03 -26.22 8.94
CA GLU B 382 10.27 -27.11 7.82
C GLU B 382 8.97 -27.77 7.24
N LEU B 383 8.18 -28.41 8.11
CA LEU B 383 6.99 -29.12 7.67
C LEU B 383 5.90 -28.20 7.22
N ALA B 384 5.61 -27.11 7.93
CA ALA B 384 4.50 -26.20 7.53
C ALA B 384 4.75 -25.56 6.20
N ASN B 385 5.95 -25.03 6.03
CA ASN B 385 6.43 -24.50 4.73
C ASN B 385 6.37 -25.53 3.59
N THR B 386 6.91 -26.73 3.81
CA THR B 386 6.83 -27.81 2.79
C THR B 386 5.39 -28.10 2.34
N ILE B 387 4.46 -28.20 3.28
CA ILE B 387 3.08 -28.51 2.99
C ILE B 387 2.47 -27.39 2.16
N TYR B 388 2.65 -26.15 2.57
CA TYR B 388 2.27 -25.00 1.72
C TYR B 388 2.91 -25.01 0.32
N SER B 389 4.22 -25.17 0.29
CA SER B 389 4.97 -25.22 -0.95
C SER B 389 4.43 -26.34 -1.91
N ARG B 390 4.11 -27.48 -1.35
CA ARG B 390 3.65 -28.59 -2.12
C ARG B 390 2.19 -28.46 -2.51
N LEU B 391 1.41 -27.68 -1.77
CA LEU B 391 -0.05 -27.63 -1.99
C LEU B 391 -0.54 -26.42 -2.77
N TYR B 392 0.37 -25.51 -3.11
CA TYR B 392 0.03 -24.39 -4.00
C TYR B 392 0.87 -24.47 -5.30
N ALA B 393 1.32 -25.68 -5.65
CA ALA B 393 2.06 -25.97 -6.89
C ALA B 393 1.11 -26.38 -8.02
N LYS B 394 1.37 -25.85 -9.23
CA LYS B 394 0.56 -26.11 -10.42
C LYS B 394 0.66 -27.59 -10.81
N SER B 395 -0.36 -28.36 -10.45
CA SER B 395 -0.32 -29.83 -10.55
C SER B 395 -0.37 -30.31 -12.01
N GLY B 396 0.75 -30.88 -12.46
CA GLY B 396 0.98 -31.18 -13.86
C GLY B 396 2.30 -30.64 -14.38
N THR B 397 2.73 -29.47 -13.86
CA THR B 397 4.09 -28.94 -14.12
C THR B 397 4.94 -29.16 -12.85
N PRO B 398 6.10 -29.84 -12.99
CA PRO B 398 6.75 -30.44 -11.84
C PRO B 398 7.70 -29.42 -11.20
N LEU B 399 8.66 -29.90 -10.38
CA LEU B 399 9.56 -29.05 -9.58
C LEU B 399 11.02 -29.51 -9.63
N SER B 400 11.92 -28.55 -9.54
CA SER B 400 13.33 -28.83 -9.40
C SER B 400 13.65 -29.14 -7.94
N VAL B 401 14.56 -30.09 -7.78
CA VAL B 401 15.23 -30.32 -6.48
C VAL B 401 15.99 -29.06 -6.12
N GLY B 402 15.77 -28.58 -4.89
CA GLY B 402 16.42 -27.39 -4.33
C GLY B 402 17.63 -27.74 -3.49
N THR B 403 18.61 -26.87 -3.48
CA THR B 403 19.77 -26.99 -2.59
C THR B 403 20.06 -25.68 -1.83
N SER B 404 20.91 -25.82 -0.83
CA SER B 404 21.48 -24.72 -0.08
C SER B 404 22.89 -25.23 0.15
N VAL B 405 23.72 -24.53 0.95
CA VAL B 405 25.06 -25.01 1.30
C VAL B 405 25.18 -24.93 2.81
N TYR B 406 25.86 -25.88 3.41
CA TYR B 406 26.22 -25.80 4.82
C TYR B 406 27.75 -25.81 4.98
N ALA B 407 28.47 -26.52 4.09
CA ALA B 407 29.93 -26.40 4.01
C ALA B 407 30.34 -26.29 2.56
N GLY B 408 30.95 -25.17 2.20
CA GLY B 408 31.13 -24.79 0.80
C GLY B 408 32.56 -24.50 0.41
N THR B 409 33.50 -24.83 1.29
CA THR B 409 34.89 -24.43 1.14
C THR B 409 35.85 -25.58 1.37
N VAL B 410 36.72 -25.83 0.38
CA VAL B 410 38.01 -26.54 0.64
C VAL B 410 39.24 -25.64 0.48
N THR B 411 40.03 -25.62 1.55
CA THR B 411 41.15 -24.70 1.73
C THR B 411 42.43 -25.44 1.41
N MET B 412 42.73 -25.46 0.10
CA MET B 412 44.09 -25.77 -0.48
C MET B 412 45.21 -25.41 0.50
N ALA B 413 46.24 -26.27 0.60
CA ALA B 413 47.35 -25.94 1.51
C ALA B 413 48.69 -25.59 0.83
N THR B 414 48.76 -25.68 -0.50
CA THR B 414 49.95 -25.22 -1.31
C THR B 414 49.46 -24.80 -2.70
N TYR B 415 50.34 -24.32 -3.57
CA TYR B 415 49.91 -23.98 -4.98
C TYR B 415 49.36 -25.21 -5.73
N THR B 416 49.66 -26.40 -5.20
CA THR B 416 49.21 -27.68 -5.80
C THR B 416 48.58 -28.73 -4.85
N GLN B 417 48.98 -28.77 -3.57
CA GLN B 417 48.34 -29.63 -2.54
C GLN B 417 46.87 -29.25 -2.13
N LEU B 418 46.02 -30.27 -1.96
CA LEU B 418 44.66 -30.13 -1.46
C LEU B 418 44.39 -31.14 -0.33
N PRO B 419 44.36 -30.70 0.96
CA PRO B 419 43.99 -31.67 1.99
C PRO B 419 42.67 -32.37 1.70
N ALA B 420 42.41 -33.42 2.44
CA ALA B 420 41.10 -34.04 2.41
C ALA B 420 40.12 -33.01 2.98
N GLY B 421 39.04 -32.80 2.23
CA GLY B 421 37.95 -31.95 2.67
C GLY B 421 36.61 -32.49 2.21
N THR B 422 35.53 -32.07 2.85
CA THR B 422 34.20 -32.47 2.37
C THR B 422 33.18 -31.36 2.29
N PHE B 423 32.57 -31.19 1.12
CA PHE B 423 31.47 -30.25 0.91
C PHE B 423 30.20 -30.84 1.44
N ILE B 424 29.19 -30.00 1.67
CA ILE B 424 27.89 -30.47 2.17
C ILE B 424 26.77 -29.52 1.72
N LEU B 425 25.74 -30.04 1.05
CA LEU B 425 24.61 -29.27 0.63
C LEU B 425 23.28 -29.85 1.14
N PRO B 426 22.64 -29.22 2.12
CA PRO B 426 21.32 -29.69 2.47
C PRO B 426 20.28 -29.32 1.40
N LEU B 427 19.21 -30.12 1.26
CA LEU B 427 18.17 -29.86 0.24
C LEU B 427 17.04 -29.08 0.82
N THR B 428 16.56 -28.12 0.06
CA THR B 428 15.54 -27.17 0.44
C THR B 428 14.15 -27.58 -0.10
N GLN B 429 14.13 -28.52 -1.02
CA GLN B 429 12.92 -28.88 -1.77
C GLN B 429 13.17 -30.23 -2.34
N GLY B 430 12.51 -31.24 -1.79
CA GLY B 430 12.78 -32.63 -2.12
C GLY B 430 13.62 -33.32 -1.08
N THR B 431 13.53 -34.64 -0.98
CA THR B 431 14.11 -35.38 0.14
C THR B 431 14.99 -36.55 -0.31
N LEU B 432 16.23 -36.58 0.14
CA LEU B 432 17.16 -37.60 -0.30
C LEU B 432 16.75 -38.97 0.23
N LYS B 433 16.73 -39.95 -0.68
CA LYS B 433 16.86 -41.33 -0.33
C LYS B 433 17.80 -41.45 0.83
N PRO B 434 17.52 -42.34 1.78
CA PRO B 434 18.40 -42.45 2.91
C PRO B 434 19.85 -42.84 2.59
N VAL B 435 20.05 -43.59 1.50
CA VAL B 435 21.39 -44.01 1.04
C VAL B 435 21.43 -43.86 -0.44
N ILE B 436 21.80 -42.69 -0.96
CA ILE B 436 22.15 -42.52 -2.41
C ILE B 436 23.45 -43.23 -2.85
N SER B 437 23.38 -43.76 -4.10
CA SER B 437 24.52 -44.27 -4.88
C SER B 437 25.21 -43.08 -5.65
N ALA B 438 26.38 -43.33 -6.27
CA ALA B 438 27.13 -42.25 -6.98
C ALA B 438 26.51 -41.78 -8.30
N SER B 439 25.77 -42.65 -8.98
CA SER B 439 24.94 -42.24 -10.12
C SER B 439 23.97 -41.11 -9.80
N ASP B 440 23.68 -40.94 -8.52
CA ASP B 440 22.64 -40.06 -8.07
C ASP B 440 23.01 -38.56 -8.14
N VAL B 441 24.31 -38.25 -8.19
CA VAL B 441 24.79 -36.86 -8.22
C VAL B 441 26.15 -36.65 -8.95
N THR B 442 26.21 -35.62 -9.80
CA THR B 442 27.34 -35.33 -10.67
C THR B 442 28.14 -34.10 -10.21
N VAL B 443 29.18 -34.33 -9.42
CA VAL B 443 30.10 -33.27 -9.02
C VAL B 443 30.96 -32.89 -10.22
N SER B 444 30.40 -32.01 -11.04
CA SER B 444 31.12 -31.31 -12.12
C SER B 444 32.23 -30.36 -11.58
N GLY B 445 33.08 -29.80 -12.44
CA GLY B 445 34.01 -28.72 -12.08
C GLY B 445 35.28 -29.05 -11.30
N ILE B 446 35.35 -30.20 -10.60
CA ILE B 446 36.51 -30.55 -9.76
C ILE B 446 37.72 -30.70 -10.66
N PRO B 447 38.89 -30.15 -10.25
CA PRO B 447 40.10 -30.24 -11.09
C PRO B 447 40.44 -31.68 -11.54
N ALA B 448 40.85 -31.84 -12.81
CA ALA B 448 41.10 -33.16 -13.44
C ALA B 448 42.18 -33.98 -12.69
N GLY B 449 41.88 -35.25 -12.41
CA GLY B 449 42.81 -36.16 -11.72
C GLY B 449 42.73 -36.23 -10.19
N ILE B 450 41.66 -35.67 -9.61
CA ILE B 450 41.48 -35.63 -8.15
C ILE B 450 40.22 -36.41 -7.83
N THR B 451 40.21 -37.01 -6.65
CA THR B 451 39.40 -38.22 -6.34
C THR B 451 38.28 -38.00 -5.27
N TYR B 452 37.03 -38.20 -5.68
CA TYR B 452 35.86 -37.94 -4.82
C TYR B 452 34.73 -39.01 -4.79
N THR B 453 34.15 -39.18 -3.60
CA THR B 453 32.99 -40.06 -3.35
C THR B 453 31.76 -39.13 -3.23
N VAL B 454 30.54 -39.66 -3.31
CA VAL B 454 29.33 -38.88 -2.93
C VAL B 454 28.37 -39.68 -2.03
N ALA B 455 28.18 -39.24 -0.80
CA ALA B 455 27.26 -39.85 0.18
C ALA B 455 26.15 -38.90 0.71
N ASN B 456 25.36 -39.41 1.65
CA ASN B 456 24.41 -38.58 2.38
C ASN B 456 25.35 -38.16 3.51
N ALA B 457 25.25 -36.89 3.92
CA ALA B 457 26.16 -36.38 4.92
C ALA B 457 25.77 -36.97 6.24
N ALA B 458 26.79 -37.39 6.98
CA ALA B 458 26.55 -37.85 8.33
C ALA B 458 25.89 -36.72 9.09
N ASP B 459 25.02 -37.08 10.04
CA ASP B 459 24.38 -36.14 10.96
C ASP B 459 23.66 -34.98 10.27
N HIS B 460 23.01 -35.30 9.15
CA HIS B 460 22.15 -34.37 8.42
C HIS B 460 20.98 -35.19 7.92
N ARG B 461 19.77 -34.72 8.15
CA ARG B 461 18.60 -35.50 7.81
C ARG B 461 18.44 -35.65 6.25
N ASN B 462 18.96 -34.68 5.49
CA ASN B 462 18.63 -34.52 4.11
C ASN B 462 19.70 -33.67 3.33
N ALA B 463 20.94 -34.15 3.41
CA ALA B 463 22.07 -33.46 2.78
C ALA B 463 23.14 -34.34 2.06
N VAL B 464 23.47 -33.87 0.86
CA VAL B 464 24.45 -34.47 -0.01
C VAL B 464 25.80 -34.16 0.55
N ALA B 465 26.60 -35.16 0.84
CA ALA B 465 28.05 -34.97 1.03
C ALA B 465 28.80 -35.12 -0.32
N VAL B 466 30.07 -34.71 -0.29
CA VAL B 466 31.04 -34.95 -1.37
C VAL B 466 32.39 -35.06 -0.65
N TYR B 467 32.92 -36.28 -0.47
CA TYR B 467 34.15 -36.50 0.36
C TYR B 467 35.44 -36.44 -0.49
N VAL B 468 36.09 -35.27 -0.53
CA VAL B 468 37.21 -35.00 -1.47
C VAL B 468 38.57 -35.19 -0.79
N ASN B 469 39.46 -35.89 -1.51
CA ASN B 469 40.82 -36.21 -1.06
C ASN B 469 41.85 -35.81 -2.15
N GLY B 470 43.08 -35.49 -1.73
CA GLY B 470 44.11 -35.09 -2.69
C GLY B 470 45.50 -34.81 -2.14
N GLY B 471 46.23 -33.94 -2.84
CA GLY B 471 47.68 -33.78 -2.68
C GLY B 471 48.46 -33.31 -3.91
N THR B 472 47.82 -33.19 -5.09
CA THR B 472 48.49 -32.63 -6.29
C THR B 472 47.56 -32.24 -7.45
N VAL B 473 47.72 -31.04 -8.00
CA VAL B 473 47.02 -30.63 -9.22
C VAL B 473 48.02 -30.30 -10.36
N ALA B 474 47.56 -30.46 -11.62
CA ALA B 474 48.37 -30.20 -12.86
C ALA B 474 49.02 -28.82 -12.92
N SER B 475 48.21 -27.80 -13.12
CA SER B 475 48.64 -26.41 -13.15
C SER B 475 48.52 -25.85 -11.71
N ASN B 476 49.44 -24.96 -11.36
CA ASN B 476 49.36 -24.19 -10.12
C ASN B 476 47.97 -23.57 -9.93
N VAL B 477 47.59 -23.40 -8.66
CA VAL B 477 46.32 -22.75 -8.28
C VAL B 477 46.50 -21.48 -7.41
N TYR B 478 46.36 -20.35 -8.12
CA TYR B 478 46.40 -18.96 -7.62
C TYR B 478 44.98 -18.35 -7.36
N ASP B 479 44.06 -18.60 -8.31
CA ASP B 479 42.66 -18.21 -8.20
C ASP B 479 41.76 -19.32 -7.66
N PRO B 480 40.52 -18.96 -7.21
CA PRO B 480 39.59 -19.98 -6.71
C PRO B 480 38.98 -20.82 -7.82
N ILE B 481 38.78 -22.11 -7.51
CA ILE B 481 38.15 -23.04 -8.45
C ILE B 481 36.69 -23.22 -8.01
N ASP B 482 35.78 -22.88 -8.93
CA ASP B 482 34.37 -23.16 -8.84
C ASP B 482 34.16 -24.67 -8.99
N VAL B 483 33.41 -25.26 -8.05
CA VAL B 483 32.93 -26.63 -8.13
C VAL B 483 31.43 -26.51 -8.28
N ARG B 484 30.82 -27.38 -9.06
CA ARG B 484 29.38 -27.35 -9.24
C ARG B 484 28.77 -28.71 -8.83
N VAL B 485 27.60 -28.72 -8.18
CA VAL B 485 26.94 -29.99 -7.81
C VAL B 485 25.51 -29.95 -8.27
N VAL B 486 25.11 -30.99 -9.00
CA VAL B 486 23.81 -31.03 -9.69
C VAL B 486 23.14 -32.26 -9.16
N VAL B 487 22.01 -32.11 -8.50
CA VAL B 487 21.45 -33.23 -7.70
C VAL B 487 20.24 -33.77 -8.45
N LYS B 488 20.36 -35.04 -8.80
CA LYS B 488 19.53 -35.65 -9.82
C LYS B 488 18.18 -36.05 -9.20
N ALA B 489 17.08 -36.00 -9.97
CA ALA B 489 15.77 -36.60 -9.54
C ALA B 489 15.96 -37.96 -8.88
N SER B 490 16.53 -38.90 -9.61
CA SER B 490 17.12 -40.14 -9.09
C SER B 490 17.45 -40.22 -7.56
N ALA B 491 17.99 -39.15 -7.00
CA ALA B 491 18.42 -39.08 -5.59
C ALA B 491 17.30 -38.92 -4.55
N VAL B 492 16.19 -38.40 -5.04
CA VAL B 492 15.09 -37.96 -4.25
C VAL B 492 13.96 -39.07 -4.12
N LEU B 493 12.99 -38.85 -3.22
CA LEU B 493 11.92 -39.80 -2.89
C LEU B 493 10.58 -39.29 -3.31
N GLU B 494 10.41 -37.99 -3.46
CA GLU B 494 9.22 -37.47 -4.11
C GLU B 494 9.32 -37.87 -5.57
N ALA B 495 8.21 -37.78 -6.30
CA ALA B 495 8.13 -38.51 -7.58
C ALA B 495 8.42 -37.61 -8.78
N ASN B 496 7.54 -36.66 -9.02
CA ASN B 496 7.64 -35.86 -10.25
C ASN B 496 8.54 -34.67 -9.98
N MET B 497 9.84 -34.93 -9.97
CA MET B 497 10.83 -33.92 -9.62
C MET B 497 12.01 -33.90 -10.60
N THR B 498 12.36 -32.70 -11.10
CA THR B 498 13.51 -32.52 -12.02
C THR B 498 14.88 -32.55 -11.31
N ASP B 499 15.96 -32.61 -12.10
CA ASP B 499 17.33 -32.41 -11.61
C ASP B 499 17.52 -31.01 -11.02
N SER B 500 18.37 -30.92 -10.02
CA SER B 500 18.64 -29.63 -9.36
C SER B 500 19.56 -28.73 -10.19
N ALA B 501 19.29 -27.41 -10.10
CA ALA B 501 20.15 -26.35 -10.68
C ALA B 501 21.59 -26.55 -10.23
N PRO B 502 22.57 -26.17 -11.07
CA PRO B 502 23.93 -26.50 -10.66
C PRO B 502 24.36 -25.59 -9.49
N ALA B 503 24.84 -26.21 -8.40
CA ALA B 503 25.03 -25.60 -7.09
C ALA B 503 26.45 -25.14 -6.84
N SER B 504 26.68 -23.82 -6.78
CA SER B 504 28.08 -23.33 -6.67
C SER B 504 28.73 -23.58 -5.32
N VAL B 505 29.85 -24.28 -5.33
CA VAL B 505 30.69 -24.36 -4.13
C VAL B 505 32.09 -24.07 -4.61
N THR B 506 33.07 -24.14 -3.72
CA THR B 506 34.38 -23.48 -3.98
C THR B 506 35.62 -24.19 -3.41
N ILE B 507 36.65 -24.45 -4.26
CA ILE B 507 38.02 -24.74 -3.72
C ILE B 507 38.76 -23.40 -3.63
N MET B 508 39.27 -23.14 -2.43
CA MET B 508 39.86 -21.85 -2.06
C MET B 508 41.37 -21.98 -2.11
N PRO B 509 42.09 -21.00 -2.73
CA PRO B 509 43.55 -20.84 -2.60
C PRO B 509 44.04 -20.67 -1.17
N LYS B 510 45.27 -21.16 -0.96
CA LYS B 510 45.84 -21.36 0.38
C LYS B 510 46.01 -20.07 1.16
N PHE B 511 46.07 -18.96 0.45
CA PHE B 511 46.03 -17.65 1.09
C PHE B 511 44.66 -17.32 1.71
N GLY B 512 43.61 -17.69 0.98
CA GLY B 512 42.28 -17.84 1.53
C GLY B 512 41.36 -16.73 1.12
N PRO B 513 40.44 -16.36 2.01
CA PRO B 513 39.42 -15.39 1.59
C PRO B 513 39.87 -13.92 1.66
N ILE B 514 39.37 -13.03 0.78
CA ILE B 514 39.79 -11.65 0.82
C ILE B 514 39.14 -10.95 1.96
N LEU B 515 39.77 -9.90 2.47
CA LEU B 515 39.17 -9.03 3.52
C LEU B 515 39.36 -7.59 3.03
N LEU B 516 38.35 -7.05 2.40
CA LEU B 516 38.43 -5.81 1.60
C LEU B 516 37.82 -4.69 2.35
N GLY B 517 38.55 -3.60 2.52
CA GLY B 517 37.99 -2.42 3.16
C GLY B 517 37.94 -1.26 2.19
N TYR B 518 36.78 -0.61 2.11
CA TYR B 518 36.69 0.71 1.48
C TYR B 518 37.35 1.72 2.36
N VAL B 519 38.19 2.56 1.82
CA VAL B 519 38.95 3.56 2.53
C VAL B 519 38.59 4.88 1.87
N PRO B 520 37.95 5.79 2.62
CA PRO B 520 37.48 7.04 1.99
C PRO B 520 38.58 8.06 1.81
N GLY B 521 38.70 8.50 0.57
CA GLY B 521 39.65 9.48 0.16
C GLY B 521 39.43 10.88 0.68
N TRP B 522 38.29 11.16 1.32
CA TRP B 522 38.05 12.51 1.94
C TRP B 522 38.48 12.59 3.40
N VAL B 523 39.07 11.51 3.92
CA VAL B 523 39.82 11.59 5.17
C VAL B 523 41.26 11.78 4.75
N ASP B 524 41.97 12.68 5.42
CA ASP B 524 43.40 12.84 5.20
C ASP B 524 44.17 11.83 6.10
N TRP B 525 44.51 10.69 5.49
CA TRP B 525 45.05 9.59 6.23
C TRP B 525 46.41 9.94 6.85
N THR B 526 47.29 10.68 6.16
CA THR B 526 48.64 10.90 6.74
C THR B 526 48.53 11.65 8.08
N ASN B 527 47.55 12.58 8.20
CA ASN B 527 47.32 13.27 9.46
C ASN B 527 46.16 12.77 10.29
N SER B 528 45.81 11.50 10.15
CA SER B 528 44.67 10.94 10.86
C SER B 528 45.30 10.21 12.03
N ALA B 529 44.78 10.42 13.23
CA ALA B 529 45.27 9.64 14.39
C ALA B 529 45.12 8.12 14.17
N TYR B 530 44.02 7.69 13.56
CA TYR B 530 43.75 6.28 13.24
C TYR B 530 44.29 5.96 11.86
N LYS B 531 45.13 4.96 11.78
CA LYS B 531 45.80 4.58 10.54
C LYS B 531 45.23 3.26 10.02
N VAL B 532 45.61 2.92 8.80
CA VAL B 532 45.15 1.69 8.20
C VAL B 532 46.10 0.55 8.61
N ASP B 533 45.52 -0.44 9.27
CA ASP B 533 46.21 -1.67 9.63
C ASP B 533 46.20 -2.70 8.47
N ALA B 534 47.19 -2.58 7.60
CA ALA B 534 47.35 -3.45 6.42
C ALA B 534 47.67 -4.92 6.68
N THR B 535 48.02 -5.27 7.91
CA THR B 535 48.24 -6.68 8.26
C THR B 535 46.87 -7.40 8.20
N LYS B 536 45.84 -6.75 8.75
CA LYS B 536 44.49 -7.28 8.79
C LYS B 536 43.75 -7.29 7.47
N LEU B 537 44.15 -6.47 6.50
CA LEU B 537 43.42 -6.36 5.27
C LEU B 537 44.21 -7.03 4.17
N THR B 538 43.50 -7.67 3.25
CA THR B 538 44.05 -8.14 2.02
C THR B 538 43.85 -7.14 0.89
N HIS B 539 42.69 -6.51 0.86
CA HIS B 539 42.42 -5.47 -0.12
C HIS B 539 41.93 -4.17 0.51
N ILE B 540 42.07 -3.12 -0.29
CA ILE B 540 41.57 -1.78 -0.03
C ILE B 540 41.04 -1.28 -1.37
N ASN B 541 39.81 -0.76 -1.36
CA ASN B 541 39.29 0.08 -2.40
C ASN B 541 39.30 1.52 -1.92
N TYR B 542 39.81 2.40 -2.76
CA TYR B 542 39.97 3.78 -2.41
C TYR B 542 38.81 4.49 -3.01
N ALA B 543 37.86 4.92 -2.18
CA ALA B 543 36.70 5.66 -2.65
C ALA B 543 37.09 7.14 -2.71
N PHE B 544 37.06 7.80 -3.86
CA PHE B 544 36.69 7.30 -5.15
C PHE B 544 37.48 8.12 -6.17
N ALA B 545 37.67 7.56 -7.35
CA ALA B 545 37.83 8.37 -8.54
C ALA B 545 36.45 8.61 -9.15
N ARG B 546 36.39 9.50 -10.14
CA ARG B 546 35.16 9.91 -10.82
C ARG B 546 35.33 10.15 -12.30
N ILE B 547 34.21 10.31 -13.00
CA ILE B 547 34.17 10.45 -14.46
C ILE B 547 33.86 11.88 -14.92
N LYS B 548 34.53 12.38 -15.96
CA LYS B 548 34.38 13.80 -16.39
C LYS B 548 34.75 13.97 -17.86
N ASP B 549 33.79 14.34 -18.70
CA ASP B 549 33.94 14.32 -20.18
C ASP B 549 34.57 12.99 -20.62
N ASN B 550 34.05 11.90 -20.08
CA ASN B 550 34.51 10.53 -20.36
C ASN B 550 35.94 10.16 -19.90
N LYS B 551 36.56 10.98 -19.06
CA LYS B 551 37.89 10.70 -18.47
C LYS B 551 37.74 10.35 -16.99
N VAL B 552 38.68 9.59 -16.44
CA VAL B 552 38.72 9.29 -15.03
C VAL B 552 39.60 10.33 -14.35
N VAL B 553 39.05 11.01 -13.34
CA VAL B 553 39.65 12.14 -12.64
C VAL B 553 39.53 11.93 -11.16
N LYS B 554 40.35 12.61 -10.39
CA LYS B 554 40.20 12.57 -8.97
C LYS B 554 38.85 13.13 -8.57
N ILE B 555 38.40 12.80 -7.35
CA ILE B 555 37.13 13.31 -6.84
C ILE B 555 37.08 14.84 -6.70
N SER B 556 38.22 15.46 -6.41
CA SER B 556 38.35 16.95 -6.31
C SER B 556 38.06 17.70 -7.61
N GLU B 557 38.01 16.96 -8.71
CA GLU B 557 37.74 17.48 -10.06
C GLU B 557 36.33 17.10 -10.53
N ASP B 558 35.50 16.59 -9.62
CA ASP B 558 34.12 16.26 -9.94
C ASP B 558 33.30 17.41 -9.44
N ILE B 559 32.81 18.21 -10.38
CA ILE B 559 32.18 19.44 -10.02
C ILE B 559 30.86 19.13 -9.29
N ASN B 560 30.23 18.01 -9.66
CA ASN B 560 29.00 17.54 -9.02
C ASN B 560 29.23 17.24 -7.54
N TRP B 561 30.44 16.76 -7.20
CA TRP B 561 30.77 16.46 -5.82
C TRP B 561 31.26 17.69 -5.08
N VAL B 562 32.14 18.45 -5.72
CA VAL B 562 32.67 19.61 -5.01
C VAL B 562 31.53 20.55 -4.64
N ASN B 563 30.57 20.70 -5.56
CA ASN B 563 29.44 21.59 -5.40
C ASN B 563 28.13 20.95 -4.88
N GLU B 564 28.19 19.78 -4.25
CA GLU B 564 26.98 19.20 -3.64
C GLU B 564 26.40 20.11 -2.55
N PHE B 565 27.23 20.94 -1.92
CA PHE B 565 26.71 21.89 -0.96
C PHE B 565 27.17 23.28 -1.33
N PRO B 566 26.22 24.17 -1.74
CA PRO B 566 26.41 25.61 -1.99
C PRO B 566 27.42 26.38 -1.15
N SER B 567 27.43 26.12 0.16
CA SER B 567 28.33 26.79 1.10
C SER B 567 29.79 26.68 0.71
N GLU B 568 30.50 27.81 0.68
CA GLU B 568 31.88 27.91 0.18
C GLU B 568 33.01 27.17 0.96
N GLU B 569 32.86 27.06 2.28
CA GLU B 569 33.85 26.38 3.13
C GLU B 569 33.90 24.85 2.86
N ILE B 570 32.75 24.26 2.57
CA ILE B 570 32.69 22.88 2.15
C ILE B 570 33.31 22.74 0.76
N ARG B 571 32.88 23.54 -0.21
CA ARG B 571 33.42 23.46 -1.58
C ARG B 571 34.95 23.61 -1.61
N GLU B 572 35.49 24.32 -0.63
CA GLU B 572 36.93 24.57 -0.53
C GLU B 572 37.67 23.32 -0.02
N GLN B 573 37.24 22.82 1.15
CA GLN B 573 37.59 21.51 1.66
C GLN B 573 37.69 20.53 0.51
N ARG B 574 36.64 20.48 -0.29
CA ARG B 574 36.52 19.46 -1.32
C ARG B 574 37.39 19.67 -2.55
N ARG B 575 37.84 20.89 -2.78
CA ARG B 575 38.67 21.21 -3.96
C ARG B 575 40.10 20.87 -3.59
N ASN B 576 40.44 21.04 -2.31
CA ASN B 576 41.71 20.56 -1.77
C ASN B 576 41.52 19.28 -0.95
N ASN B 577 40.88 18.30 -1.59
CA ASN B 577 40.72 16.98 -1.05
C ASN B 577 42.09 16.34 -1.10
N PRO B 578 42.50 15.72 0.00
CA PRO B 578 43.89 15.37 0.13
C PRO B 578 44.23 14.10 -0.63
N ASP B 579 43.93 14.04 -1.92
CA ASP B 579 44.10 12.80 -2.68
C ASP B 579 45.54 12.44 -2.79
N ASP B 580 46.41 13.45 -2.94
CA ASP B 580 47.82 13.17 -3.26
C ASP B 580 48.56 12.69 -2.05
N ALA B 581 48.27 13.29 -0.93
CA ALA B 581 48.69 12.76 0.35
C ALA B 581 48.28 11.30 0.45
N ASN B 582 47.01 11.02 0.15
CA ASN B 582 46.47 9.68 0.35
C ASN B 582 47.11 8.62 -0.53
N PHE B 583 47.38 8.94 -1.80
CA PHE B 583 48.13 8.04 -2.68
C PHE B 583 49.56 7.75 -2.21
N ALA B 584 50.24 8.79 -1.74
CA ALA B 584 51.52 8.71 -1.00
C ALA B 584 51.43 7.80 0.21
N TYR B 585 50.37 7.96 0.99
CA TYR B 585 50.19 7.12 2.15
C TYR B 585 49.90 5.64 1.75
N LEU B 586 49.20 5.43 0.61
CA LEU B 586 48.92 4.08 0.13
C LEU B 586 50.18 3.40 -0.43
N LYS B 587 51.08 4.17 -1.05
CA LYS B 587 52.46 3.72 -1.34
C LYS B 587 53.03 3.04 -0.10
N THR B 588 53.11 3.82 0.99
CA THR B 588 53.82 3.36 2.20
C THR B 588 53.16 2.15 2.84
N LEU B 589 51.85 1.98 2.71
CA LEU B 589 51.23 0.71 3.11
C LEU B 589 51.65 -0.49 2.24
N LYS B 590 51.80 -0.30 0.92
CA LYS B 590 52.21 -1.38 0.06
C LYS B 590 53.65 -1.80 0.36
N GLN B 591 54.52 -0.84 0.68
CA GLN B 591 55.82 -1.15 1.29
C GLN B 591 55.59 -1.92 2.58
N GLN B 592 54.77 -1.39 3.49
CA GLN B 592 54.41 -2.05 4.80
C GLN B 592 53.90 -3.49 4.71
N ASN B 593 53.10 -3.77 3.68
CA ASN B 593 52.57 -5.10 3.43
C ASN B 593 52.64 -5.40 1.90
N PRO B 594 53.70 -6.13 1.43
CA PRO B 594 53.90 -6.34 -0.03
C PRO B 594 52.80 -7.10 -0.76
N SER B 595 51.99 -7.79 0.03
CA SER B 595 50.86 -8.59 -0.45
C SER B 595 49.57 -7.80 -0.68
N LEU B 596 49.37 -6.77 0.15
CA LEU B 596 48.21 -5.87 0.07
C LEU B 596 47.89 -5.52 -1.36
N LYS B 597 46.62 -5.58 -1.74
CA LYS B 597 46.19 -5.06 -3.04
C LYS B 597 45.38 -3.77 -2.77
N VAL B 598 45.67 -2.69 -3.48
CA VAL B 598 44.88 -1.46 -3.44
C VAL B 598 44.29 -1.10 -4.82
N LEU B 599 42.98 -1.04 -4.94
CA LEU B 599 42.33 -0.69 -6.18
C LEU B 599 41.62 0.68 -6.09
N VAL B 600 41.44 1.31 -7.25
CA VAL B 600 40.71 2.55 -7.38
C VAL B 600 39.23 2.23 -7.67
N SER B 601 38.30 2.75 -6.84
CA SER B 601 36.86 2.61 -7.08
C SER B 601 36.44 3.80 -7.85
N ILE B 602 35.96 3.55 -9.06
CA ILE B 602 35.53 4.61 -9.86
C ILE B 602 34.03 4.69 -9.66
N GLY B 603 33.59 5.87 -9.24
CA GLY B 603 32.19 6.19 -9.10
C GLY B 603 31.68 6.34 -7.68
N GLY B 604 30.66 5.56 -7.38
CA GLY B 604 30.02 5.57 -6.11
C GLY B 604 28.69 6.25 -6.24
N TRP B 605 28.07 6.49 -5.08
CA TRP B 605 26.74 7.03 -4.99
C TRP B 605 26.71 8.44 -5.53
N ALA B 606 25.76 8.69 -6.44
CA ALA B 606 25.64 9.99 -7.13
C ALA B 606 26.64 10.22 -8.29
N ALA B 607 27.46 9.23 -8.64
CA ALA B 607 28.51 9.43 -9.64
C ALA B 607 27.96 9.31 -11.05
N GLU B 608 28.13 10.40 -11.80
CA GLU B 608 27.57 10.55 -13.15
C GLU B 608 28.51 10.07 -14.26
N GLY B 609 28.05 10.17 -15.49
CA GLY B 609 28.89 9.94 -16.62
C GLY B 609 28.98 8.49 -16.95
N PHE B 610 28.50 7.62 -16.07
CA PHE B 610 28.64 6.20 -16.31
C PHE B 610 27.80 5.73 -17.48
N SER B 611 26.61 6.32 -17.72
CA SER B 611 25.73 5.84 -18.78
C SER B 611 26.21 6.29 -20.15
N ASP B 612 26.46 7.62 -20.28
CA ASP B 612 27.01 8.18 -21.53
C ASP B 612 28.27 7.40 -21.85
N ALA B 613 29.18 7.29 -20.89
CA ALA B 613 30.44 6.59 -21.12
C ALA B 613 30.29 5.16 -21.66
N ALA B 614 29.23 4.47 -21.26
CA ALA B 614 29.06 3.10 -21.71
C ALA B 614 28.39 2.91 -23.11
N LEU B 615 27.80 3.99 -23.68
CA LEU B 615 27.03 3.99 -24.98
C LEU B 615 27.72 3.26 -26.17
N THR B 616 28.60 3.99 -26.87
CA THR B 616 29.21 3.49 -28.09
C THR B 616 30.45 2.72 -27.67
N PRO B 617 30.94 1.85 -28.56
CA PRO B 617 32.25 1.19 -28.28
C PRO B 617 33.47 2.14 -28.25
N GLU B 618 33.31 3.38 -28.76
CA GLU B 618 34.43 4.34 -28.75
C GLU B 618 34.50 5.01 -27.38
N THR B 619 33.38 5.58 -26.90
CA THR B 619 33.30 6.14 -25.52
C THR B 619 33.75 5.14 -24.43
N ARG B 620 33.29 3.91 -24.50
CA ARG B 620 33.86 2.81 -23.73
C ARG B 620 35.40 2.75 -23.80
N GLU B 621 35.92 2.86 -25.02
CA GLU B 621 37.38 2.87 -25.27
C GLU B 621 38.05 4.03 -24.52
N GLU B 622 37.43 5.20 -24.58
CA GLU B 622 38.00 6.43 -24.01
C GLU B 622 38.14 6.32 -22.48
N LEU B 623 37.02 5.94 -21.85
CA LEU B 623 36.99 5.67 -20.42
C LEU B 623 37.95 4.58 -19.99
N ALA B 624 37.97 3.46 -20.71
CA ALA B 624 38.81 2.33 -20.29
C ALA B 624 40.29 2.74 -20.24
N ASN B 625 40.80 3.28 -21.35
CA ASN B 625 42.17 3.83 -21.44
C ASN B 625 42.49 4.91 -20.37
N SER B 626 41.60 5.91 -20.21
CA SER B 626 41.72 6.91 -19.13
C SER B 626 41.82 6.37 -17.64
N ALA B 627 41.02 5.36 -17.32
CA ALA B 627 41.01 4.67 -16.03
C ALA B 627 42.31 3.86 -15.84
N ILE B 628 42.84 3.32 -16.95
CA ILE B 628 44.11 2.60 -16.92
C ILE B 628 45.22 3.62 -16.62
N ALA B 629 45.21 4.74 -17.34
CA ALA B 629 46.21 5.79 -17.16
C ALA B 629 46.22 6.19 -15.73
N PHE B 630 45.03 6.49 -15.18
CA PHE B 630 44.86 6.87 -13.77
C PHE B 630 45.31 5.75 -12.83
N MET B 631 44.98 4.52 -13.10
CA MET B 631 45.41 3.43 -12.24
C MET B 631 46.92 3.40 -12.04
N HIS B 632 47.65 3.53 -13.13
CA HIS B 632 49.13 3.49 -13.09
C HIS B 632 49.67 4.77 -12.47
N GLN B 633 49.09 5.90 -12.92
CA GLN B 633 49.61 7.16 -12.44
C GLN B 633 49.73 7.15 -10.93
N TYR B 634 48.67 6.74 -10.23
CA TYR B 634 48.68 6.85 -8.77
C TYR B 634 49.05 5.61 -7.95
N GLY B 635 49.40 4.50 -8.59
CA GLY B 635 49.99 3.34 -7.89
C GLY B 635 49.05 2.22 -7.47
N PHE B 636 48.04 1.94 -8.28
CA PHE B 636 46.98 1.02 -7.92
C PHE B 636 47.17 -0.36 -8.55
N ASP B 637 46.41 -1.32 -8.03
CA ASP B 637 46.58 -2.72 -8.33
C ASP B 637 45.39 -3.27 -9.08
N GLY B 638 44.49 -2.41 -9.51
CA GLY B 638 43.27 -2.91 -10.13
C GLY B 638 42.27 -1.80 -10.14
N ILE B 639 41.10 -2.05 -10.72
CA ILE B 639 40.03 -1.09 -10.80
C ILE B 639 38.75 -1.70 -10.25
N ASP B 640 37.98 -0.90 -9.51
CA ASP B 640 36.69 -1.34 -9.04
C ASP B 640 35.64 -0.40 -9.62
N LEU B 641 34.64 -0.93 -10.32
CA LEU B 641 33.57 -0.08 -10.86
C LEU B 641 32.33 -0.08 -10.02
N ASP B 642 31.83 1.13 -9.75
CA ASP B 642 30.81 1.41 -8.73
C ASP B 642 29.72 2.24 -9.36
N TRP B 643 29.04 1.61 -10.32
CA TRP B 643 27.92 2.25 -11.03
C TRP B 643 26.64 2.06 -10.20
N GLU B 644 26.05 3.17 -9.77
CA GLU B 644 24.88 3.19 -8.90
C GLU B 644 23.65 3.94 -9.44
N TYR B 645 22.83 3.31 -10.30
CA TYR B 645 23.03 1.97 -10.91
C TYR B 645 22.61 1.95 -12.40
N PRO B 646 23.03 0.89 -13.11
CA PRO B 646 22.59 0.71 -14.50
C PRO B 646 21.07 0.59 -14.68
N VAL B 647 20.55 1.07 -15.83
CA VAL B 647 19.14 0.97 -16.29
C VAL B 647 18.22 1.88 -15.47
N TYR B 648 18.28 1.79 -14.16
CA TYR B 648 17.35 2.50 -13.34
C TYR B 648 17.91 3.69 -12.62
N GLY B 649 19.23 3.90 -12.67
CA GLY B 649 19.83 5.13 -12.11
C GLY B 649 19.44 5.52 -10.69
N ALA B 650 19.26 4.52 -9.83
CA ALA B 650 18.84 4.72 -8.42
C ALA B 650 17.58 5.57 -8.32
N PHE B 651 16.68 5.31 -9.26
CA PHE B 651 15.43 6.07 -9.43
C PHE B 651 15.68 7.56 -9.64
N GLY B 652 16.41 7.82 -10.73
CA GLY B 652 16.73 9.19 -11.19
C GLY B 652 17.65 10.08 -10.35
N VAL B 653 18.59 9.47 -9.63
CA VAL B 653 19.74 10.24 -9.14
C VAL B 653 20.77 10.33 -10.30
N ILE B 654 20.79 9.29 -11.15
CA ILE B 654 21.73 9.12 -12.23
C ILE B 654 21.00 8.97 -13.56
N LYS B 655 21.69 9.39 -14.63
CA LYS B 655 21.25 9.14 -15.99
C LYS B 655 21.35 7.63 -16.32
N SER B 656 20.27 7.11 -16.93
CA SER B 656 20.17 5.70 -17.23
C SER B 656 19.35 5.38 -18.49
N ARG B 657 19.62 4.20 -19.04
CA ARG B 657 19.12 3.78 -20.34
C ARG B 657 18.84 2.26 -20.29
N PRO B 658 17.76 1.82 -20.95
CA PRO B 658 17.58 0.38 -21.04
C PRO B 658 18.84 -0.29 -21.58
N GLU B 659 19.53 0.40 -22.48
CA GLU B 659 20.74 -0.16 -23.11
C GLU B 659 21.96 -0.32 -22.13
N ASP B 660 21.90 0.35 -20.96
CA ASP B 660 22.87 0.14 -19.88
C ASP B 660 23.09 -1.35 -19.56
N LYS B 661 22.03 -2.14 -19.56
CA LYS B 661 22.20 -3.53 -19.15
C LYS B 661 23.42 -4.18 -19.85
N GLN B 662 23.38 -4.13 -21.18
CA GLN B 662 24.30 -4.88 -22.05
C GLN B 662 25.59 -4.05 -22.25
N ASN B 663 25.45 -2.72 -22.34
CA ASN B 663 26.58 -1.79 -22.22
C ASN B 663 27.53 -2.15 -21.06
N PHE B 664 26.99 -2.19 -19.83
CA PHE B 664 27.77 -2.52 -18.61
C PHE B 664 28.59 -3.75 -18.90
N THR B 665 27.95 -4.78 -19.43
CA THR B 665 28.63 -6.03 -19.85
C THR B 665 29.75 -5.82 -20.90
N ALA B 666 29.54 -4.88 -21.83
CA ALA B 666 30.57 -4.53 -22.82
C ALA B 666 31.73 -3.79 -22.14
N LEU B 667 31.40 -2.69 -21.47
CA LEU B 667 32.36 -2.01 -20.60
C LEU B 667 33.26 -3.00 -19.84
N LEU B 668 32.65 -3.95 -19.15
CA LEU B 668 33.42 -4.80 -18.26
C LEU B 668 34.31 -5.76 -19.01
N LYS B 669 33.88 -6.16 -20.21
CA LYS B 669 34.71 -6.99 -21.07
C LYS B 669 35.96 -6.23 -21.55
N LEU B 670 35.75 -4.97 -21.95
CA LEU B 670 36.81 -4.05 -22.40
C LEU B 670 37.83 -3.80 -21.31
N PHE B 671 37.39 -3.46 -20.10
CA PHE B 671 38.34 -3.24 -18.98
C PHE B 671 39.26 -4.45 -18.79
N ARG B 672 38.67 -5.62 -18.90
CA ARG B 672 39.36 -6.87 -18.57
C ARG B 672 40.29 -7.25 -19.74
N GLU B 673 39.91 -6.80 -20.93
CA GLU B 673 40.78 -6.85 -22.10
C GLU B 673 41.99 -5.85 -21.89
N LYS B 674 41.73 -4.54 -21.71
CA LYS B 674 42.80 -3.55 -21.38
C LYS B 674 43.70 -3.96 -20.24
N LEU B 675 43.13 -4.60 -19.21
CA LEU B 675 43.91 -4.87 -18.00
C LEU B 675 44.74 -6.09 -18.22
N ASP B 676 44.37 -6.89 -19.22
CA ASP B 676 45.13 -8.08 -19.60
C ASP B 676 46.36 -7.65 -20.40
N VAL B 677 46.18 -6.67 -21.29
CA VAL B 677 47.30 -5.95 -21.87
C VAL B 677 48.23 -5.51 -20.73
N GLU B 678 47.75 -4.62 -19.88
CA GLU B 678 48.59 -4.04 -18.83
C GLU B 678 49.37 -5.08 -18.06
N GLY B 679 48.73 -6.13 -17.58
CA GLY B 679 49.43 -7.15 -16.76
C GLY B 679 50.56 -7.89 -17.50
N ALA B 680 50.36 -8.01 -18.80
CA ALA B 680 51.31 -8.59 -19.68
C ALA B 680 52.48 -7.61 -19.88
N LEU B 681 52.19 -6.30 -19.84
CA LEU B 681 53.23 -5.26 -19.88
C LEU B 681 54.04 -5.18 -18.61
N HIS B 682 53.35 -5.11 -17.46
CA HIS B 682 54.01 -4.91 -16.14
C HIS B 682 54.46 -6.14 -15.42
N GLY B 683 54.13 -7.30 -15.93
CA GLY B 683 54.57 -8.55 -15.31
C GLY B 683 53.96 -8.75 -13.95
N LYS B 684 52.66 -8.40 -13.86
CA LYS B 684 51.82 -8.60 -12.66
C LYS B 684 50.32 -8.75 -13.03
N TYR B 685 49.52 -9.23 -12.07
CA TYR B 685 48.07 -9.33 -12.26
C TYR B 685 47.27 -8.13 -11.67
N TYR B 686 46.45 -7.53 -12.52
CA TYR B 686 45.54 -6.44 -12.14
C TYR B 686 44.09 -6.94 -11.94
N GLU B 687 43.45 -6.57 -10.81
CA GLU B 687 42.12 -7.05 -10.50
C GLU B 687 41.02 -6.24 -11.14
N LEU B 688 39.84 -6.83 -11.26
CA LEU B 688 38.68 -6.04 -11.72
C LEU B 688 37.47 -6.54 -10.92
N ALA B 689 36.74 -5.58 -10.36
CA ALA B 689 35.71 -5.86 -9.39
C ALA B 689 34.64 -4.83 -9.58
N ILE B 690 33.42 -5.20 -9.17
CA ILE B 690 32.37 -4.20 -9.03
C ILE B 690 31.77 -4.23 -7.64
N ALA B 691 31.14 -3.12 -7.32
CA ALA B 691 30.19 -3.04 -6.23
C ALA B 691 28.82 -3.15 -6.87
N SER B 692 28.05 -4.12 -6.36
CA SER B 692 26.70 -4.39 -6.83
C SER B 692 25.65 -4.39 -5.71
N ALA B 693 24.40 -4.17 -6.10
CA ALA B 693 23.30 -3.94 -5.18
C ALA B 693 22.47 -5.19 -4.83
N ALA B 694 21.70 -5.02 -3.77
CA ALA B 694 20.90 -6.07 -3.21
C ALA B 694 19.49 -6.12 -3.78
N ALA B 695 18.96 -4.98 -4.20
CA ALA B 695 17.57 -4.96 -4.65
C ALA B 695 17.32 -5.91 -5.85
N PRO B 696 16.10 -6.51 -5.90
CA PRO B 696 15.78 -7.34 -7.05
C PRO B 696 15.81 -6.58 -8.40
N ILE B 697 15.48 -5.29 -8.41
CA ILE B 697 15.62 -4.46 -9.61
C ILE B 697 17.06 -4.34 -10.19
N TYR B 698 18.09 -4.28 -9.35
CA TYR B 698 19.48 -4.36 -9.80
C TYR B 698 19.72 -5.72 -10.38
N ILE B 699 19.15 -6.76 -9.81
CA ILE B 699 19.36 -8.11 -10.36
C ILE B 699 18.70 -8.29 -11.73
N ASN B 700 17.62 -7.54 -11.94
CA ASN B 700 16.94 -7.55 -13.21
C ASN B 700 17.77 -6.71 -14.19
N SER B 701 18.13 -5.50 -13.80
CA SER B 701 18.93 -4.57 -14.62
C SER B 701 20.36 -4.93 -15.11
N VAL B 702 20.94 -6.06 -14.67
CA VAL B 702 22.31 -6.45 -14.98
C VAL B 702 22.43 -7.93 -15.30
N GLU B 703 23.39 -8.29 -16.15
CA GLU B 703 23.50 -9.61 -16.71
C GLU B 703 24.48 -10.43 -15.92
N LEU B 704 24.09 -10.69 -14.69
CA LEU B 704 24.97 -11.32 -13.71
C LEU B 704 25.63 -12.60 -14.21
N ASP B 705 24.93 -13.44 -14.98
CA ASP B 705 25.56 -14.71 -15.45
C ASP B 705 26.66 -14.44 -16.50
N LYS B 706 26.51 -13.36 -17.26
CA LYS B 706 27.52 -12.97 -18.24
C LYS B 706 28.79 -12.43 -17.60
N ILE B 707 28.65 -11.39 -16.77
CA ILE B 707 29.76 -10.53 -16.38
C ILE B 707 30.76 -11.13 -15.45
N HIS B 708 30.45 -12.22 -14.77
CA HIS B 708 31.35 -12.69 -13.70
C HIS B 708 32.67 -13.28 -14.18
N GLN B 709 32.64 -14.00 -15.31
CA GLN B 709 33.86 -14.44 -16.06
C GLN B 709 34.94 -13.35 -16.26
N TYR B 710 34.50 -12.10 -16.45
CA TYR B 710 35.31 -10.92 -16.53
C TYR B 710 35.81 -10.30 -15.19
N LEU B 711 35.38 -10.86 -14.04
CA LEU B 711 35.61 -10.20 -12.75
C LEU B 711 36.30 -11.05 -11.75
N ASP B 712 36.99 -10.43 -10.81
CA ASP B 712 37.59 -11.18 -9.71
C ASP B 712 36.51 -11.52 -8.70
N TYR B 713 35.68 -10.53 -8.36
CA TYR B 713 34.59 -10.72 -7.40
C TYR B 713 33.61 -9.57 -7.50
N MET B 714 32.42 -9.81 -6.94
CA MET B 714 31.35 -8.80 -6.81
C MET B 714 31.16 -8.46 -5.35
N SER B 715 31.47 -7.23 -4.99
CA SER B 715 31.24 -6.76 -3.67
C SER B 715 29.78 -6.41 -3.59
N VAL B 716 29.03 -7.32 -2.99
CA VAL B 716 27.60 -7.19 -2.82
C VAL B 716 27.32 -6.34 -1.60
N MET B 717 26.72 -5.18 -1.84
CA MET B 717 26.34 -4.26 -0.78
C MET B 717 25.15 -4.84 -0.01
N THR B 718 25.46 -5.82 0.81
CA THR B 718 24.44 -6.49 1.63
C THR B 718 24.13 -5.70 2.92
N TYR B 719 23.60 -4.48 2.71
CA TYR B 719 23.19 -3.57 3.76
C TYR B 719 22.29 -2.49 3.12
N ASP B 720 21.83 -1.50 3.89
CA ASP B 720 20.88 -0.48 3.47
C ASP B 720 19.59 -1.04 2.95
N TYR B 721 19.17 -2.16 3.52
CA TYR B 721 17.96 -2.78 3.02
C TYR B 721 16.74 -1.95 3.42
N HIS B 722 16.86 -1.09 4.44
CA HIS B 722 15.73 -0.36 4.99
C HIS B 722 16.18 0.93 5.65
N GLY B 723 15.46 2.02 5.45
CA GLY B 723 15.89 3.28 6.10
C GLY B 723 14.81 4.31 6.37
N SER B 724 15.28 5.52 6.71
CA SER B 724 14.43 6.73 6.92
C SER B 724 13.20 6.69 6.00
N TRP B 725 13.48 6.48 4.72
CA TRP B 725 12.49 6.39 3.66
C TRP B 725 11.32 5.40 3.80
N GLU B 726 11.07 4.81 4.97
CA GLU B 726 9.99 3.82 5.08
C GLU B 726 9.31 3.89 6.41
N SER B 727 8.13 3.30 6.41
CA SER B 727 7.26 3.25 7.54
C SER B 727 7.80 2.30 8.63
N LYS B 728 7.85 0.99 8.33
CA LYS B 728 8.14 -0.01 9.37
C LYS B 728 9.65 0.02 9.77
N THR B 729 9.92 -0.34 11.01
CA THR B 729 11.27 -0.63 11.45
C THR B 729 11.64 -1.98 10.90
N ALA B 730 12.94 -2.24 10.83
CA ALA B 730 13.44 -3.48 10.30
C ALA B 730 14.96 -3.43 10.28
N HIS B 731 15.57 -4.59 10.03
CA HIS B 731 17.01 -4.72 9.87
C HIS B 731 17.54 -4.26 8.52
N GLN B 732 18.42 -3.25 8.58
CA GLN B 732 19.15 -2.76 7.42
C GLN B 732 20.29 -3.65 6.89
N ALA B 733 20.83 -4.59 7.69
CA ALA B 733 22.01 -5.35 7.23
C ALA B 733 22.09 -6.82 7.62
N SER B 734 20.96 -7.44 7.90
CA SER B 734 20.93 -8.76 8.52
C SER B 734 21.54 -9.87 7.66
N VAL B 735 22.17 -10.82 8.33
CA VAL B 735 22.89 -11.83 7.62
C VAL B 735 21.87 -12.86 7.24
N TYR B 736 21.00 -13.24 8.18
CA TYR B 736 19.81 -14.07 7.92
C TYR B 736 18.48 -13.28 8.00
N THR B 737 17.49 -13.80 7.32
CA THR B 737 16.18 -13.21 7.30
C THR B 737 15.50 -13.53 8.67
N SER B 738 15.06 -12.50 9.40
CA SER B 738 14.31 -12.70 10.65
C SER B 738 13.11 -13.58 10.44
N ALA B 739 12.87 -14.48 11.38
CA ALA B 739 11.69 -15.33 11.40
C ALA B 739 10.47 -14.46 11.45
N LEU B 740 10.58 -13.35 12.17
CA LEU B 740 9.50 -12.35 12.33
C LEU B 740 9.35 -11.37 11.16
N SER B 741 10.01 -11.65 10.03
CA SER B 741 9.77 -10.92 8.76
C SER B 741 10.03 -11.83 7.55
N PRO B 742 9.15 -12.83 7.36
CA PRO B 742 9.42 -13.77 6.26
C PRO B 742 9.47 -13.04 4.92
N GLY B 743 10.30 -13.57 4.02
CA GLY B 743 10.57 -12.91 2.72
C GLY B 743 11.37 -11.64 2.78
N ASP B 744 11.93 -11.24 3.92
CA ASP B 744 12.67 -9.96 4.01
C ASP B 744 14.12 -10.14 3.50
N PHE B 745 14.71 -9.02 3.09
CA PHE B 745 16.12 -8.95 2.68
C PHE B 745 17.07 -9.35 3.78
N SER B 746 18.03 -10.21 3.42
CA SER B 746 19.11 -10.62 4.27
C SER B 746 20.33 -10.88 3.40
N ALA B 747 21.54 -10.85 3.94
CA ALA B 747 22.70 -11.33 3.15
C ALA B 747 22.38 -12.68 2.50
N ASP B 748 21.88 -13.60 3.30
CA ASP B 748 21.56 -14.99 2.86
C ASP B 748 20.58 -15.09 1.65
N SER B 749 19.56 -14.25 1.61
CA SER B 749 18.62 -14.28 0.54
C SER B 749 19.22 -13.58 -0.65
N VAL B 750 19.95 -12.49 -0.44
CA VAL B 750 20.55 -11.77 -1.55
C VAL B 750 21.61 -12.63 -2.29
N LEU B 751 22.53 -13.22 -1.54
CA LEU B 751 23.58 -14.04 -2.09
C LEU B 751 23.08 -15.36 -2.59
N THR B 752 21.91 -15.82 -2.12
CA THR B 752 21.22 -16.94 -2.76
C THR B 752 20.69 -16.49 -4.12
N ALA B 753 20.05 -15.32 -4.18
CA ALA B 753 19.51 -14.83 -5.44
C ALA B 753 20.63 -14.54 -6.50
N TYR B 754 21.78 -13.97 -6.05
CA TYR B 754 23.00 -13.90 -6.90
C TYR B 754 23.38 -15.28 -7.38
N ARG B 755 23.62 -16.21 -6.49
CA ARG B 755 23.93 -17.57 -6.96
C ARG B 755 22.97 -18.21 -7.96
N LYS B 756 21.67 -17.95 -7.83
CA LYS B 756 20.67 -18.62 -8.68
C LYS B 756 20.47 -17.93 -9.98
N GLN B 757 21.10 -16.76 -10.18
CA GLN B 757 21.27 -16.18 -11.52
C GLN B 757 22.46 -16.77 -12.26
N GLY B 758 23.31 -17.52 -11.57
CA GLY B 758 24.38 -18.32 -12.16
C GLY B 758 25.73 -18.00 -11.56
N VAL B 759 25.87 -16.82 -10.97
CA VAL B 759 27.12 -16.33 -10.43
C VAL B 759 27.74 -17.34 -9.50
N PRO B 760 29.01 -17.68 -9.71
CA PRO B 760 29.59 -18.67 -8.79
C PRO B 760 29.86 -18.05 -7.44
N ALA B 761 30.11 -18.88 -6.45
CA ALA B 761 30.12 -18.38 -5.12
C ALA B 761 31.40 -17.66 -4.89
N SER B 762 32.47 -18.17 -5.52
CA SER B 762 33.84 -17.72 -5.28
C SER B 762 34.20 -16.40 -5.97
N LYS B 763 33.25 -15.86 -6.76
CA LYS B 763 33.26 -14.49 -7.29
C LYS B 763 32.29 -13.57 -6.54
N LEU B 764 31.93 -13.90 -5.27
CA LEU B 764 31.01 -13.10 -4.44
C LEU B 764 31.59 -12.70 -3.08
N VAL B 765 31.39 -11.46 -2.70
CA VAL B 765 31.85 -10.99 -1.41
C VAL B 765 30.71 -10.44 -0.64
N ILE B 766 30.56 -10.88 0.60
CA ILE B 766 29.51 -10.36 1.44
C ILE B 766 29.93 -9.01 2.02
N GLY B 767 28.95 -8.11 2.20
CA GLY B 767 29.17 -6.74 2.71
C GLY B 767 28.70 -6.39 4.12
N GLY B 768 29.53 -5.70 4.89
CA GLY B 768 29.02 -5.11 6.11
C GLY B 768 29.25 -3.64 6.06
N ALA B 769 28.51 -2.96 6.90
CA ALA B 769 28.48 -1.53 7.01
C ALA B 769 28.90 -1.08 8.45
N PHE B 770 29.66 0.01 8.53
CA PHE B 770 30.17 0.49 9.77
C PHE B 770 29.38 1.75 10.21
N TYR B 771 28.12 1.81 9.81
CA TYR B 771 27.18 2.88 10.12
C TYR B 771 25.79 2.33 10.27
N ALA B 772 24.92 3.11 10.89
CA ALA B 772 23.57 2.68 11.25
C ALA B 772 22.57 3.47 10.49
N ARG B 773 21.40 2.90 10.30
CA ARG B 773 20.21 3.63 9.94
C ARG B 773 19.31 3.50 11.13
N GLY B 774 18.17 4.17 11.09
CA GLY B 774 17.21 4.08 12.17
C GLY B 774 15.98 4.92 11.93
N TRP B 775 14.99 4.72 12.80
CA TRP B 775 13.77 5.50 12.76
C TRP B 775 13.52 6.15 14.14
N VAL B 776 12.77 7.25 14.12
CA VAL B 776 12.21 7.89 15.32
C VAL B 776 10.69 7.77 15.28
N ASN B 777 10.05 8.14 16.39
CA ASN B 777 8.59 8.01 16.59
C ASN B 777 8.11 6.56 16.54
N VAL B 778 8.91 5.68 17.16
CA VAL B 778 8.68 4.25 17.19
C VAL B 778 8.04 3.89 18.52
N PRO B 779 6.86 3.25 18.50
CA PRO B 779 6.26 2.52 19.62
C PRO B 779 7.20 1.66 20.45
N ASN B 780 6.81 1.32 21.67
CA ASN B 780 7.62 0.48 22.55
C ASN B 780 7.12 -0.96 22.54
N ILE B 781 7.05 -1.54 21.34
CA ILE B 781 6.56 -2.91 21.16
C ILE B 781 7.70 -3.81 20.64
N ASN B 782 8.01 -4.89 21.35
CA ASN B 782 9.13 -5.79 21.00
C ASN B 782 10.48 -5.08 20.87
N HIS B 783 10.67 -4.06 21.70
CA HIS B 783 11.82 -3.17 21.67
C HIS B 783 11.96 -2.39 20.35
N GLY B 784 10.87 -2.27 19.58
CA GLY B 784 10.83 -1.41 18.37
C GLY B 784 11.03 -2.17 17.08
N LEU B 785 11.00 -3.49 17.20
CA LEU B 785 11.32 -4.39 16.12
C LEU B 785 10.04 -4.60 15.29
N PHE B 786 10.08 -4.20 14.01
CA PHE B 786 8.98 -4.38 13.02
C PHE B 786 7.70 -3.57 13.30
N GLN B 787 7.89 -2.32 13.71
CA GLN B 787 6.83 -1.48 14.24
C GLN B 787 6.53 -0.32 13.32
N GLN B 788 5.26 0.10 13.31
CA GLN B 788 4.88 1.36 12.65
C GLN B 788 5.58 2.58 13.30
N ALA B 789 5.88 3.62 12.51
CA ALA B 789 6.68 4.77 12.93
C ALA B 789 6.29 6.11 12.28
N GLY B 790 6.64 7.21 12.96
CA GLY B 790 6.08 8.53 12.69
C GLY B 790 6.87 9.44 11.76
N ASP B 791 7.14 10.65 12.25
CA ASP B 791 7.72 11.76 11.47
C ASP B 791 9.25 11.85 11.67
N GLN B 792 9.95 12.18 10.60
CA GLN B 792 11.34 11.79 10.40
C GLN B 792 12.32 12.93 10.05
N ALA B 793 11.95 14.20 10.23
CA ALA B 793 12.98 15.27 10.20
C ALA B 793 13.91 15.08 11.40
N LYS B 794 13.39 14.43 12.44
CA LYS B 794 14.18 14.02 13.57
C LYS B 794 14.78 12.59 13.37
N ASN B 795 15.33 12.30 12.20
CA ASN B 795 15.97 11.02 11.94
C ASN B 795 17.47 11.23 12.05
N PRO B 796 18.17 10.29 12.74
CA PRO B 796 19.65 10.51 12.92
C PRO B 796 20.41 10.40 11.60
N GLY B 797 19.85 9.63 10.69
CA GLY B 797 20.35 9.49 9.35
C GLY B 797 21.27 8.29 9.44
N THR B 798 22.55 8.54 9.24
CA THR B 798 23.55 7.51 9.19
C THR B 798 24.63 7.78 10.23
N PRO B 799 24.29 7.62 11.53
CA PRO B 799 25.35 7.72 12.52
C PRO B 799 26.41 6.57 12.35
N THR B 800 27.69 6.93 12.36
CA THR B 800 28.75 5.96 12.15
C THR B 800 28.95 5.14 13.43
N TYR B 801 29.67 4.02 13.40
CA TYR B 801 29.89 3.28 14.65
C TYR B 801 30.53 4.25 15.66
N ASN B 802 31.45 5.11 15.21
CA ASN B 802 32.06 6.12 16.11
C ASN B 802 30.99 6.95 16.85
N ASP B 803 29.97 7.37 16.11
CA ASP B 803 28.92 8.18 16.64
C ASP B 803 28.20 7.36 17.62
N LEU B 804 27.82 6.15 17.25
CA LEU B 804 27.15 5.30 18.21
C LEU B 804 27.91 5.20 19.56
N VAL B 805 29.19 4.87 19.51
CA VAL B 805 30.04 4.84 20.69
C VAL B 805 29.89 6.14 21.56
N LYS B 806 30.04 7.29 20.92
CA LYS B 806 30.08 8.58 21.62
C LYS B 806 28.73 9.21 21.98
N ASP B 807 27.65 8.87 21.28
CA ASP B 807 26.32 9.46 21.48
C ASP B 807 25.18 8.49 21.84
N TYR B 808 25.48 7.18 21.93
CA TYR B 808 24.43 6.17 22.06
C TYR B 808 24.67 5.08 23.12
N PHE B 809 25.86 4.50 23.13
CA PHE B 809 25.99 3.19 23.75
C PHE B 809 25.64 3.19 25.24
N ASP B 810 26.00 4.20 26.01
CA ASP B 810 25.60 4.15 27.44
C ASP B 810 24.67 5.32 27.80
N LYS B 811 23.94 5.76 26.78
CA LYS B 811 23.18 6.99 26.77
C LYS B 811 21.68 6.64 26.68
N GLY B 812 21.30 5.47 27.22
CA GLY B 812 19.88 5.06 27.26
C GLY B 812 19.38 4.19 26.13
N TYR B 813 20.21 4.02 25.11
CA TYR B 813 19.98 3.05 24.07
C TYR B 813 20.51 1.75 24.61
N THR B 814 19.67 0.73 24.60
CA THR B 814 20.11 -0.59 25.05
C THR B 814 20.06 -1.56 23.85
N ARG B 815 21.13 -2.33 23.67
CA ARG B 815 21.27 -3.34 22.61
C ARG B 815 20.54 -4.64 22.88
N TYR B 816 19.80 -5.08 21.86
CA TYR B 816 19.17 -6.38 21.80
C TYR B 816 19.66 -7.10 20.55
N TRP B 817 19.28 -8.39 20.46
CA TRP B 817 19.79 -9.31 19.45
C TRP B 817 18.70 -10.19 18.83
N ASP B 818 18.37 -9.98 17.54
CA ASP B 818 17.47 -10.92 16.81
C ASP B 818 18.22 -12.18 16.43
N ASN B 819 18.03 -13.23 17.23
CA ASN B 819 18.82 -14.45 17.02
C ASN B 819 18.40 -15.15 15.75
N SER B 820 17.17 -14.96 15.27
CA SER B 820 16.80 -15.52 13.92
C SER B 820 17.58 -14.80 12.76
N ALA B 821 17.54 -13.48 12.76
CA ALA B 821 18.28 -12.69 11.85
C ALA B 821 19.81 -12.61 12.08
N LYS B 822 20.31 -12.87 13.27
CA LYS B 822 21.73 -12.50 13.65
C LYS B 822 22.11 -11.02 13.44
N ALA B 823 21.27 -10.17 14.02
CA ALA B 823 21.45 -8.73 13.93
C ALA B 823 21.19 -8.00 15.25
N PRO B 824 22.03 -7.00 15.54
CA PRO B 824 21.82 -6.14 16.66
C PRO B 824 20.94 -4.97 16.27
N TYR B 825 20.26 -4.48 17.28
CA TYR B 825 19.47 -3.33 17.18
C TYR B 825 19.45 -2.65 18.54
N LEU B 826 19.35 -1.32 18.52
CA LEU B 826 19.28 -0.53 19.75
C LEU B 826 17.90 0.04 19.89
N TYR B 827 17.42 0.08 21.12
CA TYR B 827 16.22 0.86 21.41
C TYR B 827 16.37 1.73 22.64
N ASN B 828 15.94 2.97 22.46
CA ASN B 828 15.80 3.97 23.51
C ASN B 828 14.40 4.58 23.39
N PRO B 829 13.48 4.17 24.27
CA PRO B 829 12.12 4.68 24.22
C PRO B 829 12.03 6.17 24.62
N ASP B 830 12.94 6.64 25.47
CA ASP B 830 12.90 8.01 26.03
C ASP B 830 13.45 9.12 25.09
N ALA B 831 13.66 8.85 23.80
CA ALA B 831 14.13 9.85 22.82
C ALA B 831 13.32 9.81 21.52
N ASN B 832 12.38 10.73 21.36
CA ASN B 832 11.69 10.95 20.09
C ASN B 832 10.94 9.69 19.67
N GLY B 833 9.90 9.30 20.41
CA GLY B 833 9.07 8.16 20.01
C GLY B 833 8.85 6.99 20.95
N GLY B 834 9.92 6.25 21.33
CA GLY B 834 11.34 6.55 21.07
C GLY B 834 12.02 6.11 19.76
N THR B 835 13.35 6.07 19.78
CA THR B 835 14.14 5.85 18.55
C THR B 835 14.79 4.45 18.45
N PHE B 836 14.65 3.83 17.26
CA PHE B 836 15.19 2.50 16.94
C PHE B 836 16.41 2.56 15.99
N ILE B 837 17.50 1.87 16.32
CA ILE B 837 18.74 1.88 15.51
C ILE B 837 19.19 0.48 15.01
N THR B 838 19.36 0.35 13.68
CA THR B 838 19.76 -0.93 13.03
C THR B 838 21.21 -0.77 12.54
N TYR B 839 22.05 -1.76 12.80
CA TYR B 839 23.48 -1.65 12.49
C TYR B 839 24.17 -3.01 12.47
N ASP B 840 25.39 -3.03 11.94
CA ASP B 840 26.28 -4.18 12.07
C ASP B 840 27.18 -3.92 13.28
N ASP B 841 27.35 -4.90 14.15
CA ASP B 841 28.34 -4.85 15.22
C ASP B 841 29.33 -6.02 15.07
N GLU B 842 29.99 -6.40 16.16
CA GLU B 842 31.02 -7.45 16.12
C GLU B 842 30.42 -8.84 15.99
N GLU B 843 29.25 -9.10 16.61
CA GLU B 843 28.64 -10.44 16.44
C GLU B 843 28.20 -10.57 15.01
N SER B 844 27.48 -9.58 14.48
CA SER B 844 26.88 -9.75 13.16
C SER B 844 27.97 -9.83 12.11
N LEU B 845 29.02 -9.03 12.20
CA LEU B 845 30.14 -9.17 11.27
C LEU B 845 30.92 -10.52 11.32
N LYS B 846 30.93 -11.12 12.51
CA LYS B 846 31.42 -12.46 12.70
C LYS B 846 30.55 -13.43 11.95
N TYR B 847 29.24 -13.31 12.07
CA TYR B 847 28.35 -14.23 11.39
C TYR B 847 28.45 -14.02 9.86
N LYS B 848 28.72 -12.80 9.42
CA LYS B 848 28.92 -12.52 8.03
C LYS B 848 30.17 -13.18 7.51
N ALA B 849 31.25 -13.07 8.26
CA ALA B 849 32.48 -13.76 7.92
C ALA B 849 32.27 -15.29 7.97
N GLU B 850 31.68 -15.76 9.05
CA GLU B 850 31.36 -17.19 9.21
C GLU B 850 30.47 -17.66 8.05
N TYR B 851 29.50 -16.86 7.61
CA TYR B 851 28.70 -17.18 6.42
C TYR B 851 29.60 -17.36 5.22
N ALA B 852 30.56 -16.44 5.04
CA ALA B 852 31.47 -16.51 3.87
C ALA B 852 32.24 -17.79 3.84
N LYS B 853 32.81 -18.16 4.97
CA LYS B 853 33.57 -19.41 4.99
C LYS B 853 32.67 -20.60 4.71
N ASN B 854 31.49 -20.63 5.31
CA ASN B 854 30.56 -21.76 5.13
C ASN B 854 29.93 -21.88 3.76
N GLN B 855 29.83 -20.78 3.03
CA GLN B 855 29.22 -20.75 1.72
C GLN B 855 30.21 -20.78 0.54
N GLY B 856 31.52 -20.72 0.85
CA GLY B 856 32.59 -20.58 -0.13
C GLY B 856 32.54 -19.33 -0.94
N LEU B 857 32.22 -18.23 -0.32
CA LEU B 857 32.33 -16.94 -1.02
C LEU B 857 33.80 -16.43 -1.03
N ARG B 858 34.13 -15.56 -1.96
CA ARG B 858 35.49 -14.98 -2.02
C ARG B 858 35.96 -14.33 -0.70
N GLY B 859 35.08 -13.74 0.06
CA GLY B 859 35.50 -13.10 1.28
C GLY B 859 34.49 -12.08 1.75
N VAL B 860 34.99 -11.04 2.44
CA VAL B 860 34.15 -10.06 3.07
C VAL B 860 34.65 -8.64 2.72
N MET B 861 33.71 -7.70 2.63
CA MET B 861 33.97 -6.31 2.22
C MET B 861 33.30 -5.39 3.27
N PHE B 862 33.82 -4.21 3.52
CA PHE B 862 33.11 -3.33 4.41
C PHE B 862 33.22 -1.85 4.00
N TRP B 863 32.12 -1.09 4.20
CA TRP B 863 32.05 0.39 4.03
C TRP B 863 31.86 1.06 5.40
N ASP B 864 32.73 1.96 5.87
CA ASP B 864 34.10 2.14 5.42
C ASP B 864 35.04 2.24 6.63
N TYR B 865 36.34 2.21 6.33
CA TYR B 865 37.34 2.14 7.36
C TYR B 865 37.22 3.26 8.38
N SER B 866 36.86 4.45 7.94
CA SER B 866 37.02 5.63 8.74
C SER B 866 35.98 5.66 9.87
N GLN B 867 34.94 4.84 9.74
CA GLN B 867 33.74 4.90 10.61
C GLN B 867 33.82 4.09 11.88
N ASP B 868 34.95 3.43 12.13
CA ASP B 868 35.26 2.77 13.39
C ASP B 868 36.75 2.79 13.76
N ILE B 869 37.09 3.67 14.71
CA ILE B 869 38.48 4.01 15.13
C ILE B 869 38.90 3.18 16.37
N SER B 870 37.97 2.38 16.91
CA SER B 870 38.28 1.34 17.88
C SER B 870 39.06 0.18 17.29
N GLY B 871 38.81 -0.07 16.00
CA GLY B 871 39.39 -1.21 15.28
C GLY B 871 38.69 -2.54 15.56
N LYS B 872 37.58 -2.55 16.31
CA LYS B 872 36.90 -3.79 16.71
C LYS B 872 36.05 -4.49 15.65
N LEU B 873 35.33 -3.70 14.86
CA LEU B 873 34.50 -4.24 13.77
C LEU B 873 35.41 -4.96 12.77
N LEU B 874 36.49 -4.32 12.32
CA LEU B 874 37.41 -5.01 11.42
C LEU B 874 38.02 -6.28 12.08
N GLY B 875 38.46 -6.09 13.32
CA GLY B 875 38.96 -7.18 14.11
C GLY B 875 38.03 -8.39 14.15
N ALA B 876 36.73 -8.16 14.33
CA ALA B 876 35.76 -9.27 14.38
C ALA B 876 35.82 -10.07 13.09
N ILE B 877 35.85 -9.36 11.97
CA ILE B 877 35.86 -9.97 10.65
C ILE B 877 37.13 -10.73 10.47
N PHE B 878 38.25 -10.11 10.85
CA PHE B 878 39.56 -10.76 10.80
C PHE B 878 39.66 -12.03 11.64
N ASN B 879 39.24 -11.94 12.88
CA ASN B 879 39.31 -13.09 13.76
C ASN B 879 38.48 -14.27 13.27
N GLU B 880 37.30 -14.00 12.71
CA GLU B 880 36.53 -15.08 12.13
C GLU B 880 37.07 -15.51 10.81
N LEU B 881 37.56 -14.63 9.95
CA LEU B 881 37.84 -15.00 8.54
C LEU B 881 39.27 -15.53 8.29
N LYS B 882 40.22 -15.05 9.09
CA LYS B 882 41.66 -15.31 8.97
C LYS B 882 42.20 -15.90 10.30
N ALA B 883 41.43 -16.84 10.87
CA ALA B 883 41.63 -17.48 12.19
C ALA B 883 40.39 -18.32 12.56
#